data_1ECN
# 
_entry.id   1ECN 
# 
_audit_conform.dict_name       mmcif_pdbx.dic 
_audit_conform.dict_version    5.385 
_audit_conform.dict_location   http://mmcif.pdb.org/dictionaries/ascii/mmcif_pdbx.dic 
# 
loop_
_database_2.database_id 
_database_2.database_code 
_database_2.pdbx_database_accession 
_database_2.pdbx_DOI 
PDB   1ECN         pdb_00001ecn 10.2210/pdb1ecn/pdb 
WWPDB D_1000173012 ?            ?                   
# 
loop_
_pdbx_audit_revision_history.ordinal 
_pdbx_audit_revision_history.data_content_type 
_pdbx_audit_revision_history.major_revision 
_pdbx_audit_revision_history.minor_revision 
_pdbx_audit_revision_history.revision_date 
1 'Structure model' 1 0 1979-07-05 
2 'Structure model' 1 1 2008-03-24 
3 'Structure model' 1 2 2011-07-13 
4 'Structure model' 1 3 2024-02-07 
# 
_pdbx_audit_revision_details.ordinal             1 
_pdbx_audit_revision_details.revision_ordinal    1 
_pdbx_audit_revision_details.data_content_type   'Structure model' 
_pdbx_audit_revision_details.provider            repository 
_pdbx_audit_revision_details.type                'Initial release' 
_pdbx_audit_revision_details.description         ? 
_pdbx_audit_revision_details.details             ? 
# 
loop_
_pdbx_audit_revision_group.ordinal 
_pdbx_audit_revision_group.revision_ordinal 
_pdbx_audit_revision_group.data_content_type 
_pdbx_audit_revision_group.group 
1 2 'Structure model' 'Version format compliance' 
2 3 'Structure model' 'Version format compliance' 
3 4 'Structure model' 'Data collection'           
4 4 'Structure model' 'Database references'       
5 4 'Structure model' 'Derived calculations'      
6 4 'Structure model' Other                       
# 
loop_
_pdbx_audit_revision_category.ordinal 
_pdbx_audit_revision_category.revision_ordinal 
_pdbx_audit_revision_category.data_content_type 
_pdbx_audit_revision_category.category 
1 4 'Structure model' chem_comp_atom         
2 4 'Structure model' chem_comp_bond         
3 4 'Structure model' database_2             
4 4 'Structure model' pdbx_database_status   
5 4 'Structure model' pdbx_struct_conn_angle 
6 4 'Structure model' struct_conn            
7 4 'Structure model' struct_site            
# 
loop_
_pdbx_audit_revision_item.ordinal 
_pdbx_audit_revision_item.revision_ordinal 
_pdbx_audit_revision_item.data_content_type 
_pdbx_audit_revision_item.item 
1  4 'Structure model' '_database_2.pdbx_DOI'                        
2  4 'Structure model' '_database_2.pdbx_database_accession'         
3  4 'Structure model' '_pdbx_database_status.process_site'          
4  4 'Structure model' '_pdbx_struct_conn_angle.ptnr1_auth_comp_id'  
5  4 'Structure model' '_pdbx_struct_conn_angle.ptnr1_auth_seq_id'   
6  4 'Structure model' '_pdbx_struct_conn_angle.ptnr1_label_asym_id' 
7  4 'Structure model' '_pdbx_struct_conn_angle.ptnr1_label_atom_id' 
8  4 'Structure model' '_pdbx_struct_conn_angle.ptnr1_label_comp_id' 
9  4 'Structure model' '_pdbx_struct_conn_angle.ptnr1_label_seq_id'  
10 4 'Structure model' '_pdbx_struct_conn_angle.ptnr3_auth_comp_id'  
11 4 'Structure model' '_pdbx_struct_conn_angle.ptnr3_auth_seq_id'   
12 4 'Structure model' '_pdbx_struct_conn_angle.ptnr3_label_asym_id' 
13 4 'Structure model' '_pdbx_struct_conn_angle.ptnr3_label_atom_id' 
14 4 'Structure model' '_pdbx_struct_conn_angle.ptnr3_label_comp_id' 
15 4 'Structure model' '_pdbx_struct_conn_angle.ptnr3_label_seq_id'  
16 4 'Structure model' '_pdbx_struct_conn_angle.value'               
17 4 'Structure model' '_struct_conn.pdbx_dist_value'                
18 4 'Structure model' '_struct_conn.ptnr1_auth_comp_id'             
19 4 'Structure model' '_struct_conn.ptnr1_auth_seq_id'              
20 4 'Structure model' '_struct_conn.ptnr1_label_asym_id'            
21 4 'Structure model' '_struct_conn.ptnr1_label_atom_id'            
22 4 'Structure model' '_struct_conn.ptnr1_label_comp_id'            
23 4 'Structure model' '_struct_conn.ptnr1_label_seq_id'             
24 4 'Structure model' '_struct_conn.ptnr2_auth_comp_id'             
25 4 'Structure model' '_struct_conn.ptnr2_auth_seq_id'              
26 4 'Structure model' '_struct_conn.ptnr2_label_asym_id'            
27 4 'Structure model' '_struct_conn.ptnr2_label_atom_id'            
28 4 'Structure model' '_struct_conn.ptnr2_label_comp_id'            
29 4 'Structure model' '_struct_conn.ptnr2_label_seq_id'             
30 4 'Structure model' '_struct_site.pdbx_auth_asym_id'              
31 4 'Structure model' '_struct_site.pdbx_auth_comp_id'              
32 4 'Structure model' '_struct_site.pdbx_auth_seq_id'               
# 
_pdbx_database_status.status_code                     REL 
_pdbx_database_status.entry_id                        1ECN 
_pdbx_database_status.recvd_initial_deposition_date   1979-03-07 
_pdbx_database_status.deposit_site                    ? 
_pdbx_database_status.process_site                    BNL 
_pdbx_database_status.SG_entry                        . 
_pdbx_database_status.pdb_format_compatible           Y 
_pdbx_database_status.status_code_mr                  ? 
_pdbx_database_status.status_code_sf                  ? 
_pdbx_database_status.status_code_cs                  ? 
_pdbx_database_status.status_code_nmr_data            ? 
_pdbx_database_status.methods_development_category    ? 
# 
loop_
_audit_author.name 
_audit_author.pdbx_ordinal 
'Steigemann, W.' 1 
'Weber, E.'      2 
# 
loop_
_citation.id 
_citation.title 
_citation.journal_abbrev 
_citation.journal_volume 
_citation.page_first 
_citation.page_last 
_citation.year 
_citation.journal_id_ASTM 
_citation.country 
_citation.journal_id_ISSN 
_citation.journal_id_CSD 
_citation.book_publisher 
_citation.pdbx_database_id_PubMed 
_citation.pdbx_database_id_DOI 
primary 'Structure of erythrocruorin in different ligand states refined at 1.4 A resolution.'                            
J.Mol.Biol.    127 309 338 1979 JMOBAK UK 0022-2836 0070 ? 430568 '10.1016/0022-2836(79)90332-2' 
1       'The Structure of Oxy-Erythrocruorin at 1.4 Angstroms Resolution'                                                
J.Mol.Biol.    120 327 ?   1978 JMOBAK UK 0022-2836 0070 ? ?      ?                              
2       'The Atomic Structure of Erythrocruorin in the Light of the Chemical Sequence and its Comparison with Myoglobin' 
Eur.J.Biochem. 19  42  ?   1971 EJBCAI IX 0014-2956 0262 ? ?      ?                              
3       'Structures of Deoxy-and Carbomonoxy-Erythrocruorin'                                                             
J.Mol.Biol.    52  349 ?   1970 JMOBAK UK 0022-2836 0070 ? ?      ?                              
# 
loop_
_citation_author.citation_id 
_citation_author.name 
_citation_author.ordinal 
_citation_author.identifier_ORCID 
primary 'Steigemann, W.' 1  ? 
primary 'Weber, E.'      2  ? 
1       'Weber, E.'      3  ? 
1       'Steigemann, W.' 4  ? 
1       'Jones, T.A.'    5  ? 
1       'Huber, R.'      6  ? 
2       'Huber, R.'      7  ? 
2       'Epp, O.'        8  ? 
2       'Steigemann, W.' 9  ? 
2       'Formanek, H.'   10 ? 
3       'Huber, R.'      11 ? 
3       'Epp, O.'        12 ? 
3       'Formanek, H.'   13 ? 
# 
loop_
_entity.id 
_entity.type 
_entity.src_method 
_entity.pdbx_description 
_entity.formula_weight 
_entity.pdbx_number_of_molecules 
_entity.pdbx_ec 
_entity.pdbx_mutation 
_entity.pdbx_fragment 
_entity.details 
1 polymer     man 'ERYTHROCRUORIN (CYANO MET)'      14800.792 1  ? ? ? ? 
2 non-polymer syn 'CYANIDE ION'                     26.017    1  ? ? ? ? 
3 non-polymer syn 'PROTOPORPHYRIN IX CONTAINING FE' 616.487   1  ? ? ? ? 
4 water       nat water                             18.015    95 ? ? ? ? 
# 
_entity_poly.entity_id                      1 
_entity_poly.type                           'polypeptide(L)' 
_entity_poly.nstd_linkage                   no 
_entity_poly.nstd_monomer                   no 
_entity_poly.pdbx_seq_one_letter_code       
;LSADQISTVQASFDKVKGDPVGILYAVFKADPSIMAKFTQFAGKDLESIKGTAPFETHANRIVGFFSKIIGELPNIEADV
NTFVASHKPRGVTHDQLNNFRAGFVSYMKAHTDFAGAEAAWGATLDTFFGMIFSKM
;
_entity_poly.pdbx_seq_one_letter_code_can   
;LSADQISTVQASFDKVKGDPVGILYAVFKADPSIMAKFTQFAGKDLESIKGTAPFETHANRIVGFFSKIIGELPNIEADV
NTFVASHKPRGVTHDQLNNFRAGFVSYMKAHTDFAGAEAAWGATLDTFFGMIFSKM
;
_entity_poly.pdbx_strand_id                 A 
_entity_poly.pdbx_target_identifier         ? 
# 
loop_
_pdbx_entity_nonpoly.entity_id 
_pdbx_entity_nonpoly.name 
_pdbx_entity_nonpoly.comp_id 
2 'CYANIDE ION'                     CYN 
3 'PROTOPORPHYRIN IX CONTAINING FE' HEM 
4 water                             HOH 
# 
loop_
_entity_poly_seq.entity_id 
_entity_poly_seq.num 
_entity_poly_seq.mon_id 
_entity_poly_seq.hetero 
1 1   LEU n 
1 2   SER n 
1 3   ALA n 
1 4   ASP n 
1 5   GLN n 
1 6   ILE n 
1 7   SER n 
1 8   THR n 
1 9   VAL n 
1 10  GLN n 
1 11  ALA n 
1 12  SER n 
1 13  PHE n 
1 14  ASP n 
1 15  LYS n 
1 16  VAL n 
1 17  LYS n 
1 18  GLY n 
1 19  ASP n 
1 20  PRO n 
1 21  VAL n 
1 22  GLY n 
1 23  ILE n 
1 24  LEU n 
1 25  TYR n 
1 26  ALA n 
1 27  VAL n 
1 28  PHE n 
1 29  LYS n 
1 30  ALA n 
1 31  ASP n 
1 32  PRO n 
1 33  SER n 
1 34  ILE n 
1 35  MET n 
1 36  ALA n 
1 37  LYS n 
1 38  PHE n 
1 39  THR n 
1 40  GLN n 
1 41  PHE n 
1 42  ALA n 
1 43  GLY n 
1 44  LYS n 
1 45  ASP n 
1 46  LEU n 
1 47  GLU n 
1 48  SER n 
1 49  ILE n 
1 50  LYS n 
1 51  GLY n 
1 52  THR n 
1 53  ALA n 
1 54  PRO n 
1 55  PHE n 
1 56  GLU n 
1 57  THR n 
1 58  HIS n 
1 59  ALA n 
1 60  ASN n 
1 61  ARG n 
1 62  ILE n 
1 63  VAL n 
1 64  GLY n 
1 65  PHE n 
1 66  PHE n 
1 67  SER n 
1 68  LYS n 
1 69  ILE n 
1 70  ILE n 
1 71  GLY n 
1 72  GLU n 
1 73  LEU n 
1 74  PRO n 
1 75  ASN n 
1 76  ILE n 
1 77  GLU n 
1 78  ALA n 
1 79  ASP n 
1 80  VAL n 
1 81  ASN n 
1 82  THR n 
1 83  PHE n 
1 84  VAL n 
1 85  ALA n 
1 86  SER n 
1 87  HIS n 
1 88  LYS n 
1 89  PRO n 
1 90  ARG n 
1 91  GLY n 
1 92  VAL n 
1 93  THR n 
1 94  HIS n 
1 95  ASP n 
1 96  GLN n 
1 97  LEU n 
1 98  ASN n 
1 99  ASN n 
1 100 PHE n 
1 101 ARG n 
1 102 ALA n 
1 103 GLY n 
1 104 PHE n 
1 105 VAL n 
1 106 SER n 
1 107 TYR n 
1 108 MET n 
1 109 LYS n 
1 110 ALA n 
1 111 HIS n 
1 112 THR n 
1 113 ASP n 
1 114 PHE n 
1 115 ALA n 
1 116 GLY n 
1 117 ALA n 
1 118 GLU n 
1 119 ALA n 
1 120 ALA n 
1 121 TRP n 
1 122 GLY n 
1 123 ALA n 
1 124 THR n 
1 125 LEU n 
1 126 ASP n 
1 127 THR n 
1 128 PHE n 
1 129 PHE n 
1 130 GLY n 
1 131 MET n 
1 132 ILE n 
1 133 PHE n 
1 134 SER n 
1 135 LYS n 
1 136 MET n 
# 
_entity_src_gen.entity_id                          1 
_entity_src_gen.pdbx_src_id                        1 
_entity_src_gen.pdbx_alt_source_flag               sample 
_entity_src_gen.pdbx_seq_type                      ? 
_entity_src_gen.pdbx_beg_seq_num                   ? 
_entity_src_gen.pdbx_end_seq_num                   ? 
_entity_src_gen.gene_src_common_name               ? 
_entity_src_gen.gene_src_genus                     Chironomus 
_entity_src_gen.pdbx_gene_src_gene                 ? 
_entity_src_gen.gene_src_species                   'Chironomus thummi' 
_entity_src_gen.gene_src_strain                    thummi 
_entity_src_gen.gene_src_tissue                    ? 
_entity_src_gen.gene_src_tissue_fraction           ? 
_entity_src_gen.gene_src_details                   ? 
_entity_src_gen.pdbx_gene_src_fragment             ? 
_entity_src_gen.pdbx_gene_src_scientific_name      'Chironomus thummi thummi' 
_entity_src_gen.pdbx_gene_src_ncbi_taxonomy_id     7155 
_entity_src_gen.pdbx_gene_src_variant              ? 
_entity_src_gen.pdbx_gene_src_cell_line            ? 
_entity_src_gen.pdbx_gene_src_atcc                 ? 
_entity_src_gen.pdbx_gene_src_organ                ? 
_entity_src_gen.pdbx_gene_src_organelle            ? 
_entity_src_gen.pdbx_gene_src_cell                 ? 
_entity_src_gen.pdbx_gene_src_cellular_location    ? 
_entity_src_gen.host_org_common_name               ? 
_entity_src_gen.pdbx_host_org_scientific_name      ? 
_entity_src_gen.pdbx_host_org_ncbi_taxonomy_id     ? 
_entity_src_gen.host_org_genus                     ? 
_entity_src_gen.pdbx_host_org_gene                 ? 
_entity_src_gen.pdbx_host_org_organ                ? 
_entity_src_gen.host_org_species                   ? 
_entity_src_gen.pdbx_host_org_tissue               ? 
_entity_src_gen.pdbx_host_org_tissue_fraction      ? 
_entity_src_gen.pdbx_host_org_strain               ? 
_entity_src_gen.pdbx_host_org_variant              ? 
_entity_src_gen.pdbx_host_org_cell_line            ? 
_entity_src_gen.pdbx_host_org_atcc                 ? 
_entity_src_gen.pdbx_host_org_culture_collection   ? 
_entity_src_gen.pdbx_host_org_cell                 ? 
_entity_src_gen.pdbx_host_org_organelle            ? 
_entity_src_gen.pdbx_host_org_cellular_location    ? 
_entity_src_gen.pdbx_host_org_vector_type          ? 
_entity_src_gen.pdbx_host_org_vector               ? 
_entity_src_gen.host_org_details                   ? 
_entity_src_gen.expression_system_id               ? 
_entity_src_gen.plasmid_name                       ? 
_entity_src_gen.plasmid_details                    ? 
_entity_src_gen.pdbx_description                   ? 
# 
loop_
_chem_comp.id 
_chem_comp.type 
_chem_comp.mon_nstd_flag 
_chem_comp.name 
_chem_comp.pdbx_synonyms 
_chem_comp.formula 
_chem_comp.formula_weight 
ALA 'L-peptide linking' y ALANINE                           ?    'C3 H7 N O2'       89.093  
ARG 'L-peptide linking' y ARGININE                          ?    'C6 H15 N4 O2 1'   175.209 
ASN 'L-peptide linking' y ASPARAGINE                        ?    'C4 H8 N2 O3'      132.118 
ASP 'L-peptide linking' y 'ASPARTIC ACID'                   ?    'C4 H7 N O4'       133.103 
CYN non-polymer         . 'CYANIDE ION'                     ?    'C N -1'           26.017  
GLN 'L-peptide linking' y GLUTAMINE                         ?    'C5 H10 N2 O3'     146.144 
GLU 'L-peptide linking' y 'GLUTAMIC ACID'                   ?    'C5 H9 N O4'       147.129 
GLY 'peptide linking'   y GLYCINE                           ?    'C2 H5 N O2'       75.067  
HEM non-polymer         . 'PROTOPORPHYRIN IX CONTAINING FE' HEME 'C34 H32 Fe N4 O4' 616.487 
HIS 'L-peptide linking' y HISTIDINE                         ?    'C6 H10 N3 O2 1'   156.162 
HOH non-polymer         . WATER                             ?    'H2 O'             18.015  
ILE 'L-peptide linking' y ISOLEUCINE                        ?    'C6 H13 N O2'      131.173 
LEU 'L-peptide linking' y LEUCINE                           ?    'C6 H13 N O2'      131.173 
LYS 'L-peptide linking' y LYSINE                            ?    'C6 H15 N2 O2 1'   147.195 
MET 'L-peptide linking' y METHIONINE                        ?    'C5 H11 N O2 S'    149.211 
PHE 'L-peptide linking' y PHENYLALANINE                     ?    'C9 H11 N O2'      165.189 
PRO 'L-peptide linking' y PROLINE                           ?    'C5 H9 N O2'       115.130 
SER 'L-peptide linking' y SERINE                            ?    'C3 H7 N O3'       105.093 
THR 'L-peptide linking' y THREONINE                         ?    'C4 H9 N O3'       119.119 
TRP 'L-peptide linking' y TRYPTOPHAN                        ?    'C11 H12 N2 O2'    204.225 
TYR 'L-peptide linking' y TYROSINE                          ?    'C9 H11 N O3'      181.189 
VAL 'L-peptide linking' y VALINE                            ?    'C5 H11 N O2'      117.146 
# 
loop_
_pdbx_poly_seq_scheme.asym_id 
_pdbx_poly_seq_scheme.entity_id 
_pdbx_poly_seq_scheme.seq_id 
_pdbx_poly_seq_scheme.mon_id 
_pdbx_poly_seq_scheme.ndb_seq_num 
_pdbx_poly_seq_scheme.pdb_seq_num 
_pdbx_poly_seq_scheme.auth_seq_num 
_pdbx_poly_seq_scheme.pdb_mon_id 
_pdbx_poly_seq_scheme.auth_mon_id 
_pdbx_poly_seq_scheme.pdb_strand_id 
_pdbx_poly_seq_scheme.pdb_ins_code 
_pdbx_poly_seq_scheme.hetero 
A 1 1   LEU 1   1   1   LEU LEU A . n 
A 1 2   SER 2   2   2   SER SER A . n 
A 1 3   ALA 3   3   3   ALA ALA A . n 
A 1 4   ASP 4   4   4   ASP ASP A . n 
A 1 5   GLN 5   5   5   GLN GLN A . n 
A 1 6   ILE 6   6   6   ILE ILE A . n 
A 1 7   SER 7   7   7   SER SER A . n 
A 1 8   THR 8   8   8   THR THR A . n 
A 1 9   VAL 9   9   9   VAL VAL A . n 
A 1 10  GLN 10  10  10  GLN GLN A . n 
A 1 11  ALA 11  11  11  ALA ALA A . n 
A 1 12  SER 12  12  12  SER SER A . n 
A 1 13  PHE 13  13  13  PHE PHE A . n 
A 1 14  ASP 14  14  14  ASP ASP A . n 
A 1 15  LYS 15  15  15  LYS LYS A . n 
A 1 16  VAL 16  16  16  VAL VAL A . n 
A 1 17  LYS 17  17  17  LYS LYS A . n 
A 1 18  GLY 18  18  18  GLY GLY A . n 
A 1 19  ASP 19  19  19  ASP ASP A . n 
A 1 20  PRO 20  20  20  PRO PRO A . n 
A 1 21  VAL 21  21  21  VAL VAL A . n 
A 1 22  GLY 22  22  22  GLY GLY A . n 
A 1 23  ILE 23  23  23  ILE ILE A . n 
A 1 24  LEU 24  24  24  LEU LEU A . n 
A 1 25  TYR 25  25  25  TYR TYR A . n 
A 1 26  ALA 26  26  26  ALA ALA A . n 
A 1 27  VAL 27  27  27  VAL VAL A . n 
A 1 28  PHE 28  28  28  PHE PHE A . n 
A 1 29  LYS 29  29  29  LYS LYS A . n 
A 1 30  ALA 30  30  30  ALA ALA A . n 
A 1 31  ASP 31  31  31  ASP ASP A . n 
A 1 32  PRO 32  32  32  PRO PRO A . n 
A 1 33  SER 33  33  33  SER SER A . n 
A 1 34  ILE 34  34  34  ILE ILE A . n 
A 1 35  MET 35  35  35  MET MET A . n 
A 1 36  ALA 36  36  36  ALA ALA A . n 
A 1 37  LYS 37  37  37  LYS LYS A . n 
A 1 38  PHE 38  38  38  PHE PHE A . n 
A 1 39  THR 39  39  39  THR THR A . n 
A 1 40  GLN 40  40  40  GLN GLN A . n 
A 1 41  PHE 41  41  41  PHE PHE A . n 
A 1 42  ALA 42  42  42  ALA ALA A . n 
A 1 43  GLY 43  43  43  GLY GLY A . n 
A 1 44  LYS 44  44  44  LYS LYS A . n 
A 1 45  ASP 45  45  45  ASP ASP A . n 
A 1 46  LEU 46  46  46  LEU LEU A . n 
A 1 47  GLU 47  47  47  GLU GLU A . n 
A 1 48  SER 48  48  48  SER SER A . n 
A 1 49  ILE 49  49  49  ILE ILE A . n 
A 1 50  LYS 50  50  50  LYS LYS A . n 
A 1 51  GLY 51  51  51  GLY GLY A . n 
A 1 52  THR 52  52  52  THR THR A . n 
A 1 53  ALA 53  53  53  ALA ALA A . n 
A 1 54  PRO 54  54  54  PRO PRO A . n 
A 1 55  PHE 55  55  55  PHE PHE A . n 
A 1 56  GLU 56  56  56  GLU GLU A . n 
A 1 57  THR 57  57  57  THR THR A . n 
A 1 58  HIS 58  58  58  HIS HIS A . n 
A 1 59  ALA 59  59  59  ALA ALA A . n 
A 1 60  ASN 60  60  60  ASN ASN A . n 
A 1 61  ARG 61  61  61  ARG ARG A . n 
A 1 62  ILE 62  62  62  ILE ILE A . n 
A 1 63  VAL 63  63  63  VAL VAL A . n 
A 1 64  GLY 64  64  64  GLY GLY A . n 
A 1 65  PHE 65  65  65  PHE PHE A . n 
A 1 66  PHE 66  66  66  PHE PHE A . n 
A 1 67  SER 67  67  67  SER SER A . n 
A 1 68  LYS 68  68  68  LYS LYS A . n 
A 1 69  ILE 69  69  69  ILE ILE A . n 
A 1 70  ILE 70  70  70  ILE ILE A . n 
A 1 71  GLY 71  71  71  GLY GLY A . n 
A 1 72  GLU 72  72  72  GLU GLU A . n 
A 1 73  LEU 73  73  73  LEU LEU A . n 
A 1 74  PRO 74  74  74  PRO PRO A . n 
A 1 75  ASN 75  75  75  ASN ASN A . n 
A 1 76  ILE 76  76  76  ILE ILE A . n 
A 1 77  GLU 77  77  77  GLU GLU A . n 
A 1 78  ALA 78  78  78  ALA ALA A . n 
A 1 79  ASP 79  79  79  ASP ASP A . n 
A 1 80  VAL 80  80  80  VAL VAL A . n 
A 1 81  ASN 81  81  81  ASN ASN A . n 
A 1 82  THR 82  82  82  THR THR A . n 
A 1 83  PHE 83  83  83  PHE PHE A . n 
A 1 84  VAL 84  84  84  VAL VAL A . n 
A 1 85  ALA 85  85  85  ALA ALA A . n 
A 1 86  SER 86  86  86  SER SER A . n 
A 1 87  HIS 87  87  87  HIS HIS A . n 
A 1 88  LYS 88  88  88  LYS LYS A . n 
A 1 89  PRO 89  89  89  PRO PRO A . n 
A 1 90  ARG 90  90  90  ARG ARG A . n 
A 1 91  GLY 91  91  91  GLY GLY A . n 
A 1 92  VAL 92  92  92  VAL VAL A . n 
A 1 93  THR 93  93  93  THR THR A . n 
A 1 94  HIS 94  94  94  HIS HIS A . n 
A 1 95  ASP 95  95  95  ASP ASP A . n 
A 1 96  GLN 96  96  96  GLN GLN A . n 
A 1 97  LEU 97  97  97  LEU LEU A . n 
A 1 98  ASN 98  98  98  ASN ASN A . n 
A 1 99  ASN 99  99  99  ASN ASN A . n 
A 1 100 PHE 100 100 100 PHE PHE A . n 
A 1 101 ARG 101 101 101 ARG ARG A . n 
A 1 102 ALA 102 102 102 ALA ALA A . n 
A 1 103 GLY 103 103 103 GLY GLY A . n 
A 1 104 PHE 104 104 104 PHE PHE A . n 
A 1 105 VAL 105 105 105 VAL VAL A . n 
A 1 106 SER 106 106 106 SER SER A . n 
A 1 107 TYR 107 107 107 TYR TYR A . n 
A 1 108 MET 108 108 108 MET MET A . n 
A 1 109 LYS 109 109 109 LYS LYS A . n 
A 1 110 ALA 110 110 110 ALA ALA A . n 
A 1 111 HIS 111 111 111 HIS HIS A . n 
A 1 112 THR 112 112 112 THR THR A . n 
A 1 113 ASP 113 113 113 ASP ASP A . n 
A 1 114 PHE 114 114 114 PHE PHE A . n 
A 1 115 ALA 115 115 115 ALA ALA A . n 
A 1 116 GLY 116 116 116 GLY GLY A . n 
A 1 117 ALA 117 117 117 ALA ALA A . n 
A 1 118 GLU 118 118 118 GLU GLU A . n 
A 1 119 ALA 119 119 119 ALA ALA A . n 
A 1 120 ALA 120 120 120 ALA ALA A . n 
A 1 121 TRP 121 121 121 TRP TRP A . n 
A 1 122 GLY 122 122 122 GLY GLY A . n 
A 1 123 ALA 123 123 123 ALA ALA A . n 
A 1 124 THR 124 124 124 THR THR A . n 
A 1 125 LEU 125 125 125 LEU LEU A . n 
A 1 126 ASP 126 126 126 ASP ASP A . n 
A 1 127 THR 127 127 127 THR THR A . n 
A 1 128 PHE 128 128 128 PHE PHE A . n 
A 1 129 PHE 129 129 129 PHE PHE A . n 
A 1 130 GLY 130 130 130 GLY GLY A . n 
A 1 131 MET 131 131 131 MET MET A . n 
A 1 132 ILE 132 132 132 ILE ILE A . n 
A 1 133 PHE 133 133 133 PHE PHE A . n 
A 1 134 SER 134 134 134 SER SER A . n 
A 1 135 LYS 135 135 135 LYS LYS A . n 
A 1 136 MET 136 136 136 MET MET A . n 
# 
loop_
_pdbx_nonpoly_scheme.asym_id 
_pdbx_nonpoly_scheme.entity_id 
_pdbx_nonpoly_scheme.mon_id 
_pdbx_nonpoly_scheme.ndb_seq_num 
_pdbx_nonpoly_scheme.pdb_seq_num 
_pdbx_nonpoly_scheme.auth_seq_num 
_pdbx_nonpoly_scheme.pdb_mon_id 
_pdbx_nonpoly_scheme.auth_mon_id 
_pdbx_nonpoly_scheme.pdb_strand_id 
_pdbx_nonpoly_scheme.pdb_ins_code 
B 2 CYN 1  137 1  CYN HEM A . 
C 3 HEM 1  138 1  HEM HEM A . 
D 4 HOH 1  139 2  HOH HOH A . 
D 4 HOH 2  140 3  HOH HOH A . 
D 4 HOH 3  141 4  HOH HOH A . 
D 4 HOH 4  142 5  HOH HOH A . 
D 4 HOH 5  143 6  HOH HOH A . 
D 4 HOH 6  144 7  HOH HOH A . 
D 4 HOH 7  145 8  HOH HOH A . 
D 4 HOH 8  146 9  HOH HOH A . 
D 4 HOH 9  147 10 HOH HOH A . 
D 4 HOH 10 148 11 HOH HOH A . 
D 4 HOH 11 149 12 HOH HOH A . 
D 4 HOH 12 150 13 HOH HOH A . 
D 4 HOH 13 151 14 HOH HOH A . 
D 4 HOH 14 152 15 HOH HOH A . 
D 4 HOH 15 153 16 HOH HOH A . 
D 4 HOH 16 154 17 HOH HOH A . 
D 4 HOH 17 155 18 HOH HOH A . 
D 4 HOH 18 156 19 HOH HOH A . 
D 4 HOH 19 157 20 HOH HOH A . 
D 4 HOH 20 158 21 HOH HOH A . 
D 4 HOH 21 159 22 HOH HOH A . 
D 4 HOH 22 160 23 HOH HOH A . 
D 4 HOH 23 161 24 HOH HOH A . 
D 4 HOH 24 162 25 HOH HOH A . 
D 4 HOH 25 163 26 HOH HOH A . 
D 4 HOH 26 164 27 HOH HOH A . 
D 4 HOH 27 165 28 HOH HOH A . 
D 4 HOH 28 166 29 HOH HOH A . 
D 4 HOH 29 167 30 HOH HOH A . 
D 4 HOH 30 168 31 HOH HOH A . 
D 4 HOH 31 169 32 HOH HOH A . 
D 4 HOH 32 170 33 HOH HOH A . 
D 4 HOH 33 171 34 HOH HOH A . 
D 4 HOH 34 172 35 HOH HOH A . 
D 4 HOH 35 173 36 HOH HOH A . 
D 4 HOH 36 174 37 HOH HOH A . 
D 4 HOH 37 175 38 HOH HOH A . 
D 4 HOH 38 176 39 HOH HOH A . 
D 4 HOH 39 177 40 HOH HOH A . 
D 4 HOH 40 178 41 HOH HOH A . 
D 4 HOH 41 179 42 HOH HOH A . 
D 4 HOH 42 180 43 HOH HOH A . 
D 4 HOH 43 181 44 HOH HOH A . 
D 4 HOH 44 182 45 HOH HOH A . 
D 4 HOH 45 183 46 HOH HOH A . 
D 4 HOH 46 184 47 HOH HOH A . 
D 4 HOH 47 185 48 HOH HOH A . 
D 4 HOH 48 186 49 HOH HOH A . 
D 4 HOH 49 187 50 HOH HOH A . 
D 4 HOH 50 188 51 HOH HOH A . 
D 4 HOH 51 189 52 HOH HOH A . 
D 4 HOH 52 190 53 HOH HOH A . 
D 4 HOH 53 191 54 HOH HOH A . 
D 4 HOH 54 192 55 HOH HOH A . 
D 4 HOH 55 193 56 HOH HOH A . 
D 4 HOH 56 194 57 HOH HOH A . 
D 4 HOH 57 195 58 HOH HOH A . 
D 4 HOH 58 196 59 HOH HOH A . 
D 4 HOH 59 197 60 HOH HOH A . 
D 4 HOH 60 198 61 HOH HOH A . 
D 4 HOH 61 199 62 HOH HOH A . 
D 4 HOH 62 200 63 HOH HOH A . 
D 4 HOH 63 201 64 HOH HOH A . 
D 4 HOH 64 202 65 HOH HOH A . 
D 4 HOH 65 203 66 HOH HOH A . 
D 4 HOH 66 204 67 HOH HOH A . 
D 4 HOH 67 205 68 HOH HOH A . 
D 4 HOH 68 206 69 HOH HOH A . 
D 4 HOH 69 207 70 HOH HOH A . 
D 4 HOH 70 208 71 HOH HOH A . 
D 4 HOH 71 209 72 HOH HOH A . 
D 4 HOH 72 210 73 HOH HOH A . 
D 4 HOH 73 211 74 HOH HOH A . 
D 4 HOH 74 212 75 HOH HOH A . 
D 4 HOH 75 213 76 HOH HOH A . 
D 4 HOH 76 214 77 HOH HOH A . 
D 4 HOH 77 215 78 HOH HOH A . 
D 4 HOH 78 216 79 HOH HOH A . 
D 4 HOH 79 217 80 HOH HOH A . 
D 4 HOH 80 218 81 HOH HOH A . 
D 4 HOH 81 219 82 HOH HOH A . 
D 4 HOH 82 220 83 HOH HOH A . 
D 4 HOH 83 221 84 HOH HOH A . 
D 4 HOH 84 222 85 HOH HOH A . 
D 4 HOH 85 223 86 HOH HOH A . 
D 4 HOH 86 224 87 HOH HOH A . 
D 4 HOH 87 225 88 HOH HOH A . 
D 4 HOH 88 226 89 HOH HOH A . 
D 4 HOH 89 227 90 HOH HOH A . 
D 4 HOH 90 228 91 HOH HOH A . 
D 4 HOH 91 229 92 HOH HOH A . 
D 4 HOH 92 230 93 HOH HOH A . 
D 4 HOH 93 231 94 HOH HOH A . 
D 4 HOH 94 232 95 HOH HOH A . 
D 4 HOH 95 233 96 HOH HOH A . 
# 
loop_
_pdbx_unobs_or_zero_occ_atoms.id 
_pdbx_unobs_or_zero_occ_atoms.PDB_model_num 
_pdbx_unobs_or_zero_occ_atoms.polymer_flag 
_pdbx_unobs_or_zero_occ_atoms.occupancy_flag 
_pdbx_unobs_or_zero_occ_atoms.auth_asym_id 
_pdbx_unobs_or_zero_occ_atoms.auth_comp_id 
_pdbx_unobs_or_zero_occ_atoms.auth_seq_id 
_pdbx_unobs_or_zero_occ_atoms.PDB_ins_code 
_pdbx_unobs_or_zero_occ_atoms.auth_atom_id 
_pdbx_unobs_or_zero_occ_atoms.label_alt_id 
_pdbx_unobs_or_zero_occ_atoms.label_asym_id 
_pdbx_unobs_or_zero_occ_atoms.label_comp_id 
_pdbx_unobs_or_zero_occ_atoms.label_seq_id 
_pdbx_unobs_or_zero_occ_atoms.label_atom_id 
1  1 Y 0 A LYS 15  ? CD  ? A LYS 15  CD  
2  1 Y 0 A LYS 15  ? CE  ? A LYS 15  CE  
3  1 Y 0 A LYS 15  ? NZ  ? A LYS 15  NZ  
4  1 Y 0 A LYS 29  ? CE  ? A LYS 29  CE  
5  1 Y 0 A LYS 29  ? NZ  ? A LYS 29  NZ  
6  1 Y 0 A LYS 37  ? CE  ? A LYS 37  CE  
7  1 Y 0 A LYS 37  ? NZ  ? A LYS 37  NZ  
8  1 Y 0 A GLN 40  ? CG  ? A GLN 40  CG  
9  1 Y 0 A GLN 40  ? CD  ? A GLN 40  CD  
10 1 Y 0 A GLN 40  ? OE1 ? A GLN 40  OE1 
11 1 Y 0 A GLN 40  ? NE2 ? A GLN 40  NE2 
12 1 Y 0 A LYS 44  ? CE  ? A LYS 44  CE  
13 1 Y 0 A LYS 44  ? NZ  ? A LYS 44  NZ  
14 1 Y 0 A LYS 50  ? NZ  ? A LYS 50  NZ  
15 1 Y 0 A GLU 77  ? OE1 ? A GLU 77  OE1 
16 1 Y 0 A LYS 88  ? CE  ? A LYS 88  CE  
17 1 Y 0 A LYS 88  ? NZ  ? A LYS 88  NZ  
18 1 Y 0 A ASP 95  ? OD1 ? A ASP 95  OD1 
19 1 Y 0 A LYS 109 ? CE  ? A LYS 109 CE  
20 1 Y 0 A LYS 109 ? NZ  ? A LYS 109 NZ  
21 1 Y 1 A ALA 115 ? CB  ? A ALA 115 CB  
22 1 N 0 A HEM 138 ? CBC ? C HEM ?   CBC 
# 
_cell.entry_id           1ECN 
_cell.length_a           54.300 
_cell.length_b           54.300 
_cell.length_c           35.600 
_cell.angle_alpha        90.00 
_cell.angle_beta         90.00 
_cell.angle_gamma        120.00 
_cell.Z_PDB              3 
_cell.pdbx_unique_axis   ? 
# 
_symmetry.entry_id                         1ECN 
_symmetry.space_group_name_H-M             'P 32' 
_symmetry.pdbx_full_space_group_name_H-M   ? 
_symmetry.cell_setting                     ? 
_symmetry.Int_Tables_number                145 
# 
_exptl.entry_id          1ECN 
_exptl.method            'X-RAY DIFFRACTION' 
_exptl.crystals_number   ? 
# 
_exptl_crystal.id                    1 
_exptl_crystal.density_meas          ? 
_exptl_crystal.density_Matthews      2.05 
_exptl_crystal.density_percent_sol   39.90 
_exptl_crystal.description           ? 
# 
_diffrn.id                     1 
_diffrn.crystal_id             1 
_diffrn.ambient_temp           ? 
_diffrn.ambient_temp_details   ? 
# 
_diffrn_radiation.diffrn_id                        1 
_diffrn_radiation.wavelength_id                    1 
_diffrn_radiation.pdbx_monochromatic_or_laue_m_l   ? 
_diffrn_radiation.monochromator                    ? 
_diffrn_radiation.pdbx_diffrn_protocol             ? 
_diffrn_radiation.pdbx_scattering_type             x-ray 
# 
_diffrn_radiation_wavelength.id           1 
_diffrn_radiation_wavelength.wavelength   . 
_diffrn_radiation_wavelength.wt           1.0 
# 
_refine.entry_id                                 1ECN 
_refine.ls_number_reflns_obs                     ? 
_refine.ls_number_reflns_all                     ? 
_refine.pdbx_ls_sigma_I                          ? 
_refine.pdbx_ls_sigma_F                          ? 
_refine.pdbx_data_cutoff_high_absF               ? 
_refine.pdbx_data_cutoff_low_absF                ? 
_refine.pdbx_data_cutoff_high_rms_absF           ? 
_refine.ls_d_res_low                             ? 
_refine.ls_d_res_high                            1.4 
_refine.ls_percent_reflns_obs                    ? 
_refine.ls_R_factor_obs                          ? 
_refine.ls_R_factor_all                          ? 
_refine.ls_R_factor_R_work                       ? 
_refine.ls_R_factor_R_free                       ? 
_refine.ls_R_factor_R_free_error                 ? 
_refine.ls_R_factor_R_free_error_details         ? 
_refine.ls_percent_reflns_R_free                 ? 
_refine.ls_number_reflns_R_free                  ? 
_refine.ls_number_parameters                     ? 
_refine.ls_number_restraints                     ? 
_refine.occupancy_min                            ? 
_refine.occupancy_max                            ? 
_refine.B_iso_mean                               ? 
_refine.aniso_B[1][1]                            ? 
_refine.aniso_B[2][2]                            ? 
_refine.aniso_B[3][3]                            ? 
_refine.aniso_B[1][2]                            ? 
_refine.aniso_B[1][3]                            ? 
_refine.aniso_B[2][3]                            ? 
_refine.solvent_model_details                    ? 
_refine.solvent_model_param_ksol                 ? 
_refine.solvent_model_param_bsol                 ? 
_refine.pdbx_ls_cross_valid_method               ? 
_refine.details                                  ? 
_refine.pdbx_starting_model                      ? 
_refine.pdbx_method_to_determine_struct          ? 
_refine.pdbx_isotropic_thermal_model             ? 
_refine.pdbx_stereochemistry_target_values       ? 
_refine.pdbx_stereochem_target_val_spec_case     ? 
_refine.pdbx_R_Free_selection_details            ? 
_refine.pdbx_overall_ESU_R                       ? 
_refine.pdbx_overall_ESU_R_Free                  ? 
_refine.overall_SU_ML                            ? 
_refine.overall_SU_B                             ? 
_refine.pdbx_refine_id                           'X-RAY DIFFRACTION' 
_refine.pdbx_diffrn_id                           1 
_refine.pdbx_TLS_residual_ADP_flag               ? 
_refine.correlation_coeff_Fo_to_Fc               ? 
_refine.correlation_coeff_Fo_to_Fc_free          ? 
_refine.pdbx_solvent_vdw_probe_radii             ? 
_refine.pdbx_solvent_ion_probe_radii             ? 
_refine.pdbx_solvent_shrinkage_radii             ? 
_refine.pdbx_overall_phase_error                 ? 
_refine.overall_SU_R_Cruickshank_DPI             ? 
_refine.pdbx_overall_SU_R_free_Cruickshank_DPI   ? 
_refine.pdbx_overall_SU_R_Blow_DPI               ? 
_refine.pdbx_overall_SU_R_free_Blow_DPI          ? 
# 
_refine_hist.pdbx_refine_id                   'X-RAY DIFFRACTION' 
_refine_hist.cycle_id                         LAST 
_refine_hist.pdbx_number_atoms_protein        1056 
_refine_hist.pdbx_number_atoms_nucleic_acid   0 
_refine_hist.pdbx_number_atoms_ligand         45 
_refine_hist.number_atoms_solvent             95 
_refine_hist.number_atoms_total               1196 
_refine_hist.d_res_high                       1.4 
_refine_hist.d_res_low                        . 
# 
_struct.entry_id                  1ECN 
_struct.title                     'STRUCTURE OF ERYTHROCRUORIN IN DIFFERENT LIGAND STATES REFINED AT 1.4 ANGSTROMS RESOLUTION' 
_struct.pdbx_model_details        ? 
_struct.pdbx_CASP_flag            ? 
_struct.pdbx_model_type_details   ? 
# 
_struct_keywords.entry_id        1ECN 
_struct_keywords.pdbx_keywords   'OXYGEN TRANSPORT' 
_struct_keywords.text            'OXYGEN TRANSPORT' 
# 
loop_
_struct_asym.id 
_struct_asym.pdbx_blank_PDB_chainid_flag 
_struct_asym.pdbx_modified 
_struct_asym.entity_id 
_struct_asym.details 
A N N 1 ? 
B N N 2 ? 
C N N 3 ? 
D N N 4 ? 
# 
_struct_ref.id                         1 
_struct_ref.db_name                    UNP 
_struct_ref.db_code                    GLB3_CHITH 
_struct_ref.pdbx_db_accession          P02229 
_struct_ref.entity_id                  1 
_struct_ref.pdbx_align_begin           16 
_struct_ref.pdbx_db_isoform            ? 
_struct_ref.pdbx_seq_one_letter_code   ? 
# 
_struct_ref_seq.align_id                      1 
_struct_ref_seq.ref_id                        1 
_struct_ref_seq.pdbx_PDB_id_code              1ECN 
_struct_ref_seq.pdbx_strand_id                A 
_struct_ref_seq.seq_align_beg                 1 
_struct_ref_seq.pdbx_seq_align_beg_ins_code   ? 
_struct_ref_seq.seq_align_end                 136 
_struct_ref_seq.pdbx_seq_align_end_ins_code   ? 
_struct_ref_seq.pdbx_db_accession             P02229 
_struct_ref_seq.db_align_beg                  16 
_struct_ref_seq.pdbx_db_align_beg_ins_code    ? 
_struct_ref_seq.db_align_end                  151 
_struct_ref_seq.pdbx_db_align_end_ins_code    ? 
_struct_ref_seq.pdbx_auth_seq_align_beg       1 
_struct_ref_seq.pdbx_auth_seq_align_end       136 
# 
_pdbx_struct_assembly.id                   1 
_pdbx_struct_assembly.details              author_defined_assembly 
_pdbx_struct_assembly.method_details       ? 
_pdbx_struct_assembly.oligomeric_details   monomeric 
_pdbx_struct_assembly.oligomeric_count     1 
# 
_pdbx_struct_assembly_gen.assembly_id       1 
_pdbx_struct_assembly_gen.oper_expression   1 
_pdbx_struct_assembly_gen.asym_id_list      A,B,C,D 
# 
_pdbx_struct_oper_list.id                   1 
_pdbx_struct_oper_list.type                 'identity operation' 
_pdbx_struct_oper_list.name                 1_555 
_pdbx_struct_oper_list.symmetry_operation   x,y,z 
_pdbx_struct_oper_list.matrix[1][1]         1.0000000000 
_pdbx_struct_oper_list.matrix[1][2]         0.0000000000 
_pdbx_struct_oper_list.matrix[1][3]         0.0000000000 
_pdbx_struct_oper_list.vector[1]            0.0000000000 
_pdbx_struct_oper_list.matrix[2][1]         0.0000000000 
_pdbx_struct_oper_list.matrix[2][2]         1.0000000000 
_pdbx_struct_oper_list.matrix[2][3]         0.0000000000 
_pdbx_struct_oper_list.vector[2]            0.0000000000 
_pdbx_struct_oper_list.matrix[3][1]         0.0000000000 
_pdbx_struct_oper_list.matrix[3][2]         0.0000000000 
_pdbx_struct_oper_list.matrix[3][3]         1.0000000000 
_pdbx_struct_oper_list.vector[3]            0.0000000000 
# 
_struct_biol.id   1 
# 
loop_
_struct_conf.conf_type_id 
_struct_conf.id 
_struct_conf.pdbx_PDB_helix_id 
_struct_conf.beg_label_comp_id 
_struct_conf.beg_label_asym_id 
_struct_conf.beg_label_seq_id 
_struct_conf.pdbx_beg_PDB_ins_code 
_struct_conf.end_label_comp_id 
_struct_conf.end_label_asym_id 
_struct_conf.end_label_seq_id 
_struct_conf.pdbx_end_PDB_ins_code 
_struct_conf.beg_auth_comp_id 
_struct_conf.beg_auth_asym_id 
_struct_conf.beg_auth_seq_id 
_struct_conf.end_auth_comp_id 
_struct_conf.end_auth_asym_id 
_struct_conf.end_auth_seq_id 
_struct_conf.pdbx_PDB_helix_class 
_struct_conf.details 
_struct_conf.pdbx_PDB_helix_length 
HELX_P HELX_P1 A  SER A 2   ? LYS A 17  ? SER A 2   LYS A 17  1 'FROM SER 12 ON DISTORTED TO 5' 16 
HELX_P HELX_P2 B  ASP A 19  ? ASP A 31  ? ASP A 19  ASP A 31  1 ?                               13 
HELX_P HELX_P3 C  ASP A 31  ? PHE A 38  ? ASP A 31  PHE A 38  5 ?                               8  
HELX_P HELX_P4 D  ASP A 45  ? LYS A 50  ? ASP A 45  LYS A 50  1 'DISTORTION TO TYPE 5'          6  
HELX_P HELX_P5 E  THR A 52  ? GLU A 72  ? THR A 52  GLU A 72  1 ?                               21 
HELX_P HELX_P6 F  ILE A 76  ? LYS A 88  ? ILE A 76  LYS A 88  1 'INCLUDES EF-REGION'            13 
HELX_P HELX_P7 FG HIS A 87  ? GLY A 91  ? HIS A 87  GLY A 91  5 ?                               5  
HELX_P HELX_P8 G  THR A 93  ? THR A 112 ? THR A 93  THR A 112 1 ?                               20 
HELX_P HELX_P9 H  ALA A 117 ? PHE A 133 ? ALA A 117 PHE A 133 1 ?                               17 
# 
_struct_conf_type.id          HELX_P 
_struct_conf_type.criteria    ? 
_struct_conf_type.reference   ? 
# 
loop_
_struct_conn.id 
_struct_conn.conn_type_id 
_struct_conn.pdbx_leaving_atom_flag 
_struct_conn.pdbx_PDB_id 
_struct_conn.ptnr1_label_asym_id 
_struct_conn.ptnr1_label_comp_id 
_struct_conn.ptnr1_label_seq_id 
_struct_conn.ptnr1_label_atom_id 
_struct_conn.pdbx_ptnr1_label_alt_id 
_struct_conn.pdbx_ptnr1_PDB_ins_code 
_struct_conn.pdbx_ptnr1_standard_comp_id 
_struct_conn.ptnr1_symmetry 
_struct_conn.ptnr2_label_asym_id 
_struct_conn.ptnr2_label_comp_id 
_struct_conn.ptnr2_label_seq_id 
_struct_conn.ptnr2_label_atom_id 
_struct_conn.pdbx_ptnr2_label_alt_id 
_struct_conn.pdbx_ptnr2_PDB_ins_code 
_struct_conn.ptnr1_auth_asym_id 
_struct_conn.ptnr1_auth_comp_id 
_struct_conn.ptnr1_auth_seq_id 
_struct_conn.ptnr2_auth_asym_id 
_struct_conn.ptnr2_auth_comp_id 
_struct_conn.ptnr2_auth_seq_id 
_struct_conn.ptnr2_symmetry 
_struct_conn.pdbx_ptnr3_label_atom_id 
_struct_conn.pdbx_ptnr3_label_seq_id 
_struct_conn.pdbx_ptnr3_label_comp_id 
_struct_conn.pdbx_ptnr3_label_asym_id 
_struct_conn.pdbx_ptnr3_label_alt_id 
_struct_conn.pdbx_ptnr3_PDB_ins_code 
_struct_conn.details 
_struct_conn.pdbx_dist_value 
_struct_conn.pdbx_value_order 
_struct_conn.pdbx_role 
metalc1 metalc ? ? A HIS 87 NE2 ? ? ? 1_555 C HEM . FE ? ? A HIS 87  A HEM 138 1_555 ? ? ? ? ? ? ? 2.126 ? ? 
metalc2 metalc ? ? B CYN .  C   ? ? ? 1_555 C HEM . FE ? ? A CYN 137 A HEM 138 1_555 ? ? ? ? ? ? ? 2.188 ? ? 
# 
_struct_conn_type.id          metalc 
_struct_conn_type.criteria    ? 
_struct_conn_type.reference   ? 
# 
loop_
_pdbx_struct_conn_angle.id 
_pdbx_struct_conn_angle.ptnr1_label_atom_id 
_pdbx_struct_conn_angle.ptnr1_label_alt_id 
_pdbx_struct_conn_angle.ptnr1_label_asym_id 
_pdbx_struct_conn_angle.ptnr1_label_comp_id 
_pdbx_struct_conn_angle.ptnr1_label_seq_id 
_pdbx_struct_conn_angle.ptnr1_auth_atom_id 
_pdbx_struct_conn_angle.ptnr1_auth_asym_id 
_pdbx_struct_conn_angle.ptnr1_auth_comp_id 
_pdbx_struct_conn_angle.ptnr1_auth_seq_id 
_pdbx_struct_conn_angle.ptnr1_PDB_ins_code 
_pdbx_struct_conn_angle.ptnr1_symmetry 
_pdbx_struct_conn_angle.ptnr2_label_atom_id 
_pdbx_struct_conn_angle.ptnr2_label_alt_id 
_pdbx_struct_conn_angle.ptnr2_label_asym_id 
_pdbx_struct_conn_angle.ptnr2_label_comp_id 
_pdbx_struct_conn_angle.ptnr2_label_seq_id 
_pdbx_struct_conn_angle.ptnr2_auth_atom_id 
_pdbx_struct_conn_angle.ptnr2_auth_asym_id 
_pdbx_struct_conn_angle.ptnr2_auth_comp_id 
_pdbx_struct_conn_angle.ptnr2_auth_seq_id 
_pdbx_struct_conn_angle.ptnr2_PDB_ins_code 
_pdbx_struct_conn_angle.ptnr2_symmetry 
_pdbx_struct_conn_angle.ptnr3_label_atom_id 
_pdbx_struct_conn_angle.ptnr3_label_alt_id 
_pdbx_struct_conn_angle.ptnr3_label_asym_id 
_pdbx_struct_conn_angle.ptnr3_label_comp_id 
_pdbx_struct_conn_angle.ptnr3_label_seq_id 
_pdbx_struct_conn_angle.ptnr3_auth_atom_id 
_pdbx_struct_conn_angle.ptnr3_auth_asym_id 
_pdbx_struct_conn_angle.ptnr3_auth_comp_id 
_pdbx_struct_conn_angle.ptnr3_auth_seq_id 
_pdbx_struct_conn_angle.ptnr3_PDB_ins_code 
_pdbx_struct_conn_angle.ptnr3_symmetry 
_pdbx_struct_conn_angle.value 
_pdbx_struct_conn_angle.value_esd 
1  NE2 ? A HIS 87 ? A HIS 87  ? 1_555 FE ? C HEM . ? A HEM 138 ? 1_555 NA ? C HEM . ? A HEM 138 ? 1_555 96.4  ? 
2  NE2 ? A HIS 87 ? A HIS 87  ? 1_555 FE ? C HEM . ? A HEM 138 ? 1_555 NB ? C HEM . ? A HEM 138 ? 1_555 92.8  ? 
3  NA  ? C HEM .  ? A HEM 138 ? 1_555 FE ? C HEM . ? A HEM 138 ? 1_555 NB ? C HEM . ? A HEM 138 ? 1_555 89.9  ? 
4  NE2 ? A HIS 87 ? A HIS 87  ? 1_555 FE ? C HEM . ? A HEM 138 ? 1_555 NC ? C HEM . ? A HEM 138 ? 1_555 90.9  ? 
5  NA  ? C HEM .  ? A HEM 138 ? 1_555 FE ? C HEM . ? A HEM 138 ? 1_555 NC ? C HEM . ? A HEM 138 ? 1_555 172.7 ? 
6  NB  ? C HEM .  ? A HEM 138 ? 1_555 FE ? C HEM . ? A HEM 138 ? 1_555 NC ? C HEM . ? A HEM 138 ? 1_555 90.1  ? 
7  NE2 ? A HIS 87 ? A HIS 87  ? 1_555 FE ? C HEM . ? A HEM 138 ? 1_555 ND ? C HEM . ? A HEM 138 ? 1_555 93.7  ? 
8  NA  ? C HEM .  ? A HEM 138 ? 1_555 FE ? C HEM . ? A HEM 138 ? 1_555 ND ? C HEM . ? A HEM 138 ? 1_555 89.9  ? 
9  NB  ? C HEM .  ? A HEM 138 ? 1_555 FE ? C HEM . ? A HEM 138 ? 1_555 ND ? C HEM . ? A HEM 138 ? 1_555 173.5 ? 
10 NC  ? C HEM .  ? A HEM 138 ? 1_555 FE ? C HEM . ? A HEM 138 ? 1_555 ND ? C HEM . ? A HEM 138 ? 1_555 89.4  ? 
11 NE2 ? A HIS 87 ? A HIS 87  ? 1_555 FE ? C HEM . ? A HEM 138 ? 1_555 C  ? B CYN . ? A CYN 137 ? 1_555 173.9 ? 
12 NA  ? C HEM .  ? A HEM 138 ? 1_555 FE ? C HEM . ? A HEM 138 ? 1_555 C  ? B CYN . ? A CYN 137 ? 1_555 85.6  ? 
13 NB  ? C HEM .  ? A HEM 138 ? 1_555 FE ? C HEM . ? A HEM 138 ? 1_555 C  ? B CYN . ? A CYN 137 ? 1_555 81.4  ? 
14 NC  ? C HEM .  ? A HEM 138 ? 1_555 FE ? C HEM . ? A HEM 138 ? 1_555 C  ? B CYN . ? A CYN 137 ? 1_555 87.2  ? 
15 ND  ? C HEM .  ? A HEM 138 ? 1_555 FE ? C HEM . ? A HEM 138 ? 1_555 C  ? B CYN . ? A CYN 137 ? 1_555 92.1  ? 
# 
_struct_mon_prot_cis.pdbx_id                1 
_struct_mon_prot_cis.label_comp_id          LEU 
_struct_mon_prot_cis.label_seq_id           73 
_struct_mon_prot_cis.label_asym_id          A 
_struct_mon_prot_cis.label_alt_id           . 
_struct_mon_prot_cis.pdbx_PDB_ins_code      ? 
_struct_mon_prot_cis.auth_comp_id           LEU 
_struct_mon_prot_cis.auth_seq_id            73 
_struct_mon_prot_cis.auth_asym_id           A 
_struct_mon_prot_cis.pdbx_label_comp_id_2   PRO 
_struct_mon_prot_cis.pdbx_label_seq_id_2    74 
_struct_mon_prot_cis.pdbx_label_asym_id_2   A 
_struct_mon_prot_cis.pdbx_PDB_ins_code_2    ? 
_struct_mon_prot_cis.pdbx_auth_comp_id_2    PRO 
_struct_mon_prot_cis.pdbx_auth_seq_id_2     74 
_struct_mon_prot_cis.pdbx_auth_asym_id_2    A 
_struct_mon_prot_cis.pdbx_PDB_model_num     1 
_struct_mon_prot_cis.pdbx_omega_angle       -8.46 
# 
loop_
_struct_site.id 
_struct_site.pdbx_evidence_code 
_struct_site.pdbx_auth_asym_id 
_struct_site.pdbx_auth_comp_id 
_struct_site.pdbx_auth_seq_id 
_struct_site.pdbx_auth_ins_code 
_struct_site.pdbx_num_residues 
_struct_site.details 
AC1 Software A CYN 137 ? 4  'BINDING SITE FOR RESIDUE CYN A 137' 
AC2 Software A HEM 138 ? 19 'BINDING SITE FOR RESIDUE HEM A 138' 
# 
loop_
_struct_site_gen.id 
_struct_site_gen.site_id 
_struct_site_gen.pdbx_num_res 
_struct_site_gen.label_comp_id 
_struct_site_gen.label_asym_id 
_struct_site_gen.label_seq_id 
_struct_site_gen.pdbx_auth_ins_code 
_struct_site_gen.auth_comp_id 
_struct_site_gen.auth_asym_id 
_struct_site_gen.auth_seq_id 
_struct_site_gen.label_atom_id 
_struct_site_gen.label_alt_id 
_struct_site_gen.symmetry 
_struct_site_gen.details 
1  AC1 4  PHE A 38  ? PHE A 38  . ? 1_555 ? 
2  AC1 4  HIS A 58  ? HIS A 58  . ? 1_555 ? 
3  AC1 4  ILE A 62  ? ILE A 62  . ? 1_555 ? 
4  AC1 4  HEM C .   ? HEM A 138 . ? 1_555 ? 
5  AC2 19 ASP A 4   ? ASP A 4   . ? 3_555 ? 
6  AC2 19 SER A 7   ? SER A 7   . ? 3_555 ? 
7  AC2 19 THR A 8   ? THR A 8   . ? 3_555 ? 
8  AC2 19 ILE A 34  ? ILE A 34  . ? 1_555 ? 
9  AC2 19 LYS A 37  ? LYS A 37  . ? 1_555 ? 
10 AC2 19 PHE A 38  ? PHE A 38  . ? 1_555 ? 
11 AC2 19 HIS A 58  ? HIS A 58  . ? 1_555 ? 
12 AC2 19 ARG A 61  ? ARG A 61  . ? 1_555 ? 
13 AC2 19 ILE A 62  ? ILE A 62  . ? 1_555 ? 
14 AC2 19 PHE A 65  ? PHE A 65  . ? 1_555 ? 
15 AC2 19 PHE A 83  ? PHE A 83  . ? 1_555 ? 
16 AC2 19 HIS A 87  ? HIS A 87  . ? 1_555 ? 
17 AC2 19 ARG A 90  ? ARG A 90  . ? 1_555 ? 
18 AC2 19 VAL A 92  ? VAL A 92  . ? 1_555 ? 
19 AC2 19 GLN A 96  ? GLN A 96  . ? 1_555 ? 
20 AC2 19 PHE A 100 ? PHE A 100 . ? 1_555 ? 
21 AC2 19 CYN B .   ? CYN A 137 . ? 1_555 ? 
22 AC2 19 HOH D .   ? HOH A 141 . ? 1_555 ? 
23 AC2 19 HOH D .   ? HOH A 200 . ? 1_555 ? 
# 
loop_
_pdbx_validate_symm_contact.id 
_pdbx_validate_symm_contact.PDB_model_num 
_pdbx_validate_symm_contact.auth_atom_id_1 
_pdbx_validate_symm_contact.auth_asym_id_1 
_pdbx_validate_symm_contact.auth_comp_id_1 
_pdbx_validate_symm_contact.auth_seq_id_1 
_pdbx_validate_symm_contact.PDB_ins_code_1 
_pdbx_validate_symm_contact.label_alt_id_1 
_pdbx_validate_symm_contact.site_symmetry_1 
_pdbx_validate_symm_contact.auth_atom_id_2 
_pdbx_validate_symm_contact.auth_asym_id_2 
_pdbx_validate_symm_contact.auth_comp_id_2 
_pdbx_validate_symm_contact.auth_seq_id_2 
_pdbx_validate_symm_contact.PDB_ins_code_2 
_pdbx_validate_symm_contact.label_alt_id_2 
_pdbx_validate_symm_contact.site_symmetry_2 
_pdbx_validate_symm_contact.dist 
1 1 N  A TYR 25 ? ? 1_555 O A HOH 139 ? ? 1_554 1.24 
2 1 C  A LEU 24 ? ? 1_555 O A HOH 139 ? ? 1_554 1.27 
3 1 O  A LEU 24 ? ? 1_555 O A HOH 139 ? ? 1_554 1.53 
4 1 CA A TYR 25 ? ? 1_555 O A HOH 139 ? ? 1_554 1.54 
5 1 C  A TYR 25 ? ? 1_555 O A HOH 139 ? ? 1_554 1.74 
6 1 N  A ALA 26 ? ? 1_555 O A HOH 139 ? ? 1_554 2.17 
# 
loop_
_pdbx_validate_rmsd_bond.id 
_pdbx_validate_rmsd_bond.PDB_model_num 
_pdbx_validate_rmsd_bond.auth_atom_id_1 
_pdbx_validate_rmsd_bond.auth_asym_id_1 
_pdbx_validate_rmsd_bond.auth_comp_id_1 
_pdbx_validate_rmsd_bond.auth_seq_id_1 
_pdbx_validate_rmsd_bond.PDB_ins_code_1 
_pdbx_validate_rmsd_bond.label_alt_id_1 
_pdbx_validate_rmsd_bond.auth_atom_id_2 
_pdbx_validate_rmsd_bond.auth_asym_id_2 
_pdbx_validate_rmsd_bond.auth_comp_id_2 
_pdbx_validate_rmsd_bond.auth_seq_id_2 
_pdbx_validate_rmsd_bond.PDB_ins_code_2 
_pdbx_validate_rmsd_bond.label_alt_id_2 
_pdbx_validate_rmsd_bond.bond_value 
_pdbx_validate_rmsd_bond.bond_target_value 
_pdbx_validate_rmsd_bond.bond_deviation 
_pdbx_validate_rmsd_bond.bond_standard_deviation 
_pdbx_validate_rmsd_bond.linker_flag 
1 1 CG  A ASP 95  ? ? OD2 A ASP 95  ? ? 1.388 1.249 0.139  0.023 N 
2 1 NE1 A TRP 121 ? ? CE2 A TRP 121 ? ? 1.276 1.371 -0.095 0.013 N 
# 
loop_
_pdbx_validate_rmsd_angle.id 
_pdbx_validate_rmsd_angle.PDB_model_num 
_pdbx_validate_rmsd_angle.auth_atom_id_1 
_pdbx_validate_rmsd_angle.auth_asym_id_1 
_pdbx_validate_rmsd_angle.auth_comp_id_1 
_pdbx_validate_rmsd_angle.auth_seq_id_1 
_pdbx_validate_rmsd_angle.PDB_ins_code_1 
_pdbx_validate_rmsd_angle.label_alt_id_1 
_pdbx_validate_rmsd_angle.auth_atom_id_2 
_pdbx_validate_rmsd_angle.auth_asym_id_2 
_pdbx_validate_rmsd_angle.auth_comp_id_2 
_pdbx_validate_rmsd_angle.auth_seq_id_2 
_pdbx_validate_rmsd_angle.PDB_ins_code_2 
_pdbx_validate_rmsd_angle.label_alt_id_2 
_pdbx_validate_rmsd_angle.auth_atom_id_3 
_pdbx_validate_rmsd_angle.auth_asym_id_3 
_pdbx_validate_rmsd_angle.auth_comp_id_3 
_pdbx_validate_rmsd_angle.auth_seq_id_3 
_pdbx_validate_rmsd_angle.PDB_ins_code_3 
_pdbx_validate_rmsd_angle.label_alt_id_3 
_pdbx_validate_rmsd_angle.angle_value 
_pdbx_validate_rmsd_angle.angle_target_value 
_pdbx_validate_rmsd_angle.angle_deviation 
_pdbx_validate_rmsd_angle.angle_standard_deviation 
_pdbx_validate_rmsd_angle.linker_flag 
1  1 CB  A ASP 4   ? ? CG A ASP 4   ? ? OD1 A ASP 4   ? ? 124.85 118.30 6.55   0.90 N 
2  1 CB  A ASP 14  ? ? CG A ASP 14  ? ? OD1 A ASP 14  ? ? 125.04 118.30 6.74   0.90 N 
3  1 CB  A ASP 19  ? ? CG A ASP 19  ? ? OD1 A ASP 19  ? ? 124.78 118.30 6.48   0.90 N 
4  1 CB  A ASP 31  ? ? CG A ASP 31  ? ? OD1 A ASP 31  ? ? 124.75 118.30 6.45   0.90 N 
5  1 CB  A ASP 45  ? ? CG A ASP 45  ? ? OD1 A ASP 45  ? ? 124.85 118.30 6.55   0.90 N 
6  1 N   A GLY 51  ? ? CA A GLY 51  ? ? C   A GLY 51  ? ? 131.92 113.10 18.82  2.50 N 
7  1 CA  A HIS 58  ? ? CB A HIS 58  ? ? CG  A HIS 58  ? B 94.71  113.60 -18.89 1.70 N 
8  1 OE1 A GLU 72  ? ? CD A GLU 72  ? ? OE2 A GLU 72  ? ? 130.60 123.30 7.30   1.20 N 
9  1 CB  A ASP 79  ? ? CG A ASP 79  ? ? OD1 A ASP 79  ? ? 124.75 118.30 6.45   0.90 N 
10 1 CB  A ASP 95  ? ? CG A ASP 95  ? ? OD1 A ASP 95  ? ? 124.72 118.30 6.42   0.90 N 
11 1 CB  A ASP 113 ? ? CG A ASP 113 ? ? OD1 A ASP 113 ? ? 124.94 118.30 6.64   0.90 N 
12 1 CB  A ASP 126 ? ? CG A ASP 126 ? ? OD1 A ASP 126 ? ? 124.98 118.30 6.68   0.90 N 
# 
loop_
_pdbx_validate_planes.id 
_pdbx_validate_planes.PDB_model_num 
_pdbx_validate_planes.auth_comp_id 
_pdbx_validate_planes.auth_asym_id 
_pdbx_validate_planes.auth_seq_id 
_pdbx_validate_planes.PDB_ins_code 
_pdbx_validate_planes.label_alt_id 
_pdbx_validate_planes.rmsd 
_pdbx_validate_planes.type 
1 1 ARG A 61  ? ? 0.141 'SIDE CHAIN' 
2 1 ARG A 101 ? ? 0.076 'SIDE CHAIN' 
# 
loop_
_chem_comp_atom.comp_id 
_chem_comp_atom.atom_id 
_chem_comp_atom.type_symbol 
_chem_comp_atom.pdbx_aromatic_flag 
_chem_comp_atom.pdbx_stereo_config 
_chem_comp_atom.pdbx_ordinal 
ALA N    N  N N 1   
ALA CA   C  N S 2   
ALA C    C  N N 3   
ALA O    O  N N 4   
ALA CB   C  N N 5   
ALA OXT  O  N N 6   
ALA H    H  N N 7   
ALA H2   H  N N 8   
ALA HA   H  N N 9   
ALA HB1  H  N N 10  
ALA HB2  H  N N 11  
ALA HB3  H  N N 12  
ALA HXT  H  N N 13  
ARG N    N  N N 14  
ARG CA   C  N S 15  
ARG C    C  N N 16  
ARG O    O  N N 17  
ARG CB   C  N N 18  
ARG CG   C  N N 19  
ARG CD   C  N N 20  
ARG NE   N  N N 21  
ARG CZ   C  N N 22  
ARG NH1  N  N N 23  
ARG NH2  N  N N 24  
ARG OXT  O  N N 25  
ARG H    H  N N 26  
ARG H2   H  N N 27  
ARG HA   H  N N 28  
ARG HB2  H  N N 29  
ARG HB3  H  N N 30  
ARG HG2  H  N N 31  
ARG HG3  H  N N 32  
ARG HD2  H  N N 33  
ARG HD3  H  N N 34  
ARG HE   H  N N 35  
ARG HH11 H  N N 36  
ARG HH12 H  N N 37  
ARG HH21 H  N N 38  
ARG HH22 H  N N 39  
ARG HXT  H  N N 40  
ASN N    N  N N 41  
ASN CA   C  N S 42  
ASN C    C  N N 43  
ASN O    O  N N 44  
ASN CB   C  N N 45  
ASN CG   C  N N 46  
ASN OD1  O  N N 47  
ASN ND2  N  N N 48  
ASN OXT  O  N N 49  
ASN H    H  N N 50  
ASN H2   H  N N 51  
ASN HA   H  N N 52  
ASN HB2  H  N N 53  
ASN HB3  H  N N 54  
ASN HD21 H  N N 55  
ASN HD22 H  N N 56  
ASN HXT  H  N N 57  
ASP N    N  N N 58  
ASP CA   C  N S 59  
ASP C    C  N N 60  
ASP O    O  N N 61  
ASP CB   C  N N 62  
ASP CG   C  N N 63  
ASP OD1  O  N N 64  
ASP OD2  O  N N 65  
ASP OXT  O  N N 66  
ASP H    H  N N 67  
ASP H2   H  N N 68  
ASP HA   H  N N 69  
ASP HB2  H  N N 70  
ASP HB3  H  N N 71  
ASP HD2  H  N N 72  
ASP HXT  H  N N 73  
CYN C    C  N N 74  
CYN N    N  N N 75  
GLN N    N  N N 76  
GLN CA   C  N S 77  
GLN C    C  N N 78  
GLN O    O  N N 79  
GLN CB   C  N N 80  
GLN CG   C  N N 81  
GLN CD   C  N N 82  
GLN OE1  O  N N 83  
GLN NE2  N  N N 84  
GLN OXT  O  N N 85  
GLN H    H  N N 86  
GLN H2   H  N N 87  
GLN HA   H  N N 88  
GLN HB2  H  N N 89  
GLN HB3  H  N N 90  
GLN HG2  H  N N 91  
GLN HG3  H  N N 92  
GLN HE21 H  N N 93  
GLN HE22 H  N N 94  
GLN HXT  H  N N 95  
GLU N    N  N N 96  
GLU CA   C  N S 97  
GLU C    C  N N 98  
GLU O    O  N N 99  
GLU CB   C  N N 100 
GLU CG   C  N N 101 
GLU CD   C  N N 102 
GLU OE1  O  N N 103 
GLU OE2  O  N N 104 
GLU OXT  O  N N 105 
GLU H    H  N N 106 
GLU H2   H  N N 107 
GLU HA   H  N N 108 
GLU HB2  H  N N 109 
GLU HB3  H  N N 110 
GLU HG2  H  N N 111 
GLU HG3  H  N N 112 
GLU HE2  H  N N 113 
GLU HXT  H  N N 114 
GLY N    N  N N 115 
GLY CA   C  N N 116 
GLY C    C  N N 117 
GLY O    O  N N 118 
GLY OXT  O  N N 119 
GLY H    H  N N 120 
GLY H2   H  N N 121 
GLY HA2  H  N N 122 
GLY HA3  H  N N 123 
GLY HXT  H  N N 124 
HEM CHA  C  N N 125 
HEM CHB  C  N N 126 
HEM CHC  C  N N 127 
HEM CHD  C  N N 128 
HEM C1A  C  Y N 129 
HEM C2A  C  Y N 130 
HEM C3A  C  Y N 131 
HEM C4A  C  Y N 132 
HEM CMA  C  N N 133 
HEM CAA  C  N N 134 
HEM CBA  C  N N 135 
HEM CGA  C  N N 136 
HEM O1A  O  N N 137 
HEM O2A  O  N N 138 
HEM C1B  C  N N 139 
HEM C2B  C  N N 140 
HEM C3B  C  N N 141 
HEM C4B  C  N N 142 
HEM CMB  C  N N 143 
HEM CAB  C  N N 144 
HEM CBB  C  N N 145 
HEM C1C  C  Y N 146 
HEM C2C  C  Y N 147 
HEM C3C  C  Y N 148 
HEM C4C  C  Y N 149 
HEM CMC  C  N N 150 
HEM CAC  C  N N 151 
HEM CBC  C  N N 152 
HEM C1D  C  N N 153 
HEM C2D  C  N N 154 
HEM C3D  C  N N 155 
HEM C4D  C  N N 156 
HEM CMD  C  N N 157 
HEM CAD  C  N N 158 
HEM CBD  C  N N 159 
HEM CGD  C  N N 160 
HEM O1D  O  N N 161 
HEM O2D  O  N N 162 
HEM NA   N  Y N 163 
HEM NB   N  N N 164 
HEM NC   N  Y N 165 
HEM ND   N  N N 166 
HEM FE   FE N N 167 
HEM HHB  H  N N 168 
HEM HHC  H  N N 169 
HEM HHD  H  N N 170 
HEM HMA  H  N N 171 
HEM HMAA H  N N 172 
HEM HMAB H  N N 173 
HEM HAA  H  N N 174 
HEM HAAA H  N N 175 
HEM HBA  H  N N 176 
HEM HBAA H  N N 177 
HEM HMB  H  N N 178 
HEM HMBA H  N N 179 
HEM HMBB H  N N 180 
HEM HAB  H  N N 181 
HEM HBB  H  N N 182 
HEM HBBA H  N N 183 
HEM HMC  H  N N 184 
HEM HMCA H  N N 185 
HEM HMCB H  N N 186 
HEM HAC  H  N N 187 
HEM HBC  H  N N 188 
HEM HBCA H  N N 189 
HEM HMD  H  N N 190 
HEM HMDA H  N N 191 
HEM HMDB H  N N 192 
HEM HAD  H  N N 193 
HEM HADA H  N N 194 
HEM HBD  H  N N 195 
HEM HBDA H  N N 196 
HEM H2A  H  N N 197 
HEM H2D  H  N N 198 
HEM HHA  H  N N 199 
HIS N    N  N N 200 
HIS CA   C  N S 201 
HIS C    C  N N 202 
HIS O    O  N N 203 
HIS CB   C  N N 204 
HIS CG   C  Y N 205 
HIS ND1  N  Y N 206 
HIS CD2  C  Y N 207 
HIS CE1  C  Y N 208 
HIS NE2  N  Y N 209 
HIS OXT  O  N N 210 
HIS H    H  N N 211 
HIS H2   H  N N 212 
HIS HA   H  N N 213 
HIS HB2  H  N N 214 
HIS HB3  H  N N 215 
HIS HD1  H  N N 216 
HIS HD2  H  N N 217 
HIS HE1  H  N N 218 
HIS HE2  H  N N 219 
HIS HXT  H  N N 220 
HOH O    O  N N 221 
HOH H1   H  N N 222 
HOH H2   H  N N 223 
ILE N    N  N N 224 
ILE CA   C  N S 225 
ILE C    C  N N 226 
ILE O    O  N N 227 
ILE CB   C  N S 228 
ILE CG1  C  N N 229 
ILE CG2  C  N N 230 
ILE CD1  C  N N 231 
ILE OXT  O  N N 232 
ILE H    H  N N 233 
ILE H2   H  N N 234 
ILE HA   H  N N 235 
ILE HB   H  N N 236 
ILE HG12 H  N N 237 
ILE HG13 H  N N 238 
ILE HG21 H  N N 239 
ILE HG22 H  N N 240 
ILE HG23 H  N N 241 
ILE HD11 H  N N 242 
ILE HD12 H  N N 243 
ILE HD13 H  N N 244 
ILE HXT  H  N N 245 
LEU N    N  N N 246 
LEU CA   C  N S 247 
LEU C    C  N N 248 
LEU O    O  N N 249 
LEU CB   C  N N 250 
LEU CG   C  N N 251 
LEU CD1  C  N N 252 
LEU CD2  C  N N 253 
LEU OXT  O  N N 254 
LEU H    H  N N 255 
LEU H2   H  N N 256 
LEU HA   H  N N 257 
LEU HB2  H  N N 258 
LEU HB3  H  N N 259 
LEU HG   H  N N 260 
LEU HD11 H  N N 261 
LEU HD12 H  N N 262 
LEU HD13 H  N N 263 
LEU HD21 H  N N 264 
LEU HD22 H  N N 265 
LEU HD23 H  N N 266 
LEU HXT  H  N N 267 
LYS N    N  N N 268 
LYS CA   C  N S 269 
LYS C    C  N N 270 
LYS O    O  N N 271 
LYS CB   C  N N 272 
LYS CG   C  N N 273 
LYS CD   C  N N 274 
LYS CE   C  N N 275 
LYS NZ   N  N N 276 
LYS OXT  O  N N 277 
LYS H    H  N N 278 
LYS H2   H  N N 279 
LYS HA   H  N N 280 
LYS HB2  H  N N 281 
LYS HB3  H  N N 282 
LYS HG2  H  N N 283 
LYS HG3  H  N N 284 
LYS HD2  H  N N 285 
LYS HD3  H  N N 286 
LYS HE2  H  N N 287 
LYS HE3  H  N N 288 
LYS HZ1  H  N N 289 
LYS HZ2  H  N N 290 
LYS HZ3  H  N N 291 
LYS HXT  H  N N 292 
MET N    N  N N 293 
MET CA   C  N S 294 
MET C    C  N N 295 
MET O    O  N N 296 
MET CB   C  N N 297 
MET CG   C  N N 298 
MET SD   S  N N 299 
MET CE   C  N N 300 
MET OXT  O  N N 301 
MET H    H  N N 302 
MET H2   H  N N 303 
MET HA   H  N N 304 
MET HB2  H  N N 305 
MET HB3  H  N N 306 
MET HG2  H  N N 307 
MET HG3  H  N N 308 
MET HE1  H  N N 309 
MET HE2  H  N N 310 
MET HE3  H  N N 311 
MET HXT  H  N N 312 
PHE N    N  N N 313 
PHE CA   C  N S 314 
PHE C    C  N N 315 
PHE O    O  N N 316 
PHE CB   C  N N 317 
PHE CG   C  Y N 318 
PHE CD1  C  Y N 319 
PHE CD2  C  Y N 320 
PHE CE1  C  Y N 321 
PHE CE2  C  Y N 322 
PHE CZ   C  Y N 323 
PHE OXT  O  N N 324 
PHE H    H  N N 325 
PHE H2   H  N N 326 
PHE HA   H  N N 327 
PHE HB2  H  N N 328 
PHE HB3  H  N N 329 
PHE HD1  H  N N 330 
PHE HD2  H  N N 331 
PHE HE1  H  N N 332 
PHE HE2  H  N N 333 
PHE HZ   H  N N 334 
PHE HXT  H  N N 335 
PRO N    N  N N 336 
PRO CA   C  N S 337 
PRO C    C  N N 338 
PRO O    O  N N 339 
PRO CB   C  N N 340 
PRO CG   C  N N 341 
PRO CD   C  N N 342 
PRO OXT  O  N N 343 
PRO H    H  N N 344 
PRO HA   H  N N 345 
PRO HB2  H  N N 346 
PRO HB3  H  N N 347 
PRO HG2  H  N N 348 
PRO HG3  H  N N 349 
PRO HD2  H  N N 350 
PRO HD3  H  N N 351 
PRO HXT  H  N N 352 
SER N    N  N N 353 
SER CA   C  N S 354 
SER C    C  N N 355 
SER O    O  N N 356 
SER CB   C  N N 357 
SER OG   O  N N 358 
SER OXT  O  N N 359 
SER H    H  N N 360 
SER H2   H  N N 361 
SER HA   H  N N 362 
SER HB2  H  N N 363 
SER HB3  H  N N 364 
SER HG   H  N N 365 
SER HXT  H  N N 366 
THR N    N  N N 367 
THR CA   C  N S 368 
THR C    C  N N 369 
THR O    O  N N 370 
THR CB   C  N R 371 
THR OG1  O  N N 372 
THR CG2  C  N N 373 
THR OXT  O  N N 374 
THR H    H  N N 375 
THR H2   H  N N 376 
THR HA   H  N N 377 
THR HB   H  N N 378 
THR HG1  H  N N 379 
THR HG21 H  N N 380 
THR HG22 H  N N 381 
THR HG23 H  N N 382 
THR HXT  H  N N 383 
TRP N    N  N N 384 
TRP CA   C  N S 385 
TRP C    C  N N 386 
TRP O    O  N N 387 
TRP CB   C  N N 388 
TRP CG   C  Y N 389 
TRP CD1  C  Y N 390 
TRP CD2  C  Y N 391 
TRP NE1  N  Y N 392 
TRP CE2  C  Y N 393 
TRP CE3  C  Y N 394 
TRP CZ2  C  Y N 395 
TRP CZ3  C  Y N 396 
TRP CH2  C  Y N 397 
TRP OXT  O  N N 398 
TRP H    H  N N 399 
TRP H2   H  N N 400 
TRP HA   H  N N 401 
TRP HB2  H  N N 402 
TRP HB3  H  N N 403 
TRP HD1  H  N N 404 
TRP HE1  H  N N 405 
TRP HE3  H  N N 406 
TRP HZ2  H  N N 407 
TRP HZ3  H  N N 408 
TRP HH2  H  N N 409 
TRP HXT  H  N N 410 
TYR N    N  N N 411 
TYR CA   C  N S 412 
TYR C    C  N N 413 
TYR O    O  N N 414 
TYR CB   C  N N 415 
TYR CG   C  Y N 416 
TYR CD1  C  Y N 417 
TYR CD2  C  Y N 418 
TYR CE1  C  Y N 419 
TYR CE2  C  Y N 420 
TYR CZ   C  Y N 421 
TYR OH   O  N N 422 
TYR OXT  O  N N 423 
TYR H    H  N N 424 
TYR H2   H  N N 425 
TYR HA   H  N N 426 
TYR HB2  H  N N 427 
TYR HB3  H  N N 428 
TYR HD1  H  N N 429 
TYR HD2  H  N N 430 
TYR HE1  H  N N 431 
TYR HE2  H  N N 432 
TYR HH   H  N N 433 
TYR HXT  H  N N 434 
VAL N    N  N N 435 
VAL CA   C  N S 436 
VAL C    C  N N 437 
VAL O    O  N N 438 
VAL CB   C  N N 439 
VAL CG1  C  N N 440 
VAL CG2  C  N N 441 
VAL OXT  O  N N 442 
VAL H    H  N N 443 
VAL H2   H  N N 444 
VAL HA   H  N N 445 
VAL HB   H  N N 446 
VAL HG11 H  N N 447 
VAL HG12 H  N N 448 
VAL HG13 H  N N 449 
VAL HG21 H  N N 450 
VAL HG22 H  N N 451 
VAL HG23 H  N N 452 
VAL HXT  H  N N 453 
# 
loop_
_chem_comp_bond.comp_id 
_chem_comp_bond.atom_id_1 
_chem_comp_bond.atom_id_2 
_chem_comp_bond.value_order 
_chem_comp_bond.pdbx_aromatic_flag 
_chem_comp_bond.pdbx_stereo_config 
_chem_comp_bond.pdbx_ordinal 
ALA N   CA   sing N N 1   
ALA N   H    sing N N 2   
ALA N   H2   sing N N 3   
ALA CA  C    sing N N 4   
ALA CA  CB   sing N N 5   
ALA CA  HA   sing N N 6   
ALA C   O    doub N N 7   
ALA C   OXT  sing N N 8   
ALA CB  HB1  sing N N 9   
ALA CB  HB2  sing N N 10  
ALA CB  HB3  sing N N 11  
ALA OXT HXT  sing N N 12  
ARG N   CA   sing N N 13  
ARG N   H    sing N N 14  
ARG N   H2   sing N N 15  
ARG CA  C    sing N N 16  
ARG CA  CB   sing N N 17  
ARG CA  HA   sing N N 18  
ARG C   O    doub N N 19  
ARG C   OXT  sing N N 20  
ARG CB  CG   sing N N 21  
ARG CB  HB2  sing N N 22  
ARG CB  HB3  sing N N 23  
ARG CG  CD   sing N N 24  
ARG CG  HG2  sing N N 25  
ARG CG  HG3  sing N N 26  
ARG CD  NE   sing N N 27  
ARG CD  HD2  sing N N 28  
ARG CD  HD3  sing N N 29  
ARG NE  CZ   sing N N 30  
ARG NE  HE   sing N N 31  
ARG CZ  NH1  sing N N 32  
ARG CZ  NH2  doub N N 33  
ARG NH1 HH11 sing N N 34  
ARG NH1 HH12 sing N N 35  
ARG NH2 HH21 sing N N 36  
ARG NH2 HH22 sing N N 37  
ARG OXT HXT  sing N N 38  
ASN N   CA   sing N N 39  
ASN N   H    sing N N 40  
ASN N   H2   sing N N 41  
ASN CA  C    sing N N 42  
ASN CA  CB   sing N N 43  
ASN CA  HA   sing N N 44  
ASN C   O    doub N N 45  
ASN C   OXT  sing N N 46  
ASN CB  CG   sing N N 47  
ASN CB  HB2  sing N N 48  
ASN CB  HB3  sing N N 49  
ASN CG  OD1  doub N N 50  
ASN CG  ND2  sing N N 51  
ASN ND2 HD21 sing N N 52  
ASN ND2 HD22 sing N N 53  
ASN OXT HXT  sing N N 54  
ASP N   CA   sing N N 55  
ASP N   H    sing N N 56  
ASP N   H2   sing N N 57  
ASP CA  C    sing N N 58  
ASP CA  CB   sing N N 59  
ASP CA  HA   sing N N 60  
ASP C   O    doub N N 61  
ASP C   OXT  sing N N 62  
ASP CB  CG   sing N N 63  
ASP CB  HB2  sing N N 64  
ASP CB  HB3  sing N N 65  
ASP CG  OD1  doub N N 66  
ASP CG  OD2  sing N N 67  
ASP OD2 HD2  sing N N 68  
ASP OXT HXT  sing N N 69  
CYN C   N    trip N N 70  
GLN N   CA   sing N N 71  
GLN N   H    sing N N 72  
GLN N   H2   sing N N 73  
GLN CA  C    sing N N 74  
GLN CA  CB   sing N N 75  
GLN CA  HA   sing N N 76  
GLN C   O    doub N N 77  
GLN C   OXT  sing N N 78  
GLN CB  CG   sing N N 79  
GLN CB  HB2  sing N N 80  
GLN CB  HB3  sing N N 81  
GLN CG  CD   sing N N 82  
GLN CG  HG2  sing N N 83  
GLN CG  HG3  sing N N 84  
GLN CD  OE1  doub N N 85  
GLN CD  NE2  sing N N 86  
GLN NE2 HE21 sing N N 87  
GLN NE2 HE22 sing N N 88  
GLN OXT HXT  sing N N 89  
GLU N   CA   sing N N 90  
GLU N   H    sing N N 91  
GLU N   H2   sing N N 92  
GLU CA  C    sing N N 93  
GLU CA  CB   sing N N 94  
GLU CA  HA   sing N N 95  
GLU C   O    doub N N 96  
GLU C   OXT  sing N N 97  
GLU CB  CG   sing N N 98  
GLU CB  HB2  sing N N 99  
GLU CB  HB3  sing N N 100 
GLU CG  CD   sing N N 101 
GLU CG  HG2  sing N N 102 
GLU CG  HG3  sing N N 103 
GLU CD  OE1  doub N N 104 
GLU CD  OE2  sing N N 105 
GLU OE2 HE2  sing N N 106 
GLU OXT HXT  sing N N 107 
GLY N   CA   sing N N 108 
GLY N   H    sing N N 109 
GLY N   H2   sing N N 110 
GLY CA  C    sing N N 111 
GLY CA  HA2  sing N N 112 
GLY CA  HA3  sing N N 113 
GLY C   O    doub N N 114 
GLY C   OXT  sing N N 115 
GLY OXT HXT  sing N N 116 
HEM CHA C1A  sing N N 117 
HEM CHA C4D  doub N N 118 
HEM CHA HHA  sing N N 119 
HEM CHB C4A  sing N N 120 
HEM CHB C1B  doub N N 121 
HEM CHB HHB  sing N N 122 
HEM CHC C4B  sing N N 123 
HEM CHC C1C  doub N N 124 
HEM CHC HHC  sing N N 125 
HEM CHD C4C  doub N N 126 
HEM CHD C1D  sing N N 127 
HEM CHD HHD  sing N N 128 
HEM C1A C2A  doub Y N 129 
HEM C1A NA   sing Y N 130 
HEM C2A C3A  sing Y N 131 
HEM C2A CAA  sing N N 132 
HEM C3A C4A  doub Y N 133 
HEM C3A CMA  sing N N 134 
HEM C4A NA   sing Y N 135 
HEM CMA HMA  sing N N 136 
HEM CMA HMAA sing N N 137 
HEM CMA HMAB sing N N 138 
HEM CAA CBA  sing N N 139 
HEM CAA HAA  sing N N 140 
HEM CAA HAAA sing N N 141 
HEM CBA CGA  sing N N 142 
HEM CBA HBA  sing N N 143 
HEM CBA HBAA sing N N 144 
HEM CGA O1A  doub N N 145 
HEM CGA O2A  sing N N 146 
HEM C1B C2B  sing N N 147 
HEM C1B NB   sing N N 148 
HEM C2B C3B  doub N N 149 
HEM C2B CMB  sing N N 150 
HEM C3B C4B  sing N N 151 
HEM C3B CAB  sing N N 152 
HEM C4B NB   doub N N 153 
HEM CMB HMB  sing N N 154 
HEM CMB HMBA sing N N 155 
HEM CMB HMBB sing N N 156 
HEM CAB CBB  doub N N 157 
HEM CAB HAB  sing N N 158 
HEM CBB HBB  sing N N 159 
HEM CBB HBBA sing N N 160 
HEM C1C C2C  sing Y N 161 
HEM C1C NC   sing Y N 162 
HEM C2C C3C  doub Y N 163 
HEM C2C CMC  sing N N 164 
HEM C3C C4C  sing Y N 165 
HEM C3C CAC  sing N N 166 
HEM C4C NC   sing Y N 167 
HEM CMC HMC  sing N N 168 
HEM CMC HMCA sing N N 169 
HEM CMC HMCB sing N N 170 
HEM CAC CBC  doub N N 171 
HEM CAC HAC  sing N N 172 
HEM CBC HBC  sing N N 173 
HEM CBC HBCA sing N N 174 
HEM C1D C2D  sing N N 175 
HEM C1D ND   doub N N 176 
HEM C2D C3D  doub N N 177 
HEM C2D CMD  sing N N 178 
HEM C3D C4D  sing N N 179 
HEM C3D CAD  sing N N 180 
HEM C4D ND   sing N N 181 
HEM CMD HMD  sing N N 182 
HEM CMD HMDA sing N N 183 
HEM CMD HMDB sing N N 184 
HEM CAD CBD  sing N N 185 
HEM CAD HAD  sing N N 186 
HEM CAD HADA sing N N 187 
HEM CBD CGD  sing N N 188 
HEM CBD HBD  sing N N 189 
HEM CBD HBDA sing N N 190 
HEM CGD O1D  doub N N 191 
HEM CGD O2D  sing N N 192 
HEM O2A H2A  sing N N 193 
HEM O2D H2D  sing N N 194 
HEM FE  NA   sing N N 195 
HEM FE  NB   sing N N 196 
HEM FE  NC   sing N N 197 
HEM FE  ND   sing N N 198 
HIS N   CA   sing N N 199 
HIS N   H    sing N N 200 
HIS N   H2   sing N N 201 
HIS CA  C    sing N N 202 
HIS CA  CB   sing N N 203 
HIS CA  HA   sing N N 204 
HIS C   O    doub N N 205 
HIS C   OXT  sing N N 206 
HIS CB  CG   sing N N 207 
HIS CB  HB2  sing N N 208 
HIS CB  HB3  sing N N 209 
HIS CG  ND1  sing Y N 210 
HIS CG  CD2  doub Y N 211 
HIS ND1 CE1  doub Y N 212 
HIS ND1 HD1  sing N N 213 
HIS CD2 NE2  sing Y N 214 
HIS CD2 HD2  sing N N 215 
HIS CE1 NE2  sing Y N 216 
HIS CE1 HE1  sing N N 217 
HIS NE2 HE2  sing N N 218 
HIS OXT HXT  sing N N 219 
HOH O   H1   sing N N 220 
HOH O   H2   sing N N 221 
ILE N   CA   sing N N 222 
ILE N   H    sing N N 223 
ILE N   H2   sing N N 224 
ILE CA  C    sing N N 225 
ILE CA  CB   sing N N 226 
ILE CA  HA   sing N N 227 
ILE C   O    doub N N 228 
ILE C   OXT  sing N N 229 
ILE CB  CG1  sing N N 230 
ILE CB  CG2  sing N N 231 
ILE CB  HB   sing N N 232 
ILE CG1 CD1  sing N N 233 
ILE CG1 HG12 sing N N 234 
ILE CG1 HG13 sing N N 235 
ILE CG2 HG21 sing N N 236 
ILE CG2 HG22 sing N N 237 
ILE CG2 HG23 sing N N 238 
ILE CD1 HD11 sing N N 239 
ILE CD1 HD12 sing N N 240 
ILE CD1 HD13 sing N N 241 
ILE OXT HXT  sing N N 242 
LEU N   CA   sing N N 243 
LEU N   H    sing N N 244 
LEU N   H2   sing N N 245 
LEU CA  C    sing N N 246 
LEU CA  CB   sing N N 247 
LEU CA  HA   sing N N 248 
LEU C   O    doub N N 249 
LEU C   OXT  sing N N 250 
LEU CB  CG   sing N N 251 
LEU CB  HB2  sing N N 252 
LEU CB  HB3  sing N N 253 
LEU CG  CD1  sing N N 254 
LEU CG  CD2  sing N N 255 
LEU CG  HG   sing N N 256 
LEU CD1 HD11 sing N N 257 
LEU CD1 HD12 sing N N 258 
LEU CD1 HD13 sing N N 259 
LEU CD2 HD21 sing N N 260 
LEU CD2 HD22 sing N N 261 
LEU CD2 HD23 sing N N 262 
LEU OXT HXT  sing N N 263 
LYS N   CA   sing N N 264 
LYS N   H    sing N N 265 
LYS N   H2   sing N N 266 
LYS CA  C    sing N N 267 
LYS CA  CB   sing N N 268 
LYS CA  HA   sing N N 269 
LYS C   O    doub N N 270 
LYS C   OXT  sing N N 271 
LYS CB  CG   sing N N 272 
LYS CB  HB2  sing N N 273 
LYS CB  HB3  sing N N 274 
LYS CG  CD   sing N N 275 
LYS CG  HG2  sing N N 276 
LYS CG  HG3  sing N N 277 
LYS CD  CE   sing N N 278 
LYS CD  HD2  sing N N 279 
LYS CD  HD3  sing N N 280 
LYS CE  NZ   sing N N 281 
LYS CE  HE2  sing N N 282 
LYS CE  HE3  sing N N 283 
LYS NZ  HZ1  sing N N 284 
LYS NZ  HZ2  sing N N 285 
LYS NZ  HZ3  sing N N 286 
LYS OXT HXT  sing N N 287 
MET N   CA   sing N N 288 
MET N   H    sing N N 289 
MET N   H2   sing N N 290 
MET CA  C    sing N N 291 
MET CA  CB   sing N N 292 
MET CA  HA   sing N N 293 
MET C   O    doub N N 294 
MET C   OXT  sing N N 295 
MET CB  CG   sing N N 296 
MET CB  HB2  sing N N 297 
MET CB  HB3  sing N N 298 
MET CG  SD   sing N N 299 
MET CG  HG2  sing N N 300 
MET CG  HG3  sing N N 301 
MET SD  CE   sing N N 302 
MET CE  HE1  sing N N 303 
MET CE  HE2  sing N N 304 
MET CE  HE3  sing N N 305 
MET OXT HXT  sing N N 306 
PHE N   CA   sing N N 307 
PHE N   H    sing N N 308 
PHE N   H2   sing N N 309 
PHE CA  C    sing N N 310 
PHE CA  CB   sing N N 311 
PHE CA  HA   sing N N 312 
PHE C   O    doub N N 313 
PHE C   OXT  sing N N 314 
PHE CB  CG   sing N N 315 
PHE CB  HB2  sing N N 316 
PHE CB  HB3  sing N N 317 
PHE CG  CD1  doub Y N 318 
PHE CG  CD2  sing Y N 319 
PHE CD1 CE1  sing Y N 320 
PHE CD1 HD1  sing N N 321 
PHE CD2 CE2  doub Y N 322 
PHE CD2 HD2  sing N N 323 
PHE CE1 CZ   doub Y N 324 
PHE CE1 HE1  sing N N 325 
PHE CE2 CZ   sing Y N 326 
PHE CE2 HE2  sing N N 327 
PHE CZ  HZ   sing N N 328 
PHE OXT HXT  sing N N 329 
PRO N   CA   sing N N 330 
PRO N   CD   sing N N 331 
PRO N   H    sing N N 332 
PRO CA  C    sing N N 333 
PRO CA  CB   sing N N 334 
PRO CA  HA   sing N N 335 
PRO C   O    doub N N 336 
PRO C   OXT  sing N N 337 
PRO CB  CG   sing N N 338 
PRO CB  HB2  sing N N 339 
PRO CB  HB3  sing N N 340 
PRO CG  CD   sing N N 341 
PRO CG  HG2  sing N N 342 
PRO CG  HG3  sing N N 343 
PRO CD  HD2  sing N N 344 
PRO CD  HD3  sing N N 345 
PRO OXT HXT  sing N N 346 
SER N   CA   sing N N 347 
SER N   H    sing N N 348 
SER N   H2   sing N N 349 
SER CA  C    sing N N 350 
SER CA  CB   sing N N 351 
SER CA  HA   sing N N 352 
SER C   O    doub N N 353 
SER C   OXT  sing N N 354 
SER CB  OG   sing N N 355 
SER CB  HB2  sing N N 356 
SER CB  HB3  sing N N 357 
SER OG  HG   sing N N 358 
SER OXT HXT  sing N N 359 
THR N   CA   sing N N 360 
THR N   H    sing N N 361 
THR N   H2   sing N N 362 
THR CA  C    sing N N 363 
THR CA  CB   sing N N 364 
THR CA  HA   sing N N 365 
THR C   O    doub N N 366 
THR C   OXT  sing N N 367 
THR CB  OG1  sing N N 368 
THR CB  CG2  sing N N 369 
THR CB  HB   sing N N 370 
THR OG1 HG1  sing N N 371 
THR CG2 HG21 sing N N 372 
THR CG2 HG22 sing N N 373 
THR CG2 HG23 sing N N 374 
THR OXT HXT  sing N N 375 
TRP N   CA   sing N N 376 
TRP N   H    sing N N 377 
TRP N   H2   sing N N 378 
TRP CA  C    sing N N 379 
TRP CA  CB   sing N N 380 
TRP CA  HA   sing N N 381 
TRP C   O    doub N N 382 
TRP C   OXT  sing N N 383 
TRP CB  CG   sing N N 384 
TRP CB  HB2  sing N N 385 
TRP CB  HB3  sing N N 386 
TRP CG  CD1  doub Y N 387 
TRP CG  CD2  sing Y N 388 
TRP CD1 NE1  sing Y N 389 
TRP CD1 HD1  sing N N 390 
TRP CD2 CE2  doub Y N 391 
TRP CD2 CE3  sing Y N 392 
TRP NE1 CE2  sing Y N 393 
TRP NE1 HE1  sing N N 394 
TRP CE2 CZ2  sing Y N 395 
TRP CE3 CZ3  doub Y N 396 
TRP CE3 HE3  sing N N 397 
TRP CZ2 CH2  doub Y N 398 
TRP CZ2 HZ2  sing N N 399 
TRP CZ3 CH2  sing Y N 400 
TRP CZ3 HZ3  sing N N 401 
TRP CH2 HH2  sing N N 402 
TRP OXT HXT  sing N N 403 
TYR N   CA   sing N N 404 
TYR N   H    sing N N 405 
TYR N   H2   sing N N 406 
TYR CA  C    sing N N 407 
TYR CA  CB   sing N N 408 
TYR CA  HA   sing N N 409 
TYR C   O    doub N N 410 
TYR C   OXT  sing N N 411 
TYR CB  CG   sing N N 412 
TYR CB  HB2  sing N N 413 
TYR CB  HB3  sing N N 414 
TYR CG  CD1  doub Y N 415 
TYR CG  CD2  sing Y N 416 
TYR CD1 CE1  sing Y N 417 
TYR CD1 HD1  sing N N 418 
TYR CD2 CE2  doub Y N 419 
TYR CD2 HD2  sing N N 420 
TYR CE1 CZ   doub Y N 421 
TYR CE1 HE1  sing N N 422 
TYR CE2 CZ   sing Y N 423 
TYR CE2 HE2  sing N N 424 
TYR CZ  OH   sing N N 425 
TYR OH  HH   sing N N 426 
TYR OXT HXT  sing N N 427 
VAL N   CA   sing N N 428 
VAL N   H    sing N N 429 
VAL N   H2   sing N N 430 
VAL CA  C    sing N N 431 
VAL CA  CB   sing N N 432 
VAL CA  HA   sing N N 433 
VAL C   O    doub N N 434 
VAL C   OXT  sing N N 435 
VAL CB  CG1  sing N N 436 
VAL CB  CG2  sing N N 437 
VAL CB  HB   sing N N 438 
VAL CG1 HG11 sing N N 439 
VAL CG1 HG12 sing N N 440 
VAL CG1 HG13 sing N N 441 
VAL CG2 HG21 sing N N 442 
VAL CG2 HG22 sing N N 443 
VAL CG2 HG23 sing N N 444 
VAL OXT HXT  sing N N 445 
# 
_atom_sites.entry_id                    1ECN 
_atom_sites.fract_transf_matrix[1][1]   0.00710672 
_atom_sites.fract_transf_matrix[1][2]   -0.01997594 
_atom_sites.fract_transf_matrix[1][3]   -0.00165825 
_atom_sites.fract_transf_matrix[2][1]   -0.00141752 
_atom_sites.fract_transf_matrix[2][2]   -0.01028173 
_atom_sites.fract_transf_matrix[2][3]   -0.01856582 
_atom_sites.fract_transf_matrix[3][1]   0.02536745 
_atom_sites.fract_transf_matrix[3][2]   0.00962824 
_atom_sites.fract_transf_matrix[3][3]   -0.00726893 
_atom_sites.fract_transf_vector[1]      0.214464 
_atom_sites.fract_transf_vector[2]      0.333610 
_atom_sites.fract_transf_vector[3]      0.580580 
# 
loop_
_atom_sites_footnote.id 
_atom_sites_footnote.text 
1 'RESIDUE PRO 74 IS A CIS-PROLINE.' 
2 'AN OCCUPANCY OF 0.0 DENOTES ATOMS THAT HAVE NOT BEEN LOCALIZED IN THE ELECTRON DENSITY.' 
3 
;IN THE CYANO MET STRUCTURE TWO ALTERNATE LOCATIONS HAVE BEEN FOUND FOR THE CATALYTIC RESIDUES HIS 58 AND ILE 62. THE PRESENCE OF THIS HALF OCCUPIED WATER MOLECULE THAT IS BOUND TO THE CN-LIGAND CORRESPONDS TO THE USUAL CONFORMATION WHERE THE HISTIDINE POINTS OUT TO THE SOLVENT.
;
# 
loop_
_atom_type.symbol 
C  
FE 
N  
O  
S  
# 
loop_
_atom_site.group_PDB 
_atom_site.id 
_atom_site.type_symbol 
_atom_site.label_atom_id 
_atom_site.label_alt_id 
_atom_site.label_comp_id 
_atom_site.label_asym_id 
_atom_site.label_entity_id 
_atom_site.label_seq_id 
_atom_site.pdbx_PDB_ins_code 
_atom_site.Cartn_x 
_atom_site.Cartn_y 
_atom_site.Cartn_z 
_atom_site.occupancy 
_atom_site.B_iso_or_equiv 
_atom_site.pdbx_formal_charge 
_atom_site.auth_seq_id 
_atom_site.auth_comp_id 
_atom_site.auth_asym_id 
_atom_site.auth_atom_id 
_atom_site.pdbx_PDB_model_num 
ATOM   1    N  N   . LEU A 1 1   ? -1.387  18.495  -5.456  1.00 23.69 ? 1   LEU A N   1 
ATOM   2    C  CA  . LEU A 1 1   ? -1.707  17.937  -4.137  1.00 16.04 ? 1   LEU A CA  1 
ATOM   3    C  C   . LEU A 1 1   ? -1.654  19.054  -3.099  1.00 20.33 ? 1   LEU A C   1 
ATOM   4    O  O   . LEU A 1 1   ? -0.573  19.492  -2.695  1.00 19.35 ? 1   LEU A O   1 
ATOM   5    C  CB  . LEU A 1 1   ? -0.709  16.817  -3.778  1.00 17.75 ? 1   LEU A CB  1 
ATOM   6    C  CG  . LEU A 1 1   ? -1.113  15.833  -2.700  1.00 21.99 ? 1   LEU A CG  1 
ATOM   7    C  CD1 . LEU A 1 1   ? -2.356  15.094  -3.131  1.00 21.34 ? 1   LEU A CD1 1 
ATOM   8    C  CD2 . LEU A 1 1   ? -0.002  14.849  -2.433  1.00 22.01 ? 1   LEU A CD2 1 
ATOM   9    N  N   . SER A 1 2   ? -2.821  19.500  -2.684  1.00 18.58 ? 2   SER A N   1 
ATOM   10   C  CA  . SER A 1 2   ? -2.916  20.637  -1.764  1.00 17.40 ? 2   SER A CA  1 
ATOM   11   C  C   . SER A 1 2   ? -3.551  20.197  -0.449  1.00 19.83 ? 2   SER A C   1 
ATOM   12   O  O   . SER A 1 2   ? -3.977  19.044  -0.306  1.00 10.31 ? 2   SER A O   1 
ATOM   13   C  CB  . SER A 1 2   ? -3.735  21.751  -2.376  1.00 18.08 ? 2   SER A CB  1 
ATOM   14   O  OG  . SER A 1 2   ? -4.958  21.270  -2.926  1.00 43.97 ? 2   SER A OG  1 
ATOM   15   N  N   . ALA A 1 3   ? -3.601  21.119  0.492   1.00 16.78 ? 3   ALA A N   1 
ATOM   16   C  CA  . ALA A 1 3   ? -4.017  20.781  1.859   1.00 10.29 ? 3   ALA A CA  1 
ATOM   17   C  C   . ALA A 1 3   ? -5.421  20.194  1.989   1.00 9.25  ? 3   ALA A C   1 
ATOM   18   O  O   . ALA A 1 3   ? -5.683  19.362  2.868   1.00 9.82  ? 3   ALA A O   1 
ATOM   19   C  CB  . ALA A 1 3   ? -4.024  22.087  2.666   1.00 13.99 ? 3   ALA A CB  1 
ATOM   20   N  N   . ASP A 1 4   ? -6.299  20.635  1.113   1.00 10.68 ? 4   ASP A N   1 
ATOM   21   C  CA  . ASP A 1 4   ? -7.695  20.172  1.147   1.00 11.66 ? 4   ASP A CA  1 
ATOM   22   C  C   . ASP A 1 4   ? -7.734  18.686  0.806   1.00 11.29 ? 4   ASP A C   1 
ATOM   23   O  O   . ASP A 1 4   ? -8.452  17.908  1.446   1.00 11.91 ? 4   ASP A O   1 
ATOM   24   C  CB  . ASP A 1 4   ? -8.541  20.993  0.151   1.00 15.68 ? 4   ASP A CB  1 
ATOM   25   C  CG  . ASP A 1 4   ? -8.152  20.704  -1.270  1.00 28.87 ? 4   ASP A CG  1 
ATOM   26   O  OD1 . ASP A 1 4   ? -8.932  20.420  -2.161  1.00 39.54 ? 4   ASP A OD1 1 
ATOM   27   O  OD2 . ASP A 1 4   ? -6.985  20.827  -1.519  1.00 19.46 ? 4   ASP A OD2 1 
ATOM   28   N  N   . GLN A 1 5   ? -6.957  18.312  -0.197  1.00 12.05 ? 5   GLN A N   1 
ATOM   29   C  CA  . GLN A 1 5   ? -6.934  16.917  -0.657  1.00 9.85  ? 5   GLN A CA  1 
ATOM   30   C  C   . GLN A 1 5   ? -6.184  16.066  0.367   1.00 8.67  ? 5   GLN A C   1 
ATOM   31   O  O   . GLN A 1 5   ? -6.535  14.902  0.604   1.00 9.16  ? 5   GLN A O   1 
ATOM   32   C  CB  . GLN A 1 5   ? -6.234  16.770  -2.035  1.00 12.06 ? 5   GLN A CB  1 
ATOM   33   C  CG  . GLN A 1 5   ? -6.931  17.437  -3.235  1.00 13.17 ? 5   GLN A CG  1 
ATOM   34   C  CD  . GLN A 1 5   ? -6.202  17.243  -4.615  1.00 12.33 ? 5   GLN A CD  1 
ATOM   35   O  OE1 . GLN A 1 5   ? -6.760  16.778  -5.562  1.00 24.90 ? 5   GLN A OE1 1 
ATOM   36   N  NE2 . GLN A 1 5   ? -5.051  17.650  -4.494  1.00 18.70 ? 5   GLN A NE2 1 
ATOM   37   N  N   . ILE A 1 6   ? -5.159  16.660  0.958   1.00 11.04 ? 6   ILE A N   1 
ATOM   38   C  CA  . ILE A 1 6   ? -4.291  15.914  1.914   1.00 9.66  ? 6   ILE A CA  1 
ATOM   39   C  C   . ILE A 1 6   ? -5.125  15.564  3.143   1.00 11.28 ? 6   ILE A C   1 
ATOM   40   O  O   . ILE A 1 6   ? -5.018  14.457  3.691   1.00 10.20 ? 6   ILE A O   1 
ATOM   41   C  CB  . ILE A 1 6   ? -3.099  16.780  2.366   1.00 10.46 ? 6   ILE A CB  1 
ATOM   42   C  CG1 . ILE A 1 6   ? -2.029  16.939  1.256   1.00 13.65 ? 6   ILE A CG1 1 
ATOM   43   C  CG2 . ILE A 1 6   ? -2.661  16.041  3.632   1.00 10.11 ? 6   ILE A CG2 1 
ATOM   44   C  CD1 . ILE A 1 6   ? -1.026  18.078  1.525   1.00 14.94 ? 6   ILE A CD1 1 
ATOM   45   N  N   . SER A 1 7   ? -5.941  16.511  3.560   1.00 10.80 ? 7   SER A N   1 
ATOM   46   C  CA  . SER A 1 7   ? -6.790  16.304  4.743   1.00 9.35  ? 7   SER A CA  1 
ATOM   47   C  C   . SER A 1 7   ? -7.897  15.293  4.532   1.00 11.77 ? 7   SER A C   1 
ATOM   48   O  O   . SER A 1 7   ? -8.193  14.515  5.428   1.00 9.78  ? 7   SER A O   1 
ATOM   49   C  CB  . SER A 1 7   ? -7.430  17.611  5.163   1.00 11.90 ? 7   SER A CB  1 
ATOM   50   O  OG  . SER A 1 7   ? -8.268  18.149  4.147   1.00 14.03 ? 7   SER A OG  1 
ATOM   51   N  N   . THR A 1 8   ? -8.473  15.323  3.347   1.00 10.70 ? 8   THR A N   1 
ATOM   52   C  CA  . THR A 1 8   ? -9.425  14.295  2.946   1.00 9.51  ? 8   THR A CA  1 
ATOM   53   C  C   . THR A 1 8   ? -8.877  12.869  2.965   1.00 9.30  ? 8   THR A C   1 
ATOM   54   O  O   . THR A 1 8   ? -9.535  11.942  3.455   1.00 7.91  ? 8   THR A O   1 
ATOM   55   C  CB  . THR A 1 8   ? -9.922  14.653  1.535   1.00 10.21 ? 8   THR A CB  1 
ATOM   56   O  OG1 . THR A 1 8   ? -10.613 15.885  1.713   1.00 10.97 ? 8   THR A OG1 1 
ATOM   57   C  CG2 . THR A 1 8   ? -10.848 13.610  0.971   1.00 10.79 ? 8   THR A CG2 1 
ATOM   58   N  N   . VAL A 1 9   ? -7.692  12.708  2.433   1.00 10.02 ? 9   VAL A N   1 
ATOM   59   C  CA  . VAL A 1 9   ? -7.055  11.387  2.394   1.00 9.15  ? 9   VAL A CA  1 
ATOM   60   C  C   . VAL A 1 9   ? -6.697  10.891  3.792   1.00 10.65 ? 9   VAL A C   1 
ATOM   61   O  O   . VAL A 1 9   ? -6.813  9.701   4.085   1.00 10.05 ? 9   VAL A O   1 
ATOM   62   C  CB  . VAL A 1 9   ? -5.810  11.448  1.546   1.00 12.76 ? 9   VAL A CB  1 
ATOM   63   C  CG1 . VAL A 1 9   ? -4.713  10.451  1.940   1.00 15.92 ? 9   VAL A CG1 1 
ATOM   64   C  CG2 . VAL A 1 9   ? -6.122  11.412  0.076   1.00 12.61 ? 9   VAL A CG2 1 
ATOM   65   N  N   . GLN A 1 10  ? -6.291  11.804  4.640   1.00 10.82 ? 10  GLN A N   1 
ATOM   66   C  CA  . GLN A 1 10  ? -5.738  11.433  5.952   1.00 10.57 ? 10  GLN A CA  1 
ATOM   67   C  C   . GLN A 1 10  ? -6.859  11.105  6.877   1.00 10.72 ? 10  GLN A C   1 
ATOM   68   O  O   . GLN A 1 10  ? -6.743  10.223  7.735   1.00 11.80 ? 10  GLN A O   1 
ATOM   69   C  CB  . GLN A 1 10  ? -4.899  12.589  6.568   1.00 9.18  ? 10  GLN A CB  1 
ATOM   70   C  CG  . GLN A 1 10  ? -3.466  12.759  6.042   1.00 10.64 ? 10  GLN A CG  1 
ATOM   71   C  CD  . GLN A 1 10  ? -2.766  14.102  6.459   1.00 11.38 ? 10  GLN A CD  1 
ATOM   72   O  OE1 . GLN A 1 10  ? -1.597  14.273  6.304   1.00 14.03 ? 10  GLN A OE1 1 
ATOM   73   N  NE2 . GLN A 1 10  ? -3.624  14.850  6.925   1.00 11.77 ? 10  GLN A NE2 1 
ATOM   74   N  N   . ALA A 1 11  ? -7.961  11.809  6.697   1.00 12.10 ? 11  ALA A N   1 
ATOM   75   C  CA  . ALA A 1 11  ? -9.221  11.423  7.348   1.00 11.82 ? 11  ALA A CA  1 
ATOM   76   C  C   . ALA A 1 11  ? -9.679  10.039  6.890   1.00 14.03 ? 11  ALA A C   1 
ATOM   77   O  O   . ALA A 1 11  ? -10.148 9.226   7.698   1.00 10.64 ? 11  ALA A O   1 
ATOM   78   C  CB  . ALA A 1 11  ? -10.324 12.402  6.918   1.00 9.76  ? 11  ALA A CB  1 
ATOM   79   N  N   . SER A 1 12  ? -9.536  9.791   5.600   1.00 12.29 ? 12  SER A N   1 
ATOM   80   C  CA  . SER A 1 12  ? -10.035 8.537   5.012   1.00 13.46 ? 12  SER A CA  1 
ATOM   81   C  C   . SER A 1 12  ? -9.210  7.372   5.499   1.00 10.93 ? 12  SER A C   1 
ATOM   82   O  O   . SER A 1 12  ? -9.758  6.333   5.856   1.00 11.70 ? 12  SER A O   1 
ATOM   83   C  CB  . SER A 1 12  ? -9.985  8.611   3.502   1.00 11.88 ? 12  SER A CB  1 
ATOM   84   O  OG  . SER A 1 12  ? -10.124 7.340   2.908   1.00 12.85 ? 12  SER A OG  1 
ATOM   85   N  N   . PHE A 1 13  ? -7.903  7.558   5.505   1.00 11.63 ? 13  PHE A N   1 
ATOM   86   C  CA  . PHE A 1 13  ? -6.993  6.516   5.963   1.00 13.16 ? 13  PHE A CA  1 
ATOM   87   C  C   . PHE A 1 13  ? -7.074  6.184   7.451   1.00 15.63 ? 13  PHE A C   1 
ATOM   88   O  O   . PHE A 1 13  ? -6.757  5.066   7.871   1.00 11.54 ? 13  PHE A O   1 
ATOM   89   C  CB  . PHE A 1 13  ? -5.564  6.914   5.637   1.00 10.90 ? 13  PHE A CB  1 
ATOM   90   C  CG  . PHE A 1 13  ? -4.533  5.844   5.811   1.00 12.76 ? 13  PHE A CG  1 
ATOM   91   C  CD1 . PHE A 1 13  ? -3.629  5.965   6.793   1.00 12.72 ? 13  PHE A CD1 1 
ATOM   92   C  CD2 . PHE A 1 13  ? -4.546  4.702   5.059   1.00 13.89 ? 13  PHE A CD2 1 
ATOM   93   C  CE1 . PHE A 1 13  ? -2.646  4.970   7.020   1.00 14.71 ? 13  PHE A CE1 1 
ATOM   94   C  CE2 . PHE A 1 13  ? -3.574  3.683   5.326   1.00 17.01 ? 13  PHE A CE2 1 
ATOM   95   C  CZ  . PHE A 1 13  ? -2.646  3.845   6.264   1.00 15.37 ? 13  PHE A CZ  1 
ATOM   96   N  N   . ASP A 1 14  ? -7.495  7.159   8.225   1.00 13.43 ? 14  ASP A N   1 
ATOM   97   C  CA  . ASP A 1 14  ? -7.544  7.000   9.683   1.00 16.63 ? 14  ASP A CA  1 
ATOM   98   C  C   . ASP A 1 14  ? -8.585  5.938   10.035  1.00 15.24 ? 14  ASP A C   1 
ATOM   99   O  O   . ASP A 1 14  ? -8.460  5.242   11.048  1.00 14.04 ? 14  ASP A O   1 
ATOM   100  C  CB  . ASP A 1 14  ? -7.877  8.345   10.342  1.00 16.98 ? 14  ASP A CB  1 
ATOM   101  C  CG  . ASP A 1 14  ? -7.587  8.318   11.818  1.00 18.45 ? 14  ASP A CG  1 
ATOM   102  O  OD1 . ASP A 1 14  ? -8.413  8.463   12.693  1.00 22.41 ? 14  ASP A OD1 1 
ATOM   103  O  OD2 . ASP A 1 14  ? -6.454  8.068   12.117  1.00 17.68 ? 14  ASP A OD2 1 
ATOM   104  N  N   . LYS A 1 15  ? -9.594  5.827   9.195   1.00 13.93 ? 15  LYS A N   1 
ATOM   105  C  CA  . LYS A 1 15  ? -10.642 4.816   9.395   1.00 13.67 ? 15  LYS A CA  1 
ATOM   106  C  C   . LYS A 1 15  ? -10.183 3.366   9.239   1.00 15.71 ? 15  LYS A C   1 
ATOM   107  O  O   . LYS A 1 15  ? -10.771 2.449   9.827   1.00 17.10 ? 15  LYS A O   1 
ATOM   108  C  CB  . LYS A 1 15  ? -11.795 5.013   8.419   1.00 22.56 ? 15  LYS A CB  1 
ATOM   109  C  CG  . LYS A 1 15  ? -12.521 6.321   8.565   1.00 23.80 ? 15  LYS A CG  1 
ATOM   110  C  CD  . LYS A 1 15  ? -13.255 6.684   7.277   0.00 0.00  ? 15  LYS A CD  1 
ATOM   111  C  CE  . LYS A 1 15  ? -14.664 7.172   7.560   0.00 0.00  ? 15  LYS A CE  1 
ATOM   112  N  NZ  . LYS A 1 15  ? -15.521 7.023   6.364   0.00 0.00  ? 15  LYS A NZ  1 
ATOM   113  N  N   . VAL A 1 16  ? -9.141  3.176   8.449   1.00 15.04 ? 16  VAL A N   1 
ATOM   114  C  CA  . VAL A 1 16  ? -8.721  1.823   8.052   1.00 18.43 ? 16  VAL A CA  1 
ATOM   115  C  C   . VAL A 1 16  ? -7.341  1.362   8.519   1.00 13.78 ? 16  VAL A C   1 
ATOM   116  O  O   . VAL A 1 16  ? -6.990  0.183   8.392   1.00 16.61 ? 16  VAL A O   1 
ATOM   117  C  CB  . VAL A 1 16  ? -8.741  1.705   6.536   1.00 15.01 ? 16  VAL A CB  1 
ATOM   118  C  CG1 . VAL A 1 16  ? -10.101 2.027   5.873   1.00 19.09 ? 16  VAL A CG1 1 
ATOM   119  C  CG2 . VAL A 1 16  ? -7.602  2.453   5.898   1.00 11.79 ? 16  VAL A CG2 1 
ATOM   120  N  N   . LYS A 1 17  ? -6.581  2.295   9.053   1.00 14.71 ? 17  LYS A N   1 
ATOM   121  C  CA  . LYS A 1 17  ? -5.174  2.029   9.385   1.00 13.55 ? 17  LYS A CA  1 
ATOM   122  C  C   . LYS A 1 17  ? -5.006  1.008   10.508  1.00 13.35 ? 17  LYS A C   1 
ATOM   123  O  O   . LYS A 1 17  ? -3.904  0.494   10.738  1.00 17.24 ? 17  LYS A O   1 
ATOM   124  C  CB  . LYS A 1 17  ? -4.454  3.305   9.809   1.00 20.54 ? 17  LYS A CB  1 
ATOM   125  C  CG  . LYS A 1 17  ? -4.999  3.949   11.070  1.00 18.73 ? 17  LYS A CG  1 
ATOM   126  C  CD  . LYS A 1 17  ? -3.946  4.837   11.732  1.00 36.52 ? 17  LYS A CD  1 
ATOM   127  C  CE  . LYS A 1 17  ? -4.532  5.640   12.882  1.00 43.95 ? 17  LYS A CE  1 
ATOM   128  N  NZ  . LYS A 1 17  ? -5.680  4.930   13.491  1.00 46.37 ? 17  LYS A NZ  1 
ATOM   129  N  N   . GLY A 1 18  ? -6.098  0.727   11.193  1.00 13.26 ? 18  GLY A N   1 
ATOM   130  C  CA  . GLY A 1 18  ? -6.095  -0.302  12.242  1.00 14.22 ? 18  GLY A CA  1 
ATOM   131  C  C   . GLY A 1 18  ? -6.357  -1.722  11.741  1.00 18.98 ? 18  GLY A C   1 
ATOM   132  O  O   . GLY A 1 18  ? -6.490  -2.659  12.537  1.00 15.15 ? 18  GLY A O   1 
ATOM   133  N  N   . ASP A 1 19  ? -6.432  -1.863  10.432  1.00 12.44 ? 19  ASP A N   1 
ATOM   134  C  CA  . ASP A 1 19  ? -6.617  -3.186  9.818   1.00 12.41 ? 19  ASP A CA  1 
ATOM   135  C  C   . ASP A 1 19  ? -5.506  -3.463  8.807   1.00 8.47  ? 19  ASP A C   1 
ATOM   136  O  O   . ASP A 1 19  ? -5.774  -3.717  7.629   1.00 8.35  ? 19  ASP A O   1 
ATOM   137  C  CB  . ASP A 1 19  ? -8.001  -3.256  9.141   1.00 8.77  ? 19  ASP A CB  1 
ATOM   138  C  CG  . ASP A 1 19  ? -8.265  -4.621  8.580   1.00 10.83 ? 19  ASP A CG  1 
ATOM   139  O  OD1 . ASP A 1 19  ? -7.767  -5.648  8.994   1.00 11.77 ? 19  ASP A OD1 1 
ATOM   140  O  OD2 . ASP A 1 19  ? -9.078  -4.665  7.701   1.00 11.06 ? 19  ASP A OD2 1 
ATOM   141  N  N   . PRO A 1 20  ? -4.274  -3.411  9.281   1.00 10.52 ? 20  PRO A N   1 
ATOM   142  C  CA  . PRO A 1 20  ? -3.119  -3.823  8.449   1.00 8.70  ? 20  PRO A CA  1 
ATOM   143  C  C   . PRO A 1 20  ? -3.268  -5.166  7.732   1.00 8.28  ? 20  PRO A C   1 
ATOM   144  O  O   . PRO A 1 20  ? -2.879  -5.306  6.567   1.00 7.91  ? 20  PRO A O   1 
ATOM   145  C  CB  . PRO A 1 20  ? -1.946  -3.596  9.347   1.00 10.86 ? 20  PRO A CB  1 
ATOM   146  C  CG  . PRO A 1 20  ? -2.427  -3.624  10.785  1.00 13.64 ? 20  PRO A CG  1 
ATOM   147  C  CD  . PRO A 1 20  ? -3.914  -3.297  10.687  1.00 12.12 ? 20  PRO A CD  1 
ATOM   148  N  N   . VAL A 1 21  ? -3.826  -6.134  8.438   1.00 9.51  ? 21  VAL A N   1 
ATOM   149  C  CA  . VAL A 1 21  ? -3.879  -7.558  7.903   1.00 10.34 ? 21  VAL A CA  1 
ATOM   150  C  C   . VAL A 1 21  ? -4.815  -7.579  6.701   1.00 7.81  ? 21  VAL A C   1 
ATOM   151  O  O   . VAL A 1 21  ? -4.495  -8.161  5.658   1.00 9.36  ? 21  VAL A O   1 
ATOM   152  C  CB  . VAL A 1 21  ? -4.392  -8.443  9.013   1.00 10.81 ? 21  VAL A CB  1 
ATOM   153  C  CG1 . VAL A 1 21  ? -5.174  -9.677  8.510   1.00 12.02 ? 21  VAL A CG1 1 
ATOM   154  C  CG2 . VAL A 1 21  ? -3.297  -8.809  9.974   1.00 9.58  ? 21  VAL A CG2 1 
ATOM   155  N  N   . GLY A 1 22  ? -5.957  -6.946  6.862   1.00 10.34 ? 22  GLY A N   1 
ATOM   156  C  CA  . GLY A 1 22  ? -6.909  -6.808  5.754   1.00 10.52 ? 22  GLY A CA  1 
ATOM   157  C  C   . GLY A 1 22  ? -6.391  -6.139  4.481   1.00 9.59  ? 22  GLY A C   1 
ATOM   158  O  O   . GLY A 1 22  ? -6.812  -6.479  3.371   1.00 9.07  ? 22  GLY A O   1 
ATOM   159  N  N   . ILE A 1 23  ? -5.488  -5.199  4.662   1.00 10.25 ? 23  ILE A N   1 
ATOM   160  C  CA  . ILE A 1 23  ? -5.022  -4.371  3.542   1.00 9.84  ? 23  ILE A CA  1 
ATOM   161  C  C   . ILE A 1 23  ? -4.010  -5.242  2.799   1.00 10.48 ? 23  ILE A C   1 
ATOM   162  O  O   . ILE A 1 23  ? -4.003  -5.285  1.562   1.00 9.64  ? 23  ILE A O   1 
ATOM   163  C  CB  . ILE A 1 23  ? -4.355  -3.062  4.035   1.00 8.89  ? 23  ILE A CB  1 
ATOM   164  C  CG1 . ILE A 1 23  ? -5.388  -1.994  4.494   1.00 10.13 ? 23  ILE A CG1 1 
ATOM   165  C  CG2 . ILE A 1 23  ? -3.485  -2.680  2.838   1.00 9.95  ? 23  ILE A CG2 1 
ATOM   166  C  CD1 . ILE A 1 23  ? -4.794  -0.904  5.417   1.00 8.58  ? 23  ILE A CD1 1 
ATOM   167  N  N   . LEU A 1 24  ? -3.170  -5.926  3.559   1.00 13.58 ? 24  LEU A N   1 
ATOM   168  C  CA  . LEU A 1 24  ? -2.124  -6.773  2.971   1.00 11.06 ? 24  LEU A CA  1 
ATOM   169  C  C   . LEU A 1 24  ? -2.767  -7.964  2.258   1.00 9.04  ? 24  LEU A C   1 
ATOM   170  O  O   . LEU A 1 24  ? -2.319  -8.374  1.179   1.00 10.08 ? 24  LEU A O   1 
ATOM   171  C  CB  . LEU A 1 24  ? -1.157  -7.263  4.062   1.00 10.41 ? 24  LEU A CB  1 
ATOM   172  C  CG  . LEU A 1 24  ? 0.002   -8.126  3.644   1.00 10.89 ? 24  LEU A CG  1 
ATOM   173  C  CD1 . LEU A 1 24  ? 0.866   -7.375  2.678   1.00 14.69 ? 24  LEU A CD1 1 
ATOM   174  C  CD2 . LEU A 1 24  ? 0.803   -8.536  4.846   1.00 13.47 ? 24  LEU A CD2 1 
ATOM   175  N  N   . TYR A 1 25  ? -3.805  -8.502  2.869   1.00 10.82 ? 25  TYR A N   1 
ATOM   176  C  CA  . TYR A 1 25  ? -4.597  -9.564  2.230   1.00 11.01 ? 25  TYR A CA  1 
ATOM   177  C  C   . TYR A 1 25  ? -5.154  -9.158  0.866   1.00 10.88 ? 25  TYR A C   1 
ATOM   178  O  O   . TYR A 1 25  ? -5.043  -9.904  -0.115  1.00 9.79  ? 25  TYR A O   1 
ATOM   179  C  CB  . TYR A 1 25  ? -5.751  -9.959  3.167   1.00 7.78  ? 25  TYR A CB  1 
ATOM   180  C  CG  . TYR A 1 25  ? -6.793  -10.898 2.551   1.00 13.35 ? 25  TYR A CG  1 
ATOM   181  C  CD1 . TYR A 1 25  ? -6.519  -12.276 2.556   1.00 12.34 ? 25  TYR A CD1 1 
ATOM   182  C  CD2 . TYR A 1 25  ? -7.922  -10.419 1.942   1.00 15.01 ? 25  TYR A CD2 1 
ATOM   183  C  CE1 . TYR A 1 25  ? -7.495  -13.179 1.962   1.00 12.20 ? 25  TYR A CE1 1 
ATOM   184  C  CE2 . TYR A 1 25  ? -8.885  -11.294 1.355   1.00 26.50 ? 25  TYR A CE2 1 
ATOM   185  C  CZ  . TYR A 1 25  ? -8.592  -12.665 1.366   1.00 13.75 ? 25  TYR A CZ  1 
ATOM   186  O  OH  . TYR A 1 25  ? -9.503  -13.517 0.781   1.00 18.68 ? 25  TYR A OH  1 
ATOM   187  N  N   . ALA A 1 26  ? -5.746  -7.985  0.824   1.00 10.03 ? 26  ALA A N   1 
ATOM   188  C  CA  . ALA A 1 26  ? -6.212  -7.419  -0.448  1.00 9.15  ? 26  ALA A CA  1 
ATOM   189  C  C   . ALA A 1 26  ? -5.156  -7.260  -1.542  1.00 10.51 ? 26  ALA A C   1 
ATOM   190  O  O   . ALA A 1 26  ? -5.428  -7.493  -2.726  1.00 10.88 ? 26  ALA A O   1 
ATOM   191  C  CB  . ALA A 1 26  ? -6.727  -6.006  -0.136  1.00 10.57 ? 26  ALA A CB  1 
ATOM   192  N  N   . VAL A 1 27  ? -3.967  -6.864  -1.131  1.00 11.02 ? 27  VAL A N   1 
ATOM   193  C  CA  . VAL A 1 27  ? -2.854  -6.705  -2.075  1.00 11.96 ? 27  VAL A CA  1 
ATOM   194  C  C   . VAL A 1 27  ? -2.324  -8.040  -2.603  1.00 11.18 ? 27  VAL A C   1 
ATOM   195  O  O   . VAL A 1 27  ? -2.097  -8.198  -3.809  1.00 10.88 ? 27  VAL A O   1 
ATOM   196  C  CB  . VAL A 1 27  ? -1.726  -5.946  -1.402  1.00 12.83 ? 27  VAL A CB  1 
ATOM   197  C  CG1 . VAL A 1 27  ? -0.403  -5.995  -2.157  1.00 12.60 ? 27  VAL A CG1 1 
ATOM   198  C  CG2 . VAL A 1 27  ? -2.137  -4.549  -1.021  1.00 13.84 ? 27  VAL A CG2 1 
ATOM   199  N  N   . PHE A 1 28  ? -2.133  -8.979  -1.692  1.00 11.79 ? 28  PHE A N   1 
ATOM   200  C  CA  . PHE A 1 28  ? -1.714  -10.337 -2.076  1.00 11.84 ? 28  PHE A CA  1 
ATOM   201  C  C   . PHE A 1 28  ? -2.725  -11.057 -2.968  1.00 9.33  ? 28  PHE A C   1 
ATOM   202  O  O   . PHE A 1 28  ? -2.349  -11.819 -3.866  1.00 11.22 ? 28  PHE A O   1 
ATOM   203  C  CB  . PHE A 1 28  ? -1.471  -11.156 -0.824  1.00 11.38 ? 28  PHE A CB  1 
ATOM   204  C  CG  . PHE A 1 28  ? -0.137  -11.040 -0.147  1.00 10.18 ? 28  PHE A CG  1 
ATOM   205  C  CD1 . PHE A 1 28  ? 0.717   -10.132 -0.584  1.00 9.26  ? 28  PHE A CD1 1 
ATOM   206  C  CD2 . PHE A 1 28  ? 0.179   -11.782 0.959   1.00 11.40 ? 28  PHE A CD2 1 
ATOM   207  C  CE1 . PHE A 1 28  ? 1.992   -9.966  0.025   1.00 12.56 ? 28  PHE A CE1 1 
ATOM   208  C  CE2 . PHE A 1 28  ? 1.430   -11.582 1.598   1.00 9.86  ? 28  PHE A CE2 1 
ATOM   209  C  CZ  . PHE A 1 28  ? 2.313   -10.718 1.107   1.00 12.97 ? 28  PHE A CZ  1 
ATOM   210  N  N   . LYS A 1 29  ? -3.992  -10.804 -2.709  1.00 10.81 ? 29  LYS A N   1 
ATOM   211  C  CA  . LYS A 1 29  ? -5.065  -11.399 -3.519  1.00 10.84 ? 29  LYS A CA  1 
ATOM   212  C  C   . LYS A 1 29  ? -5.192  -10.833 -4.932  1.00 14.12 ? 29  LYS A C   1 
ATOM   213  O  O   . LYS A 1 29  ? -5.590  -11.538 -5.867  1.00 10.86 ? 29  LYS A O   1 
ATOM   214  C  CB  . LYS A 1 29  ? -6.425  -11.216 -2.858  1.00 13.99 ? 29  LYS A CB  1 
ATOM   215  C  CG  . LYS A 1 29  ? -7.512  -12.128 -3.387  1.00 17.61 ? 29  LYS A CG  1 
ATOM   216  C  CD  . LYS A 1 29  ? -8.854  -11.818 -2.730  1.00 23.04 ? 29  LYS A CD  1 
ATOM   217  C  CE  . LYS A 1 29  ? -8.750  -11.824 -1.213  0.00 0.00  ? 29  LYS A CE  1 
ATOM   218  N  NZ  . LYS A 1 29  ? -9.886  -11.099 -0.603  0.00 0.00  ? 29  LYS A NZ  1 
ATOM   219  N  N   . ALA A 1 30  ? -4.853  -9.569  -5.067  1.00 12.19 ? 30  ALA A N   1 
ATOM   220  C  CA  . ALA A 1 30  ? -4.831  -8.926  -6.390  1.00 10.52 ? 30  ALA A CA  1 
ATOM   221  C  C   . ALA A 1 30  ? -3.712  -9.443  -7.297  1.00 11.70 ? 30  ALA A C   1 
ATOM   222  O  O   . ALA A 1 30  ? -3.874  -9.524  -8.507  1.00 11.68 ? 30  ALA A O   1 
ATOM   223  C  CB  . ALA A 1 30  ? -4.571  -7.427  -6.186  1.00 10.90 ? 30  ALA A CB  1 
ATOM   224  N  N   . ASP A 1 31  ? -2.592  -9.784  -6.686  1.00 10.46 ? 31  ASP A N   1 
ATOM   225  C  CA  . ASP A 1 31  ? -1.462  -10.305 -7.434  1.00 11.05 ? 31  ASP A CA  1 
ATOM   226  C  C   . ASP A 1 31  ? -0.627  -11.295 -6.622  1.00 10.07 ? 31  ASP A C   1 
ATOM   227  O  O   . ASP A 1 31  ? 0.268   -10.893 -5.869  1.00 10.26 ? 31  ASP A O   1 
ATOM   228  C  CB  . ASP A 1 31  ? -0.587  -9.133  -7.894  1.00 9.95  ? 31  ASP A CB  1 
ATOM   229  C  CG  . ASP A 1 31  ? 0.545   -9.608  -8.758  1.00 10.52 ? 31  ASP A CG  1 
ATOM   230  O  OD1 . ASP A 1 31  ? 0.861   -10.772 -8.909  1.00 9.63  ? 31  ASP A OD1 1 
ATOM   231  O  OD2 . ASP A 1 31  ? 1.114   -8.753  -9.371  1.00 10.53 ? 31  ASP A OD2 1 
ATOM   232  N  N   . PRO A 1 32  ? -0.895  -12.559 -6.799  1.00 12.22 ? 32  PRO A N   1 
ATOM   233  C  CA  . PRO A 1 32  ? -0.124  -13.620 -6.104  1.00 10.99 ? 32  PRO A CA  1 
ATOM   234  C  C   . PRO A 1 32  ? 1.363   -13.710 -6.298  1.00 8.36  ? 32  PRO A C   1 
ATOM   235  O  O   . PRO A 1 32  ? 2.071   -14.357 -5.518  1.00 8.72  ? 32  PRO A O   1 
ATOM   236  C  CB  . PRO A 1 32  ? -1.001  -14.818 -6.207  1.00 13.32 ? 32  PRO A CB  1 
ATOM   237  C  CG  . PRO A 1 32  ? -1.968  -14.610 -7.355  1.00 20.05 ? 32  PRO A CG  1 
ATOM   238  C  CD  . PRO A 1 32  ? -2.036  -13.096 -7.522  1.00 14.01 ? 32  PRO A CD  1 
ATOM   239  N  N   . SER A 1 33  ? 1.839   -13.053 -7.341  1.00 10.51 ? 33  SER A N   1 
ATOM   240  C  CA  . SER A 1 33  ? 3.286   -12.964 -7.592  1.00 10.49 ? 33  SER A CA  1 
ATOM   241  C  C   . SER A 1 33  ? 4.010   -12.027 -6.628  1.00 10.88 ? 33  SER A C   1 
ATOM   242  O  O   . SER A 1 33  ? 5.236   -12.084 -6.485  1.00 10.79 ? 33  SER A O   1 
ATOM   243  C  CB  . SER A 1 33  ? 3.548   -12.478 -8.997  1.00 11.51 ? 33  SER A CB  1 
ATOM   244  O  OG  . SER A 1 33  ? 3.382   -11.069 -9.115  1.00 10.70 ? 33  SER A OG  1 
ATOM   245  N  N   . ILE A 1 34  ? 3.244   -11.178 -5.982  1.00 12.05 ? 34  ILE A N   1 
ATOM   246  C  CA  . ILE A 1 34  ? 3.785   -10.342 -4.903  1.00 10.74 ? 34  ILE A CA  1 
ATOM   247  C  C   . ILE A 1 34  ? 3.993   -11.262 -3.699  1.00 10.59 ? 34  ILE A C   1 
ATOM   248  O  O   . ILE A 1 34  ? 5.063   -11.261 -3.079  1.00 10.31 ? 34  ILE A O   1 
ATOM   249  C  CB  . ILE A 1 34  ? 2.809   -9.195  -4.526  1.00 13.83 ? 34  ILE A CB  1 
ATOM   250  C  CG1 . ILE A 1 34  ? 2.619   -8.162  -5.668  1.00 11.30 ? 34  ILE A CG1 1 
ATOM   251  C  CG2 . ILE A 1 34  ? 3.430   -8.663  -3.234  1.00 10.93 ? 34  ILE A CG2 1 
ATOM   252  C  CD1 . ILE A 1 34  ? 1.659   -7.001  -5.310  1.00 12.13 ? 34  ILE A CD1 1 
ATOM   253  N  N   . MET A 1 35  ? 2.970   -12.027 -3.385  1.00 11.50 ? 35  MET A N   1 
ATOM   254  C  CA  . MET A 1 35  ? 3.066   -13.004 -2.296  1.00 12.24 ? 35  MET A CA  1 
ATOM   255  C  C   . MET A 1 35  ? 4.206   -14.012 -2.442  1.00 13.03 ? 35  MET A C   1 
ATOM   256  O  O   . MET A 1 35  ? 4.861   -14.373 -1.454  1.00 14.83 ? 35  MET A O   1 
ATOM   257  C  CB  . MET A 1 35  ? 1.744   -13.806 -2.182  1.00 11.48 ? 35  MET A CB  1 
ATOM   258  C  CG  . MET A 1 35  ? 1.792   -14.727 -0.996  1.00 13.25 ? 35  MET A CG  1 
ATOM   259  S  SD  . MET A 1 35  ? 0.177   -15.322 -0.589  1.00 13.12 ? 35  MET A SD  1 
ATOM   260  C  CE  . MET A 1 35  ? 0.223   -16.865 -1.444  1.00 16.60 ? 35  MET A CE  1 
ATOM   261  N  N   . ALA A 1 36  ? 4.432   -14.452 -3.669  1.00 15.22 ? 36  ALA A N   1 
ATOM   262  C  CA  . ALA A 1 36  ? 5.534   -15.379 -3.956  1.00 12.45 ? 36  ALA A CA  1 
ATOM   263  C  C   . ALA A 1 36  ? 6.985   -14.918 -3.791  1.00 17.49 ? 36  ALA A C   1 
ATOM   264  O  O   . ALA A 1 36  ? 7.917   -15.729 -3.827  1.00 15.31 ? 36  ALA A O   1 
ATOM   265  C  CB  . ALA A 1 36  ? 5.370   -15.749 -5.439  1.00 15.16 ? 36  ALA A CB  1 
ATOM   266  N  N   . LYS A 1 37  ? 7.157   -13.627 -3.613  1.00 14.87 ? 37  LYS A N   1 
ATOM   267  C  CA  . LYS A 1 37  ? 8.480   -13.071 -3.298  1.00 12.46 ? 37  LYS A CA  1 
ATOM   268  C  C   . LYS A 1 37  ? 8.867   -13.137 -1.823  1.00 16.27 ? 37  LYS A C   1 
ATOM   269  O  O   . LYS A 1 37  ? 10.007  -12.832 -1.451  1.00 16.04 ? 37  LYS A O   1 
ATOM   270  C  CB  . LYS A 1 37  ? 8.573   -11.603 -3.704  1.00 16.68 ? 37  LYS A CB  1 
ATOM   271  C  CG  . LYS A 1 37  ? 8.563   -11.358 -5.199  1.00 21.09 ? 37  LYS A CG  1 
ATOM   272  C  CD  . LYS A 1 37  ? 9.470   -10.193 -5.562  1.00 41.13 ? 37  LYS A CD  1 
ATOM   273  C  CE  . LYS A 1 37  ? 9.088   -9.587  -6.900  0.00 0.00  ? 37  LYS A CE  1 
ATOM   274  N  NZ  . LYS A 1 37  ? 10.292  -9.274  -7.697  0.00 0.00  ? 37  LYS A NZ  1 
ATOM   275  N  N   . PHE A 1 38  ? 7.918   -13.535 -1.004  1.00 15.35 ? 38  PHE A N   1 
ATOM   276  C  CA  . PHE A 1 38  ? 8.170   -13.670 0.435   1.00 14.17 ? 38  PHE A CA  1 
ATOM   277  C  C   . PHE A 1 38  ? 8.448   -15.147 0.720   1.00 15.99 ? 38  PHE A C   1 
ATOM   278  O  O   . PHE A 1 38  ? 7.590   -16.008 0.484   1.00 14.10 ? 38  PHE A O   1 
ATOM   279  C  CB  . PHE A 1 38  ? 6.966   -13.145 1.205   1.00 15.73 ? 38  PHE A CB  1 
ATOM   280  C  CG  . PHE A 1 38  ? 6.653   -11.678 1.186   1.00 14.41 ? 38  PHE A CG  1 
ATOM   281  C  CD1 . PHE A 1 38  ? 6.148   -11.125 0.058   1.00 13.60 ? 38  PHE A CD1 1 
ATOM   282  C  CD2 . PHE A 1 38  ? 6.785   -10.891 2.304   1.00 18.96 ? 38  PHE A CD2 1 
ATOM   283  C  CE1 . PHE A 1 38  ? 5.817   -9.740  -0.020  1.00 12.58 ? 38  PHE A CE1 1 
ATOM   284  C  CE2 . PHE A 1 38  ? 6.408   -9.507  2.228   1.00 17.19 ? 38  PHE A CE2 1 
ATOM   285  C  CZ  . PHE A 1 38  ? 5.971   -8.961  1.077   1.00 16.68 ? 38  PHE A CZ  1 
ATOM   286  N  N   . THR A 1 39  ? 9.646   -15.418 1.221   1.00 18.83 ? 39  THR A N   1 
ATOM   287  C  CA  . THR A 1 39  ? 10.020  -16.792 1.588   1.00 13.22 ? 39  THR A CA  1 
ATOM   288  C  C   . THR A 1 39  ? 9.051   -17.369 2.616   1.00 18.36 ? 39  THR A C   1 
ATOM   289  O  O   . THR A 1 39  ? 8.787   -18.578 2.636   1.00 20.11 ? 39  THR A O   1 
ATOM   290  C  CB  . THR A 1 39  ? 11.462  -16.744 2.122   1.00 13.14 ? 39  THR A CB  1 
ATOM   291  O  OG1 . THR A 1 39  ? 11.337  -16.122 3.396   1.00 29.62 ? 39  THR A OG1 1 
ATOM   292  C  CG2 . THR A 1 39  ? 12.378  -15.947 1.238   1.00 28.22 ? 39  THR A CG2 1 
ATOM   293  N  N   . GLN A 1 40  ? 8.536   -16.500 3.454   1.00 17.70 ? 40  GLN A N   1 
ATOM   294  C  CA  . GLN A 1 40  ? 7.627   -16.932 4.519   1.00 16.83 ? 40  GLN A CA  1 
ATOM   295  C  C   . GLN A 1 40  ? 6.188   -17.253 4.138   1.00 14.61 ? 40  GLN A C   1 
ATOM   296  O  O   . GLN A 1 40  ? 5.469   -17.936 4.882   1.00 16.18 ? 40  GLN A O   1 
ATOM   297  C  CB  . GLN A 1 40  ? 7.592   -15.859 5.573   1.00 21.19 ? 40  GLN A CB  1 
ATOM   298  C  CG  . GLN A 1 40  ? 6.798   -16.225 6.748   0.00 0.00  ? 40  GLN A CG  1 
ATOM   299  C  CD  . GLN A 1 40  ? 7.215   -17.535 7.426   0.00 0.00  ? 40  GLN A CD  1 
ATOM   300  O  OE1 . GLN A 1 40  ? 6.388   -18.492 7.437   0.00 0.00  ? 40  GLN A OE1 1 
ATOM   301  N  NE2 . GLN A 1 40  ? 8.352   -17.576 8.004   0.00 0.00  ? 40  GLN A NE2 1 
ATOM   302  N  N   . PHE A 1 41  ? 5.785   -16.758 2.985   1.00 17.83 ? 41  PHE A N   1 
ATOM   303  C  CA  . PHE A 1 41  ? 4.438   -17.041 2.475   1.00 16.16 ? 41  PHE A CA  1 
ATOM   304  C  C   . PHE A 1 41  ? 4.331   -17.828 1.167   1.00 11.13 ? 41  PHE A C   1 
ATOM   305  O  O   . PHE A 1 41  ? 3.295   -18.331 0.814   1.00 13.92 ? 41  PHE A O   1 
ATOM   306  C  CB  . PHE A 1 41  ? 3.693   -15.732 2.275   1.00 15.48 ? 41  PHE A CB  1 
ATOM   307  C  CG  . PHE A 1 41  ? 3.737   -14.857 3.497   1.00 12.52 ? 41  PHE A CG  1 
ATOM   308  C  CD1 . PHE A 1 41  ? 3.990   -13.533 3.356   1.00 14.75 ? 41  PHE A CD1 1 
ATOM   309  C  CD2 . PHE A 1 41  ? 3.478   -15.324 4.735   1.00 11.58 ? 41  PHE A CD2 1 
ATOM   310  C  CE1 . PHE A 1 41  ? 4.029   -12.652 4.474   1.00 16.42 ? 41  PHE A CE1 1 
ATOM   311  C  CE2 . PHE A 1 41  ? 3.477   -14.416 5.847   1.00 16.33 ? 41  PHE A CE2 1 
ATOM   312  C  CZ  . PHE A 1 41  ? 3.766   -13.134 5.707   1.00 15.40 ? 41  PHE A CZ  1 
ATOM   313  N  N   . ALA A 1 42  ? 5.447   -17.906 0.455   1.00 13.82 ? 42  ALA A N   1 
ATOM   314  C  CA  . ALA A 1 42  ? 5.439   -18.461 -0.908  1.00 15.46 ? 42  ALA A CA  1 
ATOM   315  C  C   . ALA A 1 42  ? 5.000   -19.917 -0.757  1.00 13.10 ? 42  ALA A C   1 
ATOM   316  O  O   . ALA A 1 42  ? 5.363   -20.595 0.214   1.00 16.53 ? 42  ALA A O   1 
ATOM   317  C  CB  . ALA A 1 42  ? 6.853   -18.504 -1.505  1.00 15.54 ? 42  ALA A CB  1 
ATOM   318  N  N   . GLY A 1 43  ? 4.223   -20.378 -1.716  1.00 15.18 ? 43  GLY A N   1 
ATOM   319  C  CA  . GLY A 1 43  ? 3.615   -21.688 -1.611  1.00 13.59 ? 43  GLY A CA  1 
ATOM   320  C  C   . GLY A 1 43  ? 2.555   -22.098 -0.590  1.00 13.98 ? 43  GLY A C   1 
ATOM   321  O  O   . GLY A 1 43  ? 2.313   -23.291 -0.365  1.00 14.42 ? 43  GLY A O   1 
ATOM   322  N  N   . LYS A 1 44  ? 1.941   -21.107 0.017   1.00 14.55 ? 44  LYS A N   1 
ATOM   323  C  CA  . LYS A 1 44  ? 0.933   -21.365 1.061   1.00 14.56 ? 44  LYS A CA  1 
ATOM   324  C  C   . LYS A 1 44  ? -0.409  -20.801 0.601   1.00 10.90 ? 44  LYS A C   1 
ATOM   325  O  O   . LYS A 1 44  ? -0.491  -20.110 -0.426  1.00 12.13 ? 44  LYS A O   1 
ATOM   326  C  CB  . LYS A 1 44  ? 1.338   -20.726 2.385   1.00 15.19 ? 44  LYS A CB  1 
ATOM   327  C  CG  . LYS A 1 44  ? 2.574   -21.323 3.026   1.00 22.51 ? 44  LYS A CG  1 
ATOM   328  C  CD  . LYS A 1 44  ? 2.761   -20.795 4.447   1.00 24.01 ? 44  LYS A CD  1 
ATOM   329  C  CE  . LYS A 1 44  ? 3.931   -21.470 5.138   0.00 0.00  ? 44  LYS A CE  1 
ATOM   330  N  NZ  . LYS A 1 44  ? 4.075   -20.980 6.525   0.00 0.00  ? 44  LYS A NZ  1 
ATOM   331  N  N   . ASP A 1 45  ? -1.441  -21.104 1.365   1.00 13.05 ? 45  ASP A N   1 
ATOM   332  C  CA  . ASP A 1 45  ? -2.807  -20.768 0.956   1.00 10.75 ? 45  ASP A CA  1 
ATOM   333  C  C   . ASP A 1 45  ? -3.013  -19.434 1.670   1.00 14.25 ? 45  ASP A C   1 
ATOM   334  O  O   . ASP A 1 45  ? -2.933  -19.354 2.903   1.00 10.80 ? 45  ASP A O   1 
ATOM   335  C  CB  . ASP A 1 45  ? -3.779  -21.888 1.378   1.00 10.24 ? 45  ASP A CB  1 
ATOM   336  C  CG  . ASP A 1 45  ? -5.179  -21.361 1.562   1.00 11.57 ? 45  ASP A CG  1 
ATOM   337  O  OD1 . ASP A 1 45  ? -5.884  -21.583 2.529   1.00 12.27 ? 45  ASP A OD1 1 
ATOM   338  O  OD2 . ASP A 1 45  ? -5.574  -20.623 0.700   1.00 12.43 ? 45  ASP A OD2 1 
ATOM   339  N  N   . LEU A 1 46  ? -3.275  -18.412 0.885   1.00 13.29 ? 46  LEU A N   1 
ATOM   340  C  CA  . LEU A 1 46  ? -3.435  -17.065 1.437   1.00 11.38 ? 46  LEU A CA  1 
ATOM   341  C  C   . LEU A 1 46  ? -4.509  -17.025 2.525   1.00 9.46  ? 46  LEU A C   1 
ATOM   342  O  O   . LEU A 1 46  ? -4.363  -16.323 3.535   1.00 10.06 ? 46  LEU A O   1 
ATOM   343  C  CB  . LEU A 1 46  ? -3.808  -16.069 0.321   1.00 11.38 ? 46  LEU A CB  1 
ATOM   344  C  CG  . LEU A 1 46  ? -4.292  -14.691 0.729   1.00 12.97 ? 46  LEU A CG  1 
ATOM   345  C  CD1 . LEU A 1 46  ? -3.202  -13.978 1.491   1.00 12.16 ? 46  LEU A CD1 1 
ATOM   346  C  CD2 . LEU A 1 46  ? -4.682  -13.879 -0.484  1.00 14.45 ? 46  LEU A CD2 1 
ATOM   347  N  N   . GLU A 1 47  ? -5.571  -17.778 2.299   1.00 12.24 ? 47  GLU A N   1 
ATOM   348  C  CA  . GLU A 1 47  ? -6.697  -17.795 3.240   1.00 14.06 ? 47  GLU A CA  1 
ATOM   349  C  C   . GLU A 1 47  ? -6.294  -18.408 4.579   1.00 19.18 ? 47  GLU A C   1 
ATOM   350  O  O   . GLU A 1 47  ? -6.854  -18.060 5.630   1.00 19.60 ? 47  GLU A O   1 
ATOM   351  C  CB  . GLU A 1 47  ? -7.901  -18.609 2.692   1.00 16.22 ? 47  GLU A CB  1 
ATOM   352  C  CG  . GLU A 1 47  ? -8.587  -18.061 1.424   1.00 18.68 ? 47  GLU A CG  1 
ATOM   353  C  CD  . GLU A 1 47  ? -9.034  -16.548 1.507   1.00 16.35 ? 47  GLU A CD  1 
ATOM   354  O  OE1 . GLU A 1 47  ? -8.862  -15.788 0.602   1.00 21.40 ? 47  GLU A OE1 1 
ATOM   355  O  OE2 . GLU A 1 47  ? -9.556  -16.363 2.608   1.00 19.89 ? 47  GLU A OE2 1 
ATOM   356  N  N   . SER A 1 48  ? -5.330  -19.313 4.522   1.00 14.18 ? 48  SER A N   1 
ATOM   357  C  CA  . SER A 1 48  ? -4.749  -19.880 5.749   1.00 18.73 ? 48  SER A CA  1 
ATOM   358  C  C   . SER A 1 48  ? -3.720  -19.110 6.574   1.00 18.50 ? 48  SER A C   1 
ATOM   359  O  O   . SER A 1 48  ? -3.652  -19.255 7.799   1.00 23.01 ? 48  SER A O   1 
ATOM   360  C  CB  . SER A 1 48  ? -4.050  -21.185 5.454   1.00 16.19 ? 48  SER A CB  1 
ATOM   361  O  OG  . SER A 1 48  ? -4.951  -22.166 4.958   1.00 22.52 ? 48  SER A OG  1 
ATOM   362  N  N   . ILE A 1 49  ? -2.932  -18.306 5.888   1.00 16.79 ? 49  ILE A N   1 
ATOM   363  C  CA  . ILE A 1 49  ? -1.899  -17.513 6.556   1.00 20.43 ? 49  ILE A CA  1 
ATOM   364  C  C   . ILE A 1 49  ? -2.399  -16.140 7.001   1.00 17.25 ? 49  ILE A C   1 
ATOM   365  O  O   . ILE A 1 49  ? -1.837  -15.528 7.914   1.00 14.83 ? 49  ILE A O   1 
ATOM   366  C  CB  . ILE A 1 49  ? -0.680  -17.254 5.636   1.00 13.39 ? 49  ILE A CB  1 
ATOM   367  C  CG1 . ILE A 1 49  ? -1.043  -16.414 4.384   1.00 21.42 ? 49  ILE A CG1 1 
ATOM   368  C  CG2 . ILE A 1 49  ? -0.176  -18.674 5.374   1.00 21.93 ? 49  ILE A CG2 1 
ATOM   369  C  CD1 . ILE A 1 49  ? 0.163   -16.104 3.472   1.00 15.34 ? 49  ILE A CD1 1 
ATOM   370  N  N   . LYS A 1 50  ? -3.444  -15.684 6.346   1.00 16.15 ? 50  LYS A N   1 
ATOM   371  C  CA  . LYS A 1 50  ? -4.114  -14.454 6.771   1.00 14.25 ? 50  LYS A CA  1 
ATOM   372  C  C   . LYS A 1 50  ? -4.310  -14.173 8.254   1.00 25.63 ? 50  LYS A C   1 
ATOM   373  O  O   . LYS A 1 50  ? -4.068  -13.051 8.726   1.00 18.51 ? 50  LYS A O   1 
ATOM   374  C  CB  . LYS A 1 50  ? -5.520  -14.354 6.192   1.00 15.13 ? 50  LYS A CB  1 
ATOM   375  C  CG  . LYS A 1 50  ? -6.198  -13.011 6.393   1.00 20.26 ? 50  LYS A CG  1 
ATOM   376  C  CD  . LYS A 1 50  ? -7.688  -13.092 6.073   1.00 37.64 ? 50  LYS A CD  1 
ATOM   377  C  CE  . LYS A 1 50  ? -8.332  -11.711 6.046   1.00 43.15 ? 50  LYS A CE  1 
ATOM   378  N  NZ  . LYS A 1 50  ? -9.778  -11.809 5.753   0.00 0.00  ? 50  LYS A NZ  1 
ATOM   379  N  N   . GLY A 1 51  ? -4.747  -15.192 8.971   1.00 21.04 ? 51  GLY A N   1 
ATOM   380  C  CA  . GLY A 1 51  ? -4.645  -15.187 10.434  1.00 20.67 ? 51  GLY A CA  1 
ATOM   381  C  C   . GLY A 1 51  ? -3.504  -15.566 11.381  1.00 13.51 ? 51  GLY A C   1 
ATOM   382  O  O   . GLY A 1 51  ? -3.724  -15.806 12.576  1.00 23.85 ? 51  GLY A O   1 
ATOM   383  N  N   . THR A 1 52  ? -2.301  -15.614 10.834  1.00 16.69 ? 52  THR A N   1 
ATOM   384  C  CA  . THR A 1 52  ? -1.145  -16.120 11.586  1.00 12.31 ? 52  THR A CA  1 
ATOM   385  C  C   . THR A 1 52  ? -0.321  -14.908 12.016  1.00 14.87 ? 52  THR A C   1 
ATOM   386  O  O   . THR A 1 52  ? -0.486  -13.803 11.476  1.00 12.50 ? 52  THR A O   1 
ATOM   387  C  CB  . THR A 1 52  ? -0.385  -17.091 10.662  1.00 14.96 ? 52  THR A CB  1 
ATOM   388  O  OG1 . THR A 1 52  ? 0.061   -16.268 9.588   1.00 12.30 ? 52  THR A OG1 1 
ATOM   389  C  CG2 . THR A 1 52  ? -1.264  -18.197 10.147  1.00 15.70 ? 52  THR A CG2 1 
ATOM   390  N  N   . ALA A 1 53  ? 0.552   -15.132 12.984  1.00 12.75 ? 53  ALA A N   1 
ATOM   391  C  CA  . ALA A 1 53  ? 1.458   -14.071 13.438  1.00 11.74 ? 53  ALA A CA  1 
ATOM   392  C  C   . ALA A 1 53  ? 2.499   -13.435 12.518  1.00 11.25 ? 53  ALA A C   1 
ATOM   393  O  O   . ALA A 1 53  ? 2.766   -12.226 12.601  1.00 12.71 ? 53  ALA A O   1 
ATOM   394  C  CB  . ALA A 1 53  ? 2.246   -14.733 14.580  1.00 11.01 ? 53  ALA A CB  1 
ATOM   395  N  N   . PRO A 1 54  ? 3.073   -14.258 11.652  1.00 13.47 ? 54  PRO A N   1 
ATOM   396  C  CA  . PRO A 1 54  ? 4.000   -13.753 10.631  1.00 11.83 ? 54  PRO A CA  1 
ATOM   397  C  C   . PRO A 1 54  ? 3.387   -12.817 9.592   1.00 9.36  ? 54  PRO A C   1 
ATOM   398  O  O   . PRO A 1 54  ? 3.994   -11.876 9.146   1.00 10.50 ? 54  PRO A O   1 
ATOM   399  C  CB  . PRO A 1 54  ? 4.760   -14.959 10.196  1.00 19.96 ? 54  PRO A CB  1 
ATOM   400  C  CG  . PRO A 1 54  ? 4.436   -16.102 11.133  1.00 17.84 ? 54  PRO A CG  1 
ATOM   401  C  CD  . PRO A 1 54  ? 3.105   -15.705 11.764  1.00 17.11 ? 54  PRO A CD  1 
ATOM   402  N  N   . PHE A 1 55  ? 2.151   -13.106 9.232   1.00 13.10 ? 55  PHE A N   1 
ATOM   403  C  CA  . PHE A 1 55  ? 1.396   -12.212 8.350   1.00 8.65  ? 55  PHE A CA  1 
ATOM   404  C  C   . PHE A 1 55  ? 1.144   -10.846 8.979   1.00 8.67  ? 55  PHE A C   1 
ATOM   405  O  O   . PHE A 1 55  ? 1.366   -9.803  8.345   1.00 9.46  ? 55  PHE A O   1 
ATOM   406  C  CB  . PHE A 1 55  ? 0.075   -12.859 7.987   1.00 10.41 ? 55  PHE A CB  1 
ATOM   407  C  CG  . PHE A 1 55  ? -0.660  -12.331 6.791   1.00 10.24 ? 55  PHE A CG  1 
ATOM   408  C  CD1 . PHE A 1 55  ? -0.357  -12.819 5.571   1.00 14.59 ? 55  PHE A CD1 1 
ATOM   409  C  CD2 . PHE A 1 55  ? -1.685  -11.424 6.906   1.00 10.89 ? 55  PHE A CD2 1 
ATOM   410  C  CE1 . PHE A 1 55  ? -1.027  -12.373 4.397   1.00 12.95 ? 55  PHE A CE1 1 
ATOM   411  C  CE2 . PHE A 1 55  ? -2.384  -11.013 5.724   1.00 9.49  ? 55  PHE A CE2 1 
ATOM   412  C  CZ  . PHE A 1 55  ? -2.026  -11.462 4.509   1.00 9.21  ? 55  PHE A CZ  1 
ATOM   413  N  N   . GLU A 1 56  ? 0.682   -10.871 10.215  1.00 11.19 ? 56  GLU A N   1 
ATOM   414  C  CA  . GLU A 1 56  ? 0.473   -9.628  10.962  1.00 14.87 ? 56  GLU A CA  1 
ATOM   415  C  C   . GLU A 1 56  ? 1.726   -8.787  11.200  1.00 13.31 ? 56  GLU A C   1 
ATOM   416  O  O   . GLU A 1 56  ? 1.682   -7.548  11.127  1.00 9.89  ? 56  GLU A O   1 
ATOM   417  C  CB  . GLU A 1 56  ? -0.120  -9.893  12.375  1.00 12.37 ? 56  GLU A CB  1 
ATOM   418  C  CG  . GLU A 1 56  ? -0.361  -8.660  13.270  1.00 15.49 ? 56  GLU A CG  1 
ATOM   419  C  CD  . GLU A 1 56  ? -1.650  -8.736  14.173  1.00 43.95 ? 56  GLU A CD  1 
ATOM   420  O  OE1 . GLU A 1 56  ? -2.269  -7.758  14.474  1.00 45.09 ? 56  GLU A OE1 1 
ATOM   421  O  OE2 . GLU A 1 56  ? -1.847  -9.917  14.454  1.00 45.09 ? 56  GLU A OE2 1 
ATOM   422  N  N   . THR A 1 57  ? 2.821   -9.471  11.481  1.00 12.28 ? 57  THR A N   1 
ATOM   423  C  CA  . THR A 1 57  ? 4.075   -8.798  11.683  1.00 9.95  ? 57  THR A CA  1 
ATOM   424  C  C   . THR A 1 57  ? 4.485   -8.045  10.418  1.00 11.61 ? 57  THR A C   1 
ATOM   425  O  O   . THR A 1 57  ? 4.832   -6.857  10.471  1.00 10.73 ? 57  THR A O   1 
ATOM   426  C  CB  . THR A 1 57  ? 5.106   -9.866  12.077  1.00 16.25 ? 57  THR A CB  1 
ATOM   427  O  OG1 . THR A 1 57  ? 4.727   -10.238 13.396  1.00 18.58 ? 57  THR A OG1 1 
ATOM   428  C  CG2 . THR A 1 57  ? 6.510   -9.335  12.061  1.00 17.91 ? 57  THR A CG2 1 
ATOM   429  N  N   . HIS A 1 58  ? 4.435   -8.747  9.301   1.00 10.80 ? 58  HIS A N   1 
ATOM   430  C  CA  . HIS A 1 58  ? 4.726   -8.117  8.001   1.00 10.17 ? 58  HIS A CA  1 
ATOM   431  C  C   . HIS A 1 58  ? 3.752   -7.000  7.634   1.00 7.99  ? 58  HIS A C   1 
ATOM   432  O  O   . HIS A 1 58  ? 4.153   -5.947  7.116   1.00 10.14 ? 58  HIS A O   1 
ATOM   433  C  CB  . HIS A 1 58  ? 4.696   -9.190  6.916   1.00 8.79  ? 58  HIS A CB  1 
ATOM   434  C  CG  A HIS A 1 58  ? 6.041   -9.865  6.845   0.50 11.71 ? 58  HIS A CG  1 
ATOM   435  C  CG  B HIS A 1 58  ? 5.110   -8.258  5.810   0.50 6.92  ? 58  HIS A CG  1 
ATOM   436  N  ND1 A HIS A 1 58  ? 6.282   -11.092 7.439   0.50 26.84 ? 58  HIS A ND1 1 
ATOM   437  N  ND1 B HIS A 1 58  ? 4.267   -7.947  4.756   0.50 12.94 ? 58  HIS A ND1 1 
ATOM   438  C  CD2 A HIS A 1 58  ? 7.214   -9.479  6.281   0.50 13.19 ? 58  HIS A CD2 1 
ATOM   439  C  CD2 B HIS A 1 58  ? 6.271   -7.598  5.574   0.50 43.95 ? 58  HIS A CD2 1 
ATOM   440  C  CE1 A HIS A 1 58  ? 7.545   -11.414 7.237   0.50 29.45 ? 58  HIS A CE1 1 
ATOM   441  C  CE1 B HIS A 1 58  ? 4.907   -7.139  3.933   0.50 7.98  ? 58  HIS A CE1 1 
ATOM   442  N  NE2 A HIS A 1 58  ? 8.112   -10.469 6.523   0.50 19.09 ? 58  HIS A NE2 1 
ATOM   443  N  NE2 B HIS A 1 58  ? 6.102   -6.899  4.421   0.50 14.33 ? 58  HIS A NE2 1 
ATOM   444  N  N   . ALA A 1 59  ? 2.493   -7.246  7.902   1.00 9.77  ? 59  ALA A N   1 
ATOM   445  C  CA  . ALA A 1 59  ? 1.441   -6.310  7.494   1.00 9.29  ? 59  ALA A CA  1 
ATOM   446  C  C   . ALA A 1 59  ? 1.694   -5.007  8.251   1.00 12.27 ? 59  ALA A C   1 
ATOM   447  O  O   . ALA A 1 59  ? 1.506   -3.907  7.709   1.00 8.49  ? 59  ALA A O   1 
ATOM   448  C  CB  . ALA A 1 59  ? 0.090   -6.798  7.934   1.00 9.22  ? 59  ALA A CB  1 
ATOM   449  N  N   . ASN A 1 60  ? 2.113   -5.149  9.494   1.00 10.19 ? 60  ASN A N   1 
ATOM   450  C  CA  . ASN A 1 60  ? 2.343   -3.977  10.350  1.00 9.61  ? 60  ASN A CA  1 
ATOM   451  C  C   . ASN A 1 60  ? 3.525   -3.140  9.865   1.00 8.47  ? 60  ASN A C   1 
ATOM   452  O  O   . ASN A 1 60  ? 3.512   -1.904  9.970   1.00 8.69  ? 60  ASN A O   1 
ATOM   453  C  CB  . ASN A 1 60  ? 2.586   -4.432  11.804  1.00 10.83 ? 60  ASN A CB  1 
ATOM   454  C  CG  . ASN A 1 60  ? 1.323   -4.533  12.559  1.00 11.33 ? 60  ASN A CG  1 
ATOM   455  O  OD1 . ASN A 1 60  ? 0.973   -5.508  13.196  1.00 27.85 ? 60  ASN A OD1 1 
ATOM   456  N  ND2 . ASN A 1 60  ? 0.534   -3.387  12.568  1.00 20.14 ? 60  ASN A ND2 1 
ATOM   457  N  N   . ARG A 1 61  ? 4.533   -3.825  9.340   1.00 10.22 ? 61  ARG A N   1 
ATOM   458  C  CA  . ARG A 1 61  ? 5.699   -3.136  8.769   1.00 10.14 ? 61  ARG A CA  1 
ATOM   459  C  C   . ARG A 1 61  ? 5.364   -2.334  7.512   1.00 9.38  ? 61  ARG A C   1 
ATOM   460  O  O   . ARG A 1 61  ? 5.778   -1.173  7.367   1.00 9.57  ? 61  ARG A O   1 
ATOM   461  C  CB  . ARG A 1 61  ? 6.814   -4.131  8.398   1.00 11.47 ? 61  ARG A CB  1 
ATOM   462  C  CG  . ARG A 1 61  ? 7.534   -4.756  9.606   1.00 13.38 ? 61  ARG A CG  1 
ATOM   463  C  CD  . ARG A 1 61  ? 8.675   -5.626  9.131   1.00 13.12 ? 61  ARG A CD  1 
ATOM   464  N  NE  . ARG A 1 61  ? 9.423   -6.178  10.269  1.00 22.11 ? 61  ARG A NE  1 
ATOM   465  C  CZ  . ARG A 1 61  ? 9.839   -7.453  10.326  1.00 20.29 ? 61  ARG A CZ  1 
ATOM   466  N  NH1 . ARG A 1 61  ? 10.122  -8.133  9.209   1.00 29.55 ? 61  ARG A NH1 1 
ATOM   467  N  NH2 . ARG A 1 61  ? 9.970   -8.029  11.508  1.00 22.55 ? 61  ARG A NH2 1 
ATOM   468  N  N   . ILE A 1 62  ? 4.625   -2.963  6.624   1.00 11.84 ? 62  ILE A N   1 
ATOM   469  C  CA  . ILE A 1 62  ? 4.428   -2.408  5.273   1.00 11.79 ? 62  ILE A CA  1 
ATOM   470  C  C   . ILE A 1 62  ? 3.433   -1.254  5.380   1.00 8.62  ? 62  ILE A C   1 
ATOM   471  O  O   . ILE A 1 62  ? 3.665   -0.157  4.849   1.00 9.90  ? 62  ILE A O   1 
ATOM   472  C  CB  . ILE A 1 62  ? 3.870   -3.469  4.300   1.00 12.92 ? 62  ILE A CB  1 
ATOM   473  C  CG1 A ILE A 1 62  ? 4.889   -4.593  3.990   0.50 13.98 ? 62  ILE A CG1 1 
ATOM   474  C  CG1 B ILE A 1 62  ? 3.688   -2.915  2.865   0.50 12.94 ? 62  ILE A CG1 1 
ATOM   475  C  CG2 A ILE A 1 62  ? 3.431   -2.600  3.118   0.50 12.35 ? 62  ILE A CG2 1 
ATOM   476  C  CG2 B ILE A 1 62  ? 2.598   -3.920  5.024   0.50 43.95 ? 62  ILE A CG2 1 
ATOM   477  C  CD1 A ILE A 1 62  ? 4.233   -5.961  3.699   0.50 11.24 ? 62  ILE A CD1 1 
ATOM   478  C  CD1 B ILE A 1 62  ? 2.327   -2.217  2.639   0.50 10.89 ? 62  ILE A CD1 1 
ATOM   479  N  N   . VAL A 1 63  ? 2.344   -1.518  6.066   1.00 11.66 ? 63  VAL A N   1 
ATOM   480  C  CA  . VAL A 1 63  ? 1.304   -0.497  6.243   1.00 7.37  ? 63  VAL A CA  1 
ATOM   481  C  C   . VAL A 1 63  ? 1.705   0.599   7.230   1.00 12.25 ? 63  VAL A C   1 
ATOM   482  O  O   . VAL A 1 63  ? 1.255   1.749   7.120   1.00 10.41 ? 63  VAL A O   1 
ATOM   483  C  CB  . VAL A 1 63  ? 0.016   -1.154  6.718   1.00 12.10 ? 63  VAL A CB  1 
ATOM   484  C  CG1 . VAL A 1 63  ? -1.077  -0.168  7.216   1.00 11.55 ? 63  VAL A CG1 1 
ATOM   485  C  CG2 . VAL A 1 63  ? -0.519  -2.141  5.722   1.00 8.78  ? 63  VAL A CG2 1 
ATOM   486  N  N   . GLY A 1 64  ? 2.545   0.225   8.178   1.00 11.30 ? 64  GLY A N   1 
ATOM   487  C  CA  . GLY A 1 64  ? 3.244   1.221   9.001   1.00 11.06 ? 64  GLY A CA  1 
ATOM   488  C  C   . GLY A 1 64  ? 4.080   2.269   8.261   1.00 8.00  ? 64  GLY A C   1 
ATOM   489  O  O   . GLY A 1 64  ? 4.077   3.456   8.625   1.00 8.10  ? 64  GLY A O   1 
ATOM   490  N  N   . PHE A 1 65  ? 4.785   1.814   7.236   1.00 10.35 ? 65  PHE A N   1 
ATOM   491  C  CA  . PHE A 1 65  ? 5.600   2.721   6.417   1.00 9.36  ? 65  PHE A CA  1 
ATOM   492  C  C   . PHE A 1 65  ? 4.735   3.555   5.475   1.00 8.98  ? 65  PHE A C   1 
ATOM   493  O  O   . PHE A 1 65  ? 5.018   4.734   5.223   1.00 8.80  ? 65  PHE A O   1 
ATOM   494  C  CB  . PHE A 1 65  ? 6.609   1.915   5.628   1.00 9.48  ? 65  PHE A CB  1 
ATOM   495  C  CG  . PHE A 1 65  ? 7.714   2.733   5.033   1.00 9.19  ? 65  PHE A CG  1 
ATOM   496  C  CD1 . PHE A 1 65  ? 7.735   2.936   3.698   1.00 11.34 ? 65  PHE A CD1 1 
ATOM   497  C  CD2 . PHE A 1 65  ? 8.657   3.353   5.810   1.00 11.31 ? 65  PHE A CD2 1 
ATOM   498  C  CE1 . PHE A 1 65  ? 8.750   3.716   3.074   1.00 13.63 ? 65  PHE A CE1 1 
ATOM   499  C  CE2 . PHE A 1 65  ? 9.652   4.174   5.176   1.00 15.20 ? 65  PHE A CE2 1 
ATOM   500  C  CZ  . PHE A 1 65  ? 9.698   4.309   3.840   1.00 11.42 ? 65  PHE A CZ  1 
ATOM   501  N  N   . PHE A 1 66  ? 3.692   2.928   4.968   1.00 12.17 ? 66  PHE A N   1 
ATOM   502  C  CA  . PHE A 1 66  ? 2.732   3.634   4.114   1.00 12.97 ? 66  PHE A CA  1 
ATOM   503  C  C   . PHE A 1 66  ? 2.042   4.710   4.951   1.00 8.68  ? 66  PHE A C   1 
ATOM   504  O  O   . PHE A 1 66  ? 1.804   5.830   4.480   1.00 12.18 ? 66  PHE A O   1 
ATOM   505  C  CB  . PHE A 1 66  ? 1.739   2.641   3.546   1.00 12.14 ? 66  PHE A CB  1 
ATOM   506  C  CG  . PHE A 1 66  ? 0.765   3.169   2.530   1.00 9.63  ? 66  PHE A CG  1 
ATOM   507  C  CD1 . PHE A 1 66  ? 1.218   3.532   1.310   1.00 20.70 ? 66  PHE A CD1 1 
ATOM   508  C  CD2 . PHE A 1 66  ? -0.588  3.225   2.776   1.00 18.84 ? 66  PHE A CD2 1 
ATOM   509  C  CE1 . PHE A 1 66  ? 0.346   4.025   0.297   1.00 14.81 ? 66  PHE A CE1 1 
ATOM   510  C  CE2 . PHE A 1 66  ? -1.466  3.683   1.733   1.00 16.49 ? 66  PHE A CE2 1 
ATOM   511  C  CZ  . PHE A 1 66  ? -0.986  4.098   0.546   1.00 12.96 ? 66  PHE A CZ  1 
ATOM   512  N  N   . SER A 1 67  ? 1.734   4.351   6.179   1.00 11.59 ? 67  SER A N   1 
ATOM   513  C  CA  . SER A 1 67  ? 1.188   5.326   7.131   1.00 8.70  ? 67  SER A CA  1 
ATOM   514  C  C   . SER A 1 67  ? 2.078   6.532   7.433   1.00 12.86 ? 67  SER A C   1 
ATOM   515  O  O   . SER A 1 67  ? 1.584   7.660   7.598   1.00 10.15 ? 67  SER A O   1 
ATOM   516  C  CB  . SER A 1 67  ? 0.892   4.664   8.457   1.00 13.26 ? 67  SER A CB  1 
ATOM   517  O  OG  . SER A 1 67  ? 0.167   5.526   9.334   1.00 15.72 ? 67  SER A OG  1 
ATOM   518  N  N   . LYS A 1 68  ? 3.378   6.279   7.502   1.00 10.23 ? 68  LYS A N   1 
ATOM   519  C  CA  . LYS A 1 68  ? 4.358   7.372   7.587   1.00 9.30  ? 68  LYS A CA  1 
ATOM   520  C  C   . LYS A 1 68  ? 4.191   8.328   6.407   1.00 12.71 ? 68  LYS A C   1 
ATOM   521  O  O   . LYS A 1 68  ? 4.291   9.554   6.560   1.00 9.94  ? 68  LYS A O   1 
ATOM   522  C  CB  . LYS A 1 68  ? 5.784   6.841   7.599   1.00 9.72  ? 68  LYS A CB  1 
ATOM   523  C  CG  . LYS A 1 68  ? 6.851   7.912   7.718   1.00 9.04  ? 68  LYS A CG  1 
ATOM   524  C  CD  . LYS A 1 68  ? 8.125   7.342   8.326   1.00 12.06 ? 68  LYS A CD  1 
ATOM   525  C  CE  . LYS A 1 68  ? 9.356   8.048   7.789   1.00 17.16 ? 68  LYS A CE  1 
ATOM   526  N  NZ  . LYS A 1 68  ? 9.104   9.497   7.622   1.00 13.71 ? 68  LYS A NZ  1 
ATOM   527  N  N   . ILE A 1 69  ? 3.940   7.752   5.246   1.00 12.85 ? 69  ILE A N   1 
ATOM   528  C  CA  . ILE A 1 69  ? 4.062   8.505   3.990   1.00 11.55 ? 69  ILE A CA  1 
ATOM   529  C  C   . ILE A 1 69  ? 2.809   9.375   3.932   1.00 11.49 ? 69  ILE A C   1 
ATOM   530  O  O   . ILE A 1 69  ? 2.870   10.557  3.564   1.00 10.80 ? 69  ILE A O   1 
ATOM   531  C  CB  . ILE A 1 69  ? 4.124   7.562   2.763   1.00 11.49 ? 69  ILE A CB  1 
ATOM   532  C  CG1 . ILE A 1 69  ? 5.546   7.005   2.511   1.00 14.12 ? 69  ILE A CG1 1 
ATOM   533  C  CG2 . ILE A 1 69  ? 3.531   8.446   1.664   1.00 18.79 ? 69  ILE A CG2 1 
ATOM   534  C  CD1 . ILE A 1 69  ? 5.601   5.925   1.412   1.00 23.70 ? 69  ILE A CD1 1 
ATOM   535  N  N   . ILE A 1 70  ? 1.693   8.777   4.295   1.00 10.58 ? 70  ILE A N   1 
ATOM   536  C  CA  . ILE A 1 70  ? 0.415   9.491   4.253   1.00 8.12  ? 70  ILE A CA  1 
ATOM   537  C  C   . ILE A 1 70  ? 0.421   10.624  5.264   1.00 14.22 ? 70  ILE A C   1 
ATOM   538  O  O   . ILE A 1 70  ? -0.113  11.711  4.995   1.00 12.23 ? 70  ILE A O   1 
ATOM   539  C  CB  . ILE A 1 70  ? -0.777  8.557   4.594   1.00 10.12 ? 70  ILE A CB  1 
ATOM   540  C  CG1 . ILE A 1 70  ? -1.060  7.511   3.484   1.00 11.67 ? 70  ILE A CG1 1 
ATOM   541  C  CG2 . ILE A 1 70  ? -1.898  9.561   4.876   1.00 12.21 ? 70  ILE A CG2 1 
ATOM   542  C  CD1 . ILE A 1 70  ? -1.208  8.126   2.075   1.00 20.28 ? 70  ILE A CD1 1 
ATOM   543  N  N   . GLY A 1 71  ? 1.019   10.375  6.409   1.00 14.65 ? 71  GLY A N   1 
ATOM   544  C  CA  . GLY A 1 71  ? 1.125   11.391  7.455   1.00 10.53 ? 71  GLY A CA  1 
ATOM   545  C  C   . GLY A 1 71  ? 1.966   12.622  7.155   1.00 13.59 ? 71  GLY A C   1 
ATOM   546  O  O   . GLY A 1 71  ? 1.698   13.707  7.688   1.00 19.74 ? 71  GLY A O   1 
ATOM   547  N  N   . GLU A 1 72  ? 2.962   12.463  6.308   1.00 11.42 ? 72  GLU A N   1 
ATOM   548  C  CA  . GLU A 1 72  ? 3.779   13.584  5.850   1.00 10.47 ? 72  GLU A CA  1 
ATOM   549  C  C   . GLU A 1 72  ? 3.632   14.255  4.485   1.00 11.18 ? 72  GLU A C   1 
ATOM   550  O  O   . GLU A 1 72  ? 4.505   15.019  4.051   1.00 13.13 ? 72  GLU A O   1 
ATOM   551  C  CB  . GLU A 1 72  ? 5.288   13.259  5.831   1.00 12.16 ? 72  GLU A CB  1 
ATOM   552  C  CG  . GLU A 1 72  ? 5.768   12.323  4.709   1.00 11.56 ? 72  GLU A CG  1 
ATOM   553  C  CD  . GLU A 1 72  ? 6.917   11.347  5.123   1.00 18.77 ? 72  GLU A CD  1 
ATOM   554  O  OE1 . GLU A 1 72  ? 7.499   11.465  6.155   1.00 16.31 ? 72  GLU A OE1 1 
ATOM   555  O  OE2 . GLU A 1 72  ? 7.043   10.521  4.225   1.00 16.90 ? 72  GLU A OE2 1 
ATOM   556  N  N   . LEU A 1 73  ? 2.531   13.960  3.827   1.00 13.57 ? 73  LEU A N   1 
ATOM   557  C  CA  . LEU A 1 73  ? 2.250   14.567  2.517   1.00 11.51 ? 73  LEU A CA  1 
ATOM   558  C  C   . LEU A 1 73  ? 2.292   16.084  2.712   1.00 11.31 ? 73  LEU A C   1 
ATOM   559  O  O   . LEU A 1 73  ? 1.812   16.612  3.729   1.00 10.81 ? 73  LEU A O   1 
ATOM   560  C  CB  . LEU A 1 73  ? 0.870   14.094  2.004   1.00 11.89 ? 73  LEU A CB  1 
ATOM   561  C  CG  . LEU A 1 73  ? 0.675   12.612  1.753   1.00 10.08 ? 73  LEU A CG  1 
ATOM   562  C  CD1 . LEU A 1 73  ? -0.797  12.310  1.685   1.00 10.10 ? 73  LEU A CD1 1 
ATOM   563  C  CD2 . LEU A 1 73  ? 1.351   12.210  0.473   1.00 11.13 ? 73  LEU A CD2 1 
ATOM   564  N  N   . PRO A 1 74  ? 2.791   16.759  1.715   1.00 14.66 ? 74  PRO A N   1 
ATOM   565  C  CA  . PRO A 1 74  ? 3.445   16.034  0.575   1.00 12.73 ? 74  PRO A CA  1 
ATOM   566  C  C   . PRO A 1 74  ? 4.950   15.783  0.446   1.00 11.19 ? 74  PRO A C   1 
ATOM   567  O  O   . PRO A 1 74  ? 5.471   15.617  -0.663  1.00 15.65 ? 74  PRO A O   1 
ATOM   568  C  CB  . PRO A 1 74  ? 3.256   16.986  -0.565  1.00 19.19 ? 74  PRO A CB  1 
ATOM   569  C  CG  . PRO A 1 74  ? 3.308   18.387  0.021   1.00 18.25 ? 74  PRO A CG  1 
ATOM   570  C  CD  . PRO A 1 74  ? 3.011   18.178  1.503   1.00 13.28 ? 74  PRO A CD  1 
ATOM   571  N  N   . ASN A 1 75  ? 5.624   15.761  1.581   1.00 14.22 ? 75  ASN A N   1 
ATOM   572  C  CA  . ASN A 1 75  ? 7.094   15.829  1.595   1.00 13.64 ? 75  ASN A CA  1 
ATOM   573  C  C   . ASN A 1 75  ? 7.509   14.387  1.713   1.00 11.67 ? 75  ASN A C   1 
ATOM   574  O  O   . ASN A 1 75  ? 7.973   13.942  2.773   1.00 14.14 ? 75  ASN A O   1 
ATOM   575  C  CB  . ASN A 1 75  ? 7.561   16.720  2.766   1.00 21.73 ? 75  ASN A CB  1 
ATOM   576  C  CG  . ASN A 1 75  ? 8.980   16.409  3.151   1.00 16.80 ? 75  ASN A CG  1 
ATOM   577  O  OD1 . ASN A 1 75  ? 9.345   16.123  4.276   1.00 23.22 ? 75  ASN A OD1 1 
ATOM   578  N  ND2 . ASN A 1 75  ? 9.891   16.395  2.108   1.00 19.81 ? 75  ASN A ND2 1 
ATOM   579  N  N   . ILE A 1 76  ? 7.340   13.655  0.625   1.00 12.31 ? 76  ILE A N   1 
ATOM   580  C  CA  . ILE A 1 76  ? 7.564   12.213  0.646   1.00 11.10 ? 76  ILE A CA  1 
ATOM   581  C  C   . ILE A 1 76  ? 8.797   11.635  -0.055  1.00 8.79  ? 76  ILE A C   1 
ATOM   582  O  O   . ILE A 1 76  ? 9.020   10.418  -0.036  1.00 9.91  ? 76  ILE A O   1 
ATOM   583  C  CB  . ILE A 1 76  ? 6.394   11.448  -0.019  1.00 10.78 ? 76  ILE A CB  1 
ATOM   584  C  CG1 . ILE A 1 76  ? 6.298   11.697  -1.546  1.00 10.57 ? 76  ILE A CG1 1 
ATOM   585  C  CG2 . ILE A 1 76  ? 5.201   11.913  0.819   1.00 10.15 ? 76  ILE A CG2 1 
ATOM   586  C  CD1 . ILE A 1 76  ? 5.121   10.957  -2.225  1.00 13.03 ? 76  ILE A CD1 1 
ATOM   587  N  N   . GLU A 1 77  ? 9.577   12.513  -0.662  1.00 10.29 ? 77  GLU A N   1 
ATOM   588  C  CA  . GLU A 1 77  ? 10.683  12.076  -1.528  1.00 10.69 ? 77  GLU A CA  1 
ATOM   589  C  C   . GLU A 1 77  ? 11.727  11.191  -0.839  1.00 8.46  ? 77  GLU A C   1 
ATOM   590  O  O   . GLU A 1 77  ? 12.178  10.188  -1.401  1.00 9.39  ? 77  GLU A O   1 
ATOM   591  C  CB  . GLU A 1 77  ? 11.468  13.281  -2.112  1.00 15.41 ? 77  GLU A CB  1 
ATOM   592  C  CG  . GLU A 1 77  ? 12.585  12.959  -3.119  1.00 17.81 ? 77  GLU A CG  1 
ATOM   593  C  CD  . GLU A 1 77  ? 12.598  13.866  -4.405  1.00 36.89 ? 77  GLU A CD  1 
ATOM   594  O  OE1 . GLU A 1 77  ? 12.601  15.056  -4.334  0.00 0.00  ? 77  GLU A OE1 1 
ATOM   595  O  OE2 . GLU A 1 77  ? 12.607  13.129  -5.387  1.00 26.35 ? 77  GLU A OE2 1 
ATOM   596  N  N   . ALA A 1 78  ? 12.095  11.576  0.366   1.00 11.04 ? 78  ALA A N   1 
ATOM   597  C  CA  . ALA A 1 78  ? 13.184  10.897  1.083   1.00 11.58 ? 78  ALA A CA  1 
ATOM   598  C  C   . ALA A 1 78  ? 12.743  9.467   1.405   1.00 7.99  ? 78  ALA A C   1 
ATOM   599  O  O   . ALA A 1 78  ? 13.536  8.522   1.315   1.00 8.72  ? 78  ALA A O   1 
ATOM   600  C  CB  . ALA A 1 78  ? 13.429  11.582  2.434   1.00 12.35 ? 78  ALA A CB  1 
ATOM   601  N  N   . ASP A 1 79  ? 11.490  9.332   1.775   1.00 10.30 ? 79  ASP A N   1 
ATOM   602  C  CA  . ASP A 1 79  ? 10.922  8.004   2.055   1.00 9.83  ? 79  ASP A CA  1 
ATOM   603  C  C   . ASP A 1 79  ? 10.730  7.103   0.838   1.00 7.90  ? 79  ASP A C   1 
ATOM   604  O  O   . ASP A 1 79  ? 10.870  5.877   0.926   1.00 8.74  ? 79  ASP A O   1 
ATOM   605  C  CB  . ASP A 1 79  ? 9.551   8.163   2.751   1.00 9.14  ? 79  ASP A CB  1 
ATOM   606  C  CG  . ASP A 1 79  ? 9.708   8.486   4.211   1.00 10.14 ? 79  ASP A CG  1 
ATOM   607  O  OD1 . ASP A 1 79  ? 10.730  8.327   4.849   1.00 12.49 ? 79  ASP A OD1 1 
ATOM   608  O  OD2 . ASP A 1 79  ? 8.750   8.992   4.740   1.00 11.85 ? 79  ASP A OD2 1 
ATOM   609  N  N   . VAL A 1 80  ? 10.407  7.720   -0.283  1.00 9.85  ? 80  VAL A N   1 
ATOM   610  C  CA  . VAL A 1 80  ? 10.314  6.988   -1.553  1.00 8.62  ? 80  VAL A CA  1 
ATOM   611  C  C   . VAL A 1 80  ? 11.709  6.520   -1.980  1.00 8.64  ? 80  VAL A C   1 
ATOM   612  O  O   . VAL A 1 80  ? 11.870  5.423   -2.526  1.00 8.61  ? 80  VAL A O   1 
ATOM   613  C  CB  . VAL A 1 80  ? 9.687   7.880   -2.616  1.00 10.76 ? 80  VAL A CB  1 
ATOM   614  C  CG1 . VAL A 1 80  ? 9.823   7.363   -4.065  1.00 11.10 ? 80  VAL A CG1 1 
ATOM   615  C  CG2 . VAL A 1 80  ? 8.266   8.259   -2.275  1.00 11.25 ? 80  VAL A CG2 1 
ATOM   616  N  N   . ASN A 1 81  ? 12.696  7.361   -1.726  1.00 9.23  ? 81  ASN A N   1 
ATOM   617  C  CA  . ASN A 1 81  ? 14.101  6.970   -1.933  1.00 8.06  ? 81  ASN A CA  1 
ATOM   618  C  C   . ASN A 1 81  ? 14.501  5.738   -1.120  1.00 7.96  ? 81  ASN A C   1 
ATOM   619  O  O   . ASN A 1 81  ? 15.124  4.806   -1.643  1.00 7.98  ? 81  ASN A O   1 
ATOM   620  C  CB  . ASN A 1 81  ? 15.025  8.149   -1.564  1.00 13.01 ? 81  ASN A CB  1 
ATOM   621  C  CG  . ASN A 1 81  ? 15.146  9.127   -2.701  1.00 10.73 ? 81  ASN A CG  1 
ATOM   622  O  OD1 . ASN A 1 81  ? 14.681  8.962   -3.815  1.00 10.29 ? 81  ASN A OD1 1 
ATOM   623  N  ND2 . ASN A 1 81  ? 15.782  10.325  -2.396  1.00 11.79 ? 81  ASN A ND2 1 
ATOM   624  N  N   . THR A 1 82  ? 14.141  5.752   0.145   1.00 9.95  ? 82  THR A N   1 
ATOM   625  C  CA  . THR A 1 82  ? 14.333  4.571   1.002   1.00 11.86 ? 82  THR A CA  1 
ATOM   626  C  C   . THR A 1 82  ? 13.619  3.306   0.528   1.00 10.68 ? 82  THR A C   1 
ATOM   627  O  O   . THR A 1 82  ? 14.191  2.209   0.536   1.00 9.22  ? 82  THR A O   1 
ATOM   628  C  CB  . THR A 1 82  ? 13.849  4.951   2.412   1.00 8.73  ? 82  THR A CB  1 
ATOM   629  O  OG1 . THR A 1 82  ? 14.764  5.954   2.834   1.00 9.97  ? 82  THR A OG1 1 
ATOM   630  C  CG2 . THR A 1 82  ? 13.866  3.787   3.362   1.00 14.07 ? 82  THR A CG2 1 
ATOM   631  N  N   . PHE A 1 83  ? 12.378  3.473   0.124   1.00 9.97  ? 83  PHE A N   1 
ATOM   632  C  CA  . PHE A 1 83  ? 11.624  2.369   -0.480  1.00 9.38  ? 83  PHE A CA  1 
ATOM   633  C  C   . PHE A 1 83  ? 12.284  1.769   -1.722  1.00 11.22 ? 83  PHE A C   1 
ATOM   634  O  O   . PHE A 1 83  ? 12.336  0.544   -1.882  1.00 9.66  ? 83  PHE A O   1 
ATOM   635  C  CB  . PHE A 1 83  ? 10.232  2.854   -0.842  1.00 9.25  ? 83  PHE A CB  1 
ATOM   636  C  CG  . PHE A 1 83  ? 9.524   1.900   -1.756  1.00 9.14  ? 83  PHE A CG  1 
ATOM   637  C  CD1 . PHE A 1 83  ? 8.888   0.825   -1.230  1.00 9.03  ? 83  PHE A CD1 1 
ATOM   638  C  CD2 . PHE A 1 83  ? 9.427   2.126   -3.102  1.00 10.07 ? 83  PHE A CD2 1 
ATOM   639  C  CE1 . PHE A 1 83  ? 8.189   -0.110  -2.042  1.00 9.71  ? 83  PHE A CE1 1 
ATOM   640  C  CE2 . PHE A 1 83  ? 8.682   1.201   -3.910  1.00 13.04 ? 83  PHE A CE2 1 
ATOM   641  C  CZ  . PHE A 1 83  ? 8.117   0.101   -3.379  1.00 10.59 ? 83  PHE A CZ  1 
ATOM   642  N  N   . VAL A 1 84  ? 12.779  2.639   -2.584  1.00 9.77  ? 84  VAL A N   1 
ATOM   643  C  CA  . VAL A 1 84  ? 13.399  2.196   -3.842  1.00 11.41 ? 84  VAL A CA  1 
ATOM   644  C  C   . VAL A 1 84  ? 14.695  1.449   -3.509  1.00 8.92  ? 84  VAL A C   1 
ATOM   645  O  O   . VAL A 1 84  ? 15.008  0.420   -4.121  1.00 9.22  ? 84  VAL A O   1 
ATOM   646  C  CB  . VAL A 1 84  ? 13.662  3.399   -4.736  1.00 8.11  ? 84  VAL A CB  1 
ATOM   647  C  CG1 . VAL A 1 84  ? 14.683  3.158   -5.872  1.00 9.85  ? 84  VAL A CG1 1 
ATOM   648  C  CG2 . VAL A 1 84  ? 12.385  4.022   -5.237  1.00 9.06  ? 84  VAL A CG2 1 
ATOM   649  N  N   . ALA A 1 85  ? 15.431  1.977   -2.550  1.00 11.14 ? 85  ALA A N   1 
ATOM   650  C  CA  . ALA A 1 85  ? 16.664  1.320   -2.087  1.00 13.30 ? 85  ALA A CA  1 
ATOM   651  C  C   . ALA A 1 85  ? 16.522  -0.111  -1.567  1.00 10.54 ? 85  ALA A C   1 
ATOM   652  O  O   . ALA A 1 85  ? 17.390  -0.962  -1.797  1.00 12.05 ? 85  ALA A O   1 
ATOM   653  C  CB  . ALA A 1 85  ? 17.183  2.155   -0.906  1.00 14.59 ? 85  ALA A CB  1 
ATOM   654  N  N   . SER A 1 86  ? 15.432  -0.356  -0.875  1.00 11.61 ? 86  SER A N   1 
ATOM   655  C  CA  . SER A 1 86  ? 15.165  -1.696  -0.336  1.00 13.15 ? 86  SER A CA  1 
ATOM   656  C  C   . SER A 1 86  ? 14.435  -2.629  -1.301  1.00 16.56 ? 86  SER A C   1 
ATOM   657  O  O   . SER A 1 86  ? 14.562  -3.856  -1.218  1.00 16.08 ? 86  SER A O   1 
ATOM   658  C  CB  . SER A 1 86  ? 14.324  -1.599  0.921   1.00 12.63 ? 86  SER A CB  1 
ATOM   659  O  OG  . SER A 1 86  ? 13.054  -1.007  0.672   1.00 13.69 ? 86  SER A OG  1 
ATOM   660  N  N   . HIS A 1 87  ? 13.682  -2.034  -2.204  1.00 13.55 ? 87  HIS A N   1 
ATOM   661  C  CA  . HIS A 1 87  ? 12.890  -2.813  -3.163  1.00 12.04 ? 87  HIS A CA  1 
ATOM   662  C  C   . HIS A 1 87  ? 13.363  -3.028  -4.603  1.00 13.34 ? 87  HIS A C   1 
ATOM   663  O  O   . HIS A 1 87  ? 13.008  -4.023  -5.244  1.00 14.30 ? 87  HIS A O   1 
ATOM   664  C  CB  . HIS A 1 87  ? 11.501  -2.182  -3.285  1.00 13.20 ? 87  HIS A CB  1 
ATOM   665  C  CG  . HIS A 1 87  ? 10.647  -2.566  -2.098  1.00 14.80 ? 87  HIS A CG  1 
ATOM   666  N  ND1 . HIS A 1 87  ? 10.897  -2.092  -0.820  1.00 12.80 ? 87  HIS A ND1 1 
ATOM   667  C  CD2 . HIS A 1 87  ? 9.574   -3.392  -1.987  1.00 10.94 ? 87  HIS A CD2 1 
ATOM   668  C  CE1 . HIS A 1 87  ? 10.014  -2.618  0.007   1.00 13.37 ? 87  HIS A CE1 1 
ATOM   669  N  NE2 . HIS A 1 87  ? 9.198   -3.382  -0.681  1.00 12.64 ? 87  HIS A NE2 1 
ATOM   670  N  N   . LYS A 1 88  ? 14.156  -2.087  -5.089  1.00 15.75 ? 88  LYS A N   1 
ATOM   671  C  CA  . LYS A 1 88  ? 14.693  -2.178  -6.454  1.00 26.28 ? 88  LYS A CA  1 
ATOM   672  C  C   . LYS A 1 88  ? 15.556  -3.428  -6.645  1.00 25.81 ? 88  LYS A C   1 
ATOM   673  O  O   . LYS A 1 88  ? 15.514  -4.072  -7.701  1.00 19.48 ? 88  LYS A O   1 
ATOM   674  C  CB  . LYS A 1 88  ? 15.538  -0.958  -6.799  1.00 24.13 ? 88  LYS A CB  1 
ATOM   675  C  CG  . LYS A 1 88  ? 15.797  -0.773  -8.277  1.00 23.25 ? 88  LYS A CG  1 
ATOM   676  C  CD  . LYS A 1 88  ? 16.703  0.430   -8.524  1.00 37.65 ? 88  LYS A CD  1 
ATOM   677  C  CE  . LYS A 1 88  ? 17.677  0.166   -9.660  0.00 0.00  ? 88  LYS A CE  1 
ATOM   678  N  NZ  . LYS A 1 88  ? 18.613  1.301   -9.826  0.00 0.00  ? 88  LYS A NZ  1 
ATOM   679  N  N   . PRO A 1 89  ? 16.326  -3.757  -5.621  1.00 15.25 ? 89  PRO A N   1 
ATOM   680  C  CA  . PRO A 1 89  ? 17.104  -5.006  -5.622  1.00 18.44 ? 89  PRO A CA  1 
ATOM   681  C  C   . PRO A 1 89  ? 16.363  -6.331  -5.454  1.00 17.05 ? 89  PRO A C   1 
ATOM   682  O  O   . PRO A 1 89  ? 16.912  -7.407  -5.715  1.00 24.74 ? 89  PRO A O   1 
ATOM   683  C  CB  . PRO A 1 89  ? 17.945  -4.906  -4.390  1.00 30.54 ? 89  PRO A CB  1 
ATOM   684  C  CG  . PRO A 1 89  ? 17.887  -3.501  -3.815  1.00 36.00 ? 89  PRO A CG  1 
ATOM   685  C  CD  . PRO A 1 89  ? 16.738  -2.836  -4.567  1.00 17.66 ? 89  PRO A CD  1 
ATOM   686  N  N   . ARG A 1 90  ? 15.126  -6.236  -5.019  1.00 14.42 ? 90  ARG A N   1 
ATOM   687  C  CA  . ARG A 1 90  ? 14.227  -7.394  -5.042  1.00 13.28 ? 90  ARG A CA  1 
ATOM   688  C  C   . ARG A 1 90  ? 13.451  -7.623  -6.340  1.00 8.56  ? 90  ARG A C   1 
ATOM   689  O  O   . ARG A 1 90  ? 12.608  -8.527  -6.423  1.00 12.38 ? 90  ARG A O   1 
ATOM   690  C  CB  . ARG A 1 90  ? 13.156  -7.298  -3.931  1.00 13.82 ? 90  ARG A CB  1 
ATOM   691  C  CG  . ARG A 1 90  ? 13.707  -6.906  -2.548  1.00 14.69 ? 90  ARG A CG  1 
ATOM   692  C  CD  . ARG A 1 90  ? 12.574  -6.829  -1.536  1.00 8.75  ? 90  ARG A CD  1 
ATOM   693  N  NE  . ARG A 1 90  ? 13.072  -7.022  -0.167  1.00 13.94 ? 90  ARG A NE  1 
ATOM   694  C  CZ  . ARG A 1 90  ? 12.858  -6.135  0.835   1.00 15.93 ? 90  ARG A CZ  1 
ATOM   695  N  NH1 . ARG A 1 90  ? 12.011  -5.104  0.676   1.00 13.32 ? 90  ARG A NH1 1 
ATOM   696  N  NH2 . ARG A 1 90  ? 13.490  -6.305  1.979   1.00 15.86 ? 90  ARG A NH2 1 
ATOM   697  N  N   . GLY A 1 91  ? 13.749  -6.803  -7.331  1.00 14.76 ? 91  GLY A N   1 
ATOM   698  C  CA  . GLY A 1 91  ? 13.095  -6.930  -8.642  1.00 12.05 ? 91  GLY A CA  1 
ATOM   699  C  C   . GLY A 1 91  ? 11.597  -6.680  -8.786  1.00 11.86 ? 91  GLY A C   1 
ATOM   700  O  O   . GLY A 1 91  ? 10.938  -7.250  -9.668  1.00 12.76 ? 91  GLY A O   1 
ATOM   701  N  N   . VAL A 1 92  ? 11.086  -5.832  -7.923  1.00 12.01 ? 92  VAL A N   1 
ATOM   702  C  CA  . VAL A 1 92  ? 9.684   -5.426  -8.026  1.00 9.31  ? 92  VAL A CA  1 
ATOM   703  C  C   . VAL A 1 92  ? 9.477   -4.753  -9.381  1.00 10.48 ? 92  VAL A C   1 
ATOM   704  O  O   . VAL A 1 92  ? 10.265  -3.889  -9.788  1.00 11.68 ? 92  VAL A O   1 
ATOM   705  C  CB  . VAL A 1 92  ? 9.335   -4.493  -6.861  1.00 12.75 ? 92  VAL A CB  1 
ATOM   706  C  CG1 . VAL A 1 92  ? 7.914   -3.868  -6.923  1.00 12.41 ? 92  VAL A CG1 1 
ATOM   707  C  CG2 . VAL A 1 92  ? 9.622   -5.113  -5.521  1.00 14.26 ? 92  VAL A CG2 1 
ATOM   708  N  N   . THR A 1 93  ? 8.425   -5.159  -10.063 1.00 13.10 ? 93  THR A N   1 
ATOM   709  C  CA  . THR A 1 93  ? 8.094   -4.570  -11.367 1.00 11.90 ? 93  THR A CA  1 
ATOM   710  C  C   . THR A 1 93  ? 6.978   -3.533  -11.327 1.00 12.54 ? 93  THR A C   1 
ATOM   711  O  O   . THR A 1 93  ? 6.255   -3.415  -10.324 1.00 10.19 ? 93  THR A O   1 
ATOM   712  C  CB  . THR A 1 93  ? 7.718   -5.726  -12.279 1.00 11.70 ? 93  THR A CB  1 
ATOM   713  O  OG1 . THR A 1 93  ? 6.437   -6.144  -11.820 1.00 9.88  ? 93  THR A OG1 1 
ATOM   714  C  CG2 . THR A 1 93  ? 8.690   -6.865  -12.230 1.00 13.64 ? 93  THR A CG2 1 
ATOM   715  N  N   . HIS A 1 94  ? 6.858   -2.799  -12.385 1.00 12.48 ? 94  HIS A N   1 
ATOM   716  C  CA  . HIS A 1 94  ? 5.800   -1.779  -12.491 1.00 13.79 ? 94  HIS A CA  1 
ATOM   717  C  C   . HIS A 1 94  ? 4.422   -2.431  -12.419 1.00 10.80 ? 94  HIS A C   1 
ATOM   718  O  O   . HIS A 1 94  ? 3.484   -1.871  -11.829 1.00 12.57 ? 94  HIS A O   1 
ATOM   719  C  CB  . HIS A 1 94  ? 5.972   -1.018  -13.796 1.00 14.60 ? 94  HIS A CB  1 
ATOM   720  C  CG  . HIS A 1 94  ? 6.979   0.100   -13.747 1.00 18.28 ? 94  HIS A CG  1 
ATOM   721  N  ND1 . HIS A 1 94  ? 6.969   1.146   -14.654 1.00 27.19 ? 94  HIS A ND1 1 
ATOM   722  C  CD2 . HIS A 1 94  ? 8.037   0.323   -12.926 1.00 15.23 ? 94  HIS A CD2 1 
ATOM   723  C  CE1 . HIS A 1 94  ? 7.980   1.947   -14.387 1.00 19.58 ? 94  HIS A CE1 1 
ATOM   724  N  NE2 . HIS A 1 94  ? 8.615   1.480   -13.335 1.00 14.53 ? 94  HIS A NE2 1 
ATOM   725  N  N   . ASP A 1 95  ? 4.319   -3.606  -13.026 1.00 12.02 ? 95  ASP A N   1 
ATOM   726  C  CA  . ASP A 1 95  ? 3.071   -4.374  -12.966 1.00 12.68 ? 95  ASP A CA  1 
ATOM   727  C  C   . ASP A 1 95  ? 2.647   -4.706  -11.538 1.00 10.53 ? 95  ASP A C   1 
ATOM   728  O  O   . ASP A 1 95  ? 1.465   -4.576  -11.180 1.00 11.50 ? 95  ASP A O   1 
ATOM   729  C  CB  . ASP A 1 95  ? 3.221   -5.685  -13.762 1.00 21.63 ? 95  ASP A CB  1 
ATOM   730  C  CG  . ASP A 1 95  ? 3.368   -5.411  -15.233 1.00 22.92 ? 95  ASP A CG  1 
ATOM   731  O  OD1 . ASP A 1 95  ? 4.263   -5.843  -15.932 0.00 0.00  ? 95  ASP A OD1 1 
ATOM   732  O  OD2 . ASP A 1 95  ? 2.351   -4.660  -15.806 1.00 19.48 ? 95  ASP A OD2 1 
ATOM   733  N  N   . GLN A 1 96  ? 3.610   -5.129  -10.765 1.00 12.67 ? 96  GLN A N   1 
ATOM   734  C  CA  . GLN A 1 96  ? 3.330   -5.494  -9.384  1.00 11.10 ? 96  GLN A CA  1 
ATOM   735  C  C   . GLN A 1 96  ? 2.938   -4.256  -8.583  1.00 10.59 ? 96  GLN A C   1 
ATOM   736  O  O   . GLN A 1 96  ? 2.036   -4.308  -7.734  1.00 10.21 ? 96  GLN A O   1 
ATOM   737  C  CB  . GLN A 1 96  ? 4.551   -6.155  -8.815  1.00 10.34 ? 96  GLN A CB  1 
ATOM   738  C  CG  . GLN A 1 96  ? 4.672   -7.565  -9.190  1.00 12.27 ? 96  GLN A CG  1 
ATOM   739  C  CD  . GLN A 1 96  ? 5.989   -8.232  -8.782  1.00 13.82 ? 96  GLN A CD  1 
ATOM   740  O  OE1 . GLN A 1 96  ? 5.991   -9.482  -8.595  1.00 17.11 ? 96  GLN A OE1 1 
ATOM   741  N  NE2 . GLN A 1 96  ? 7.003   -7.483  -8.588  1.00 12.11 ? 96  GLN A NE2 1 
ATOM   742  N  N   . LEU A 1 97  ? 3.624   -3.162  -8.863  1.00 12.37 ? 97  LEU A N   1 
ATOM   743  C  CA  . LEU A 1 97  ? 3.340   -1.900  -8.173  1.00 9.91  ? 97  LEU A CA  1 
ATOM   744  C  C   . LEU A 1 97  ? 1.910   -1.455  -8.467  1.00 10.23 ? 97  LEU A C   1 
ATOM   745  O  O   . LEU A 1 97  ? 1.187   -1.007  -7.566  1.00 10.82 ? 97  LEU A O   1 
ATOM   746  C  CB  . LEU A 1 97  ? 4.331   -0.810  -8.617  1.00 13.85 ? 97  LEU A CB  1 
ATOM   747  C  CG  . LEU A 1 97  ? 5.376   -0.357  -7.622  1.00 24.16 ? 97  LEU A CG  1 
ATOM   748  C  CD1 . LEU A 1 97  ? 5.396   -1.305  -6.446  1.00 24.42 ? 97  LEU A CD1 1 
ATOM   749  C  CD2 . LEU A 1 97  ? 6.733   -0.310  -8.270  1.00 12.84 ? 97  LEU A CD2 1 
ATOM   750  N  N   . ASN A 1 98  ? 1.527   -1.584  -9.724  1.00 14.00 ? 98  ASN A N   1 
ATOM   751  C  CA  . ASN A 1 98  ? 0.178   -1.210  -10.116 1.00 11.96 ? 98  ASN A CA  1 
ATOM   752  C  C   . ASN A 1 98  ? -0.932  -2.109  -9.583  1.00 16.35 ? 98  ASN A C   1 
ATOM   753  O  O   . ASN A 1 98  ? -2.062  -1.652  -9.354  1.00 10.47 ? 98  ASN A O   1 
ATOM   754  C  CB  . ASN A 1 98  ? 0.081   -1.209  -11.646 1.00 12.26 ? 98  ASN A CB  1 
ATOM   755  C  CG  . ASN A 1 98  ? 0.623   0.070   -12.224 1.00 16.04 ? 98  ASN A CG  1 
ATOM   756  O  OD1 . ASN A 1 98  ? 1.109   0.177   -13.328 1.00 27.51 ? 98  ASN A OD1 1 
ATOM   757  N  ND2 . ASN A 1 98  ? 0.476   1.202   -11.425 1.00 20.48 ? 98  ASN A ND2 1 
ATOM   758  N  N   . ASN A 1 99  ? -0.594  -3.371  -9.396  1.00 14.86 ? 99  ASN A N   1 
ATOM   759  C  CA  . ASN A 1 99  ? -1.498  -4.300  -8.711  1.00 10.96 ? 99  ASN A CA  1 
ATOM   760  C  C   . ASN A 1 99  ? -1.635  -4.066  -7.210  1.00 10.53 ? 99  ASN A C   1 
ATOM   761  O  O   . ASN A 1 99  ? -2.704  -4.291  -6.629  1.00 10.42 ? 99  ASN A O   1 
ATOM   762  C  CB  . ASN A 1 99  ? -1.034  -5.751  -8.928  1.00 10.25 ? 99  ASN A CB  1 
ATOM   763  C  CG  . ASN A 1 99  ? -1.263  -6.193  -10.312 1.00 18.64 ? 99  ASN A CG  1 
ATOM   764  O  OD1 . ASN A 1 99  ? -0.671  -7.097  -10.858 1.00 14.22 ? 99  ASN A OD1 1 
ATOM   765  N  ND2 . ASN A 1 99  ? -2.286  -5.531  -10.977 1.00 19.89 ? 99  ASN A ND2 1 
ATOM   766  N  N   . PHE A 1 100 ? -0.549  -3.617  -6.605  1.00 13.64 ? 100 PHE A N   1 
ATOM   767  C  CA  . PHE A 1 100 ? -0.603  -3.153  -5.208  1.00 10.96 ? 100 PHE A CA  1 
ATOM   768  C  C   . PHE A 1 100 ? -1.595  -2.000  -5.083  1.00 8.97  ? 100 PHE A C   1 
ATOM   769  O  O   . PHE A 1 100 ? -2.431  -1.978  -4.171  1.00 8.99  ? 100 PHE A O   1 
ATOM   770  C  CB  . PHE A 1 100 ? 0.784   -2.718  -4.775  1.00 11.27 ? 100 PHE A CB  1 
ATOM   771  C  CG  . PHE A 1 100 ? 0.891   -2.292  -3.338  1.00 12.34 ? 100 PHE A CG  1 
ATOM   772  C  CD1 . PHE A 1 100 ? 0.429   -1.069  -2.972  1.00 12.43 ? 100 PHE A CD1 1 
ATOM   773  C  CD2 . PHE A 1 100 ? 1.362   -3.133  -2.365  1.00 16.07 ? 100 PHE A CD2 1 
ATOM   774  C  CE1 . PHE A 1 100 ? 0.489   -0.614  -1.625  1.00 17.35 ? 100 PHE A CE1 1 
ATOM   775  C  CE2 . PHE A 1 100 ? 1.379   -2.682  -1.003  1.00 18.25 ? 100 PHE A CE2 1 
ATOM   776  C  CZ  . PHE A 1 100 ? 0.979   -1.441  -0.669  1.00 17.76 ? 100 PHE A CZ  1 
ATOM   777  N  N   . ARG A 1 101 ? -1.484  -1.059  -6.000  1.00 9.98  ? 101 ARG A N   1 
ATOM   778  C  CA  . ARG A 1 101 ? -2.414  0.074   -6.031  1.00 9.37  ? 101 ARG A CA  1 
ATOM   779  C  C   . ARG A 1 101 ? -3.859  -0.375  -6.204  1.00 11.01 ? 101 ARG A C   1 
ATOM   780  O  O   . ARG A 1 101 ? -4.760  0.094   -5.490  1.00 8.92  ? 101 ARG A O   1 
ATOM   781  C  CB  . ARG A 1 101 ? -2.088  1.048   -7.179  1.00 8.58  ? 101 ARG A CB  1 
ATOM   782  C  CG  . ARG A 1 101 ? -3.195  2.081   -7.475  1.00 11.30 ? 101 ARG A CG  1 
ATOM   783  C  CD  . ARG A 1 101 ? -2.647  3.201   -8.335  1.00 10.14 ? 101 ARG A CD  1 
ATOM   784  N  NE  . ARG A 1 101 ? -3.533  4.378   -8.302  1.00 11.43 ? 101 ARG A NE  1 
ATOM   785  C  CZ  . ARG A 1 101 ? -3.253  5.532   -8.936  1.00 8.92  ? 101 ARG A CZ  1 
ATOM   786  N  NH1 . ARG A 1 101 ? -2.019  5.785   -9.387  1.00 11.28 ? 101 ARG A NH1 1 
ATOM   787  N  NH2 . ARG A 1 101 ? -4.216  6.410   -9.103  1.00 14.77 ? 101 ARG A NH2 1 
ATOM   788  N  N   . ALA A 1 102 ? -4.063  -1.277  -7.151  1.00 10.84 ? 102 ALA A N   1 
ATOM   789  C  CA  . ALA A 1 102 ? -5.382  -1.791  -7.421  1.00 10.82 ? 102 ALA A CA  1 
ATOM   790  C  C   . ALA A 1 102 ? -5.971  -2.532  -6.221  1.00 10.13 ? 102 ALA A C   1 
ATOM   791  O  O   . ALA A 1 102 ? -7.159  -2.379  -5.899  1.00 10.04 ? 102 ALA A O   1 
ATOM   792  C  CB  . ALA A 1 102 ? -5.278  -2.825  -8.530  1.00 12.04 ? 102 ALA A CB  1 
ATOM   793  N  N   . GLY A 1 103 ? -5.133  -3.325  -5.575  1.00 11.54 ? 103 GLY A N   1 
ATOM   794  C  CA  . GLY A 1 103 ? -5.559  -4.059  -4.369  1.00 10.73 ? 103 GLY A CA  1 
ATOM   795  C  C   . GLY A 1 103 ? -5.932  -3.133  -3.213  1.00 9.40  ? 103 GLY A C   1 
ATOM   796  O  O   . GLY A 1 103 ? -6.945  -3.346  -2.531  1.00 9.72  ? 103 GLY A O   1 
ATOM   797  N  N   . PHE A 1 104 ? -5.112  -2.124  -3.011  1.00 11.18 ? 104 PHE A N   1 
ATOM   798  C  CA  . PHE A 1 104 ? -5.375  -1.141  -1.949  1.00 14.27 ? 104 PHE A CA  1 
ATOM   799  C  C   . PHE A 1 104 ? -6.698  -0.413  -2.175  1.00 11.09 ? 104 PHE A C   1 
ATOM   800  O  O   . PHE A 1 104 ? -7.499  -0.243  -1.243  1.00 10.88 ? 104 PHE A O   1 
ATOM   801  C  CB  . PHE A 1 104 ? -4.238  -0.147  -1.894  1.00 10.94 ? 104 PHE A CB  1 
ATOM   802  C  CG  . PHE A 1 104 ? -4.452  0.955   -0.893  1.00 12.58 ? 104 PHE A CG  1 
ATOM   803  C  CD1 . PHE A 1 104 ? -4.727  2.203   -1.328  1.00 12.99 ? 104 PHE A CD1 1 
ATOM   804  C  CD2 . PHE A 1 104 ? -4.475  0.713   0.454   1.00 14.24 ? 104 PHE A CD2 1 
ATOM   805  C  CE1 . PHE A 1 104 ? -4.958  3.284   -0.431  1.00 12.63 ? 104 PHE A CE1 1 
ATOM   806  C  CE2 . PHE A 1 104 ? -4.752  1.802   1.351   1.00 15.13 ? 104 PHE A CE2 1 
ATOM   807  C  CZ  . PHE A 1 104 ? -4.941  3.055   0.895   1.00 20.73 ? 104 PHE A CZ  1 
ATOM   808  N  N   . VAL A 1 105 ? -6.910  0.006   -3.407  1.00 10.94 ? 105 VAL A N   1 
ATOM   809  C  CA  . VAL A 1 105 ? -8.117  0.770   -3.746  1.00 12.32 ? 105 VAL A CA  1 
ATOM   810  C  C   . VAL A 1 105 ? -9.364  -0.109  -3.639  1.00 10.20 ? 105 VAL A C   1 
ATOM   811  O  O   . VAL A 1 105 ? -10.427 0.349   -3.197  1.00 10.41 ? 105 VAL A O   1 
ATOM   812  C  CB  . VAL A 1 105 ? -7.989  1.340   -5.152  1.00 12.76 ? 105 VAL A CB  1 
ATOM   813  C  CG1 . VAL A 1 105 ? -9.327  1.778   -5.803  1.00 15.76 ? 105 VAL A CG1 1 
ATOM   814  C  CG2 . VAL A 1 105 ? -6.939  2.416   -5.234  1.00 14.36 ? 105 VAL A CG2 1 
ATOM   815  N  N   . SER A 1 106 ? -9.215  -1.360  -4.049  1.00 13.05 ? 106 SER A N   1 
ATOM   816  C  CA  . SER A 1 106 ? -10.275 -2.353  -3.840  1.00 13.48 ? 106 SER A CA  1 
ATOM   817  C  C   . SER A 1 106 ? -10.630 -2.545  -2.366  1.00 14.31 ? 106 SER A C   1 
ATOM   818  O  O   . SER A 1 106 ? -11.813 -2.582  -1.997  1.00 11.03 ? 106 SER A O   1 
ATOM   819  C  CB  . SER A 1 106 ? -9.865  -3.699  -4.402  1.00 17.83 ? 106 SER A CB  1 
ATOM   820  O  OG  A SER A 1 106 ? -10.928 -4.644  -4.349  0.50 13.90 ? 106 SER A OG  1 
ATOM   821  O  OG  B SER A 1 106 ? -10.039 -3.761  -5.813  0.50 21.82 ? 106 SER A OG  1 
ATOM   822  N  N   . TYR A 1 107 ? -9.602  -2.665  -1.546  1.00 13.20 ? 107 TYR A N   1 
ATOM   823  C  CA  . TYR A 1 107 ? -9.789  -2.619  -0.090  1.00 11.51 ? 107 TYR A CA  1 
ATOM   824  C  C   . TYR A 1 107 ? -10.577 -1.412  0.416   1.00 10.43 ? 107 TYR A C   1 
ATOM   825  O  O   . TYR A 1 107 ? -11.564 -1.558  1.152   1.00 10.97 ? 107 TYR A O   1 
ATOM   826  C  CB  . TYR A 1 107 ? -8.412  -2.639  0.594   1.00 13.32 ? 107 TYR A CB  1 
ATOM   827  C  CG  . TYR A 1 107 ? -8.729  -2.631  2.097   1.00 11.81 ? 107 TYR A CG  1 
ATOM   828  C  CD1 . TYR A 1 107 ? -8.824  -1.384  2.746   1.00 12.16 ? 107 TYR A CD1 1 
ATOM   829  C  CD2 . TYR A 1 107 ? -8.843  -3.790  2.812   1.00 11.91 ? 107 TYR A CD2 1 
ATOM   830  C  CE1 . TYR A 1 107 ? -9.114  -1.366  4.174   1.00 13.14 ? 107 TYR A CE1 1 
ATOM   831  C  CE2 . TYR A 1 107 ? -9.124  -3.783  4.212   1.00 10.42 ? 107 TYR A CE2 1 
ATOM   832  C  CZ  . TYR A 1 107 ? -9.211  -2.535  4.840   1.00 13.40 ? 107 TYR A CZ  1 
ATOM   833  O  OH  . TYR A 1 107 ? -9.460  -2.519  6.198   1.00 13.42 ? 107 TYR A OH  1 
ATOM   834  N  N   . MET A 1 108 ? -10.132 -0.239  0.013   1.00 11.18 ? 108 MET A N   1 
ATOM   835  C  CA  . MET A 1 108 ? -10.802 1.001   0.427   1.00 12.82 ? 108 MET A CA  1 
ATOM   836  C  C   . MET A 1 108 ? -12.264 1.145   0.011   1.00 11.01 ? 108 MET A C   1 
ATOM   837  O  O   . MET A 1 108 ? -13.099 1.651   0.778   1.00 14.53 ? 108 MET A O   1 
ATOM   838  C  CB  . MET A 1 108 ? -10.048 2.230   -0.144  1.00 12.44 ? 108 MET A CB  1 
ATOM   839  C  CG  . MET A 1 108 ? -8.659  2.338   0.443   1.00 14.37 ? 108 MET A CG  1 
ATOM   840  S  SD  . MET A 1 108 ? -8.705  2.594   2.212   1.00 10.27 ? 108 MET A SD  1 
ATOM   841  C  CE  . MET A 1 108 ? -9.597  4.124   2.253   1.00 16.35 ? 108 MET A CE  1 
ATOM   842  N  N   . LYS A 1 109 ? -12.557 0.702   -1.198  1.00 12.09 ? 109 LYS A N   1 
ATOM   843  C  CA  . LYS A 1 109 ? -13.943 0.700   -1.687  1.00 14.42 ? 109 LYS A CA  1 
ATOM   844  C  C   . LYS A 1 109 ? -14.882 -0.295  -1.003  1.00 19.73 ? 109 LYS A C   1 
ATOM   845  O  O   . LYS A 1 109 ? -16.080 -0.025  -0.835  1.00 16.28 ? 109 LYS A O   1 
ATOM   846  C  CB  . LYS A 1 109 ? -14.005 0.389   -3.178  1.00 14.40 ? 109 LYS A CB  1 
ATOM   847  C  CG  . LYS A 1 109 ? -13.697 1.570   -4.085  1.00 16.92 ? 109 LYS A CG  1 
ATOM   848  C  CD  . LYS A 1 109 ? -13.945 1.214   -5.547  1.00 30.81 ? 109 LYS A CD  1 
ATOM   849  C  CE  . LYS A 1 109 ? -14.195 2.456   -6.386  0.00 0.00  ? 109 LYS A CE  1 
ATOM   850  N  NZ  . LYS A 1 109 ? -13.796 2.234   -7.779  0.00 0.00  ? 109 LYS A NZ  1 
ATOM   851  N  N   . ALA A 1 110 ? -14.324 -1.431  -0.619  1.00 15.94 ? 110 ALA A N   1 
ATOM   852  C  CA  . ALA A 1 110 ? -15.118 -2.479  0.038   1.00 14.87 ? 110 ALA A CA  1 
ATOM   853  C  C   . ALA A 1 110 ? -15.316 -2.243  1.535   1.00 15.99 ? 110 ALA A C   1 
ATOM   854  O  O   . ALA A 1 110 ? -16.183 -2.861  2.171   1.00 13.92 ? 110 ALA A O   1 
ATOM   855  C  CB  . ALA A 1 110 ? -14.350 -3.806  -0.087  1.00 16.09 ? 110 ALA A CB  1 
ATOM   856  N  N   . HIS A 1 111 ? -14.512 -1.353  2.077   1.00 15.24 ? 111 HIS A N   1 
ATOM   857  C  CA  . HIS A 1 111 ? -14.586 -1.037  3.506   1.00 15.22 ? 111 HIS A CA  1 
ATOM   858  C  C   . HIS A 1 111 ? -14.985 0.347   4.016   1.00 18.02 ? 111 HIS A C   1 
ATOM   859  O  O   . HIS A 1 111 ? -15.312 0.520   5.201   1.00 16.71 ? 111 HIS A O   1 
ATOM   860  C  CB  . HIS A 1 111 ? -13.228 -1.307  4.148   1.00 12.37 ? 111 HIS A CB  1 
ATOM   861  C  CG  . HIS A 1 111 ? -12.837 -2.758  4.041   1.00 17.42 ? 111 HIS A CG  1 
ATOM   862  N  ND1 . HIS A 1 111 ? -12.993 -3.644  5.093   1.00 19.43 ? 111 HIS A ND1 1 
ATOM   863  C  CD2 . HIS A 1 111 ? -12.274 -3.465  3.028   1.00 12.13 ? 111 HIS A CD2 1 
ATOM   864  C  CE1 . HIS A 1 111 ? -12.538 -4.824  4.719   1.00 13.48 ? 111 HIS A CE1 1 
ATOM   865  N  NE2 . HIS A 1 111 ? -12.126 -4.740  3.474   1.00 19.23 ? 111 HIS A NE2 1 
ATOM   866  N  N   . THR A 1 112 ? -14.954 1.310   3.116   1.00 17.94 ? 112 THR A N   1 
ATOM   867  C  CA  . THR A 1 112 ? -15.480 2.649   3.431   1.00 16.80 ? 112 THR A CA  1 
ATOM   868  C  C   . THR A 1 112 ? -16.416 3.169   2.339   1.00 24.49 ? 112 THR A C   1 
ATOM   869  O  O   . THR A 1 112 ? -16.625 2.509   1.313   1.00 18.10 ? 112 THR A O   1 
ATOM   870  C  CB  . THR A 1 112 ? -14.258 3.578   3.619   1.00 16.07 ? 112 THR A CB  1 
ATOM   871  O  OG1 . THR A 1 112 ? -13.775 3.792   2.298   1.00 14.69 ? 112 THR A OG1 1 
ATOM   872  C  CG2 . THR A 1 112 ? -13.190 2.960   4.479   1.00 13.47 ? 112 THR A CG2 1 
ATOM   873  N  N   . ASP A 1 113 ? -16.968 4.339   2.580   1.00 26.07 ? 113 ASP A N   1 
ATOM   874  C  CA  . ASP A 1 113 ? -17.749 5.021   1.547   1.00 33.06 ? 113 ASP A CA  1 
ATOM   875  C  C   . ASP A 1 113 ? -16.712 5.844   0.781   1.00 17.90 ? 113 ASP A C   1 
ATOM   876  O  O   . ASP A 1 113 ? -16.416 6.988   1.139   1.00 20.17 ? 113 ASP A O   1 
ATOM   877  C  CB  . ASP A 1 113 ? -18.849 5.865   2.212   1.00 29.08 ? 113 ASP A CB  1 
ATOM   878  C  CG  . ASP A 1 113 ? -19.823 6.395   1.193   1.00 32.49 ? 113 ASP A CG  1 
ATOM   879  O  OD1 . ASP A 1 113 ? -19.557 6.623   0.027   1.00 39.71 ? 113 ASP A OD1 1 
ATOM   880  O  OD2 . ASP A 1 113 ? -20.952 6.537   1.581   1.00 45.09 ? 113 ASP A OD2 1 
ATOM   881  N  N   . PHE A 1 114 ? -16.171 5.243   -0.262  1.00 27.02 ? 114 PHE A N   1 
ATOM   882  C  CA  . PHE A 1 114 ? -14.941 5.757   -0.877  1.00 14.68 ? 114 PHE A CA  1 
ATOM   883  C  C   . PHE A 1 114 ? -15.188 6.963   -1.784  1.00 13.91 ? 114 PHE A C   1 
ATOM   884  O  O   . PHE A 1 114 ? -14.241 7.627   -2.224  1.00 13.43 ? 114 PHE A O   1 
ATOM   885  C  CB  . PHE A 1 114 ? -14.279 4.662   -1.671  1.00 16.44 ? 114 PHE A CB  1 
ATOM   886  C  CG  . PHE A 1 114 ? -12.922 4.938   -2.250  1.00 15.92 ? 114 PHE A CG  1 
ATOM   887  C  CD1 . PHE A 1 114 ? -11.885 5.187   -1.418  1.00 15.18 ? 114 PHE A CD1 1 
ATOM   888  C  CD2 . PHE A 1 114 ? -12.682 4.865   -3.596  1.00 12.69 ? 114 PHE A CD2 1 
ATOM   889  C  CE1 . PHE A 1 114 ? -10.569 5.437   -1.907  1.00 14.69 ? 114 PHE A CE1 1 
ATOM   890  C  CE2 . PHE A 1 114 ? -11.342 5.073   -4.075  1.00 22.08 ? 114 PHE A CE2 1 
ATOM   891  C  CZ  . PHE A 1 114 ? -10.337 5.384   -3.236  1.00 17.97 ? 114 PHE A CZ  1 
ATOM   892  N  N   . ALA A 1 115 ? -16.454 7.215   -2.051  1.00 28.14 ? 115 ALA A N   1 
ATOM   893  C  CA  . ALA A 1 115 ? -16.828 8.000   -3.236  1.00 18.22 ? 115 ALA A CA  1 
ATOM   894  C  C   . ALA A 1 115 ? -16.376 9.426   -2.925  1.00 14.83 ? 115 ALA A C   1 
ATOM   895  O  O   . ALA A 1 115 ? -15.856 10.135  -3.799  1.00 15.53 ? 115 ALA A O   1 
ATOM   896  N  N   . GLY A 1 116 ? -16.582 9.827   -1.685  1.00 15.16 ? 116 GLY A N   1 
ATOM   897  C  CA  . GLY A 1 116 ? -16.107 11.140  -1.227  1.00 12.44 ? 116 GLY A CA  1 
ATOM   898  C  C   . GLY A 1 116 ? -14.615 11.468  -1.122  1.00 12.75 ? 116 GLY A C   1 
ATOM   899  O  O   . GLY A 1 116 ? -14.222 12.645  -1.091  1.00 14.12 ? 116 GLY A O   1 
ATOM   900  N  N   . ALA A 1 117 ? -13.808 10.426  -1.066  1.00 11.02 ? 117 ALA A N   1 
ATOM   901  C  CA  . ALA A 1 117 ? -12.353 10.602  -0.985  1.00 9.75  ? 117 ALA A CA  1 
ATOM   902  C  C   . ALA A 1 117 ? -11.620 10.174  -2.257  1.00 9.09  ? 117 ALA A C   1 
ATOM   903  O  O   . ALA A 1 117 ? -10.386 10.266  -2.343  1.00 8.63  ? 117 ALA A O   1 
ATOM   904  C  CB  . ALA A 1 117 ? -11.826 9.692   0.138   1.00 9.93  ? 117 ALA A CB  1 
ATOM   905  N  N   . GLU A 1 118 ? -12.390 9.711   -3.224  1.00 10.09 ? 118 GLU A N   1 
ATOM   906  C  CA  . GLU A 1 118 ? -11.807 9.196   -4.470  1.00 10.06 ? 118 GLU A CA  1 
ATOM   907  C  C   . GLU A 1 118 ? -10.803 10.016  -5.281  1.00 10.10 ? 118 GLU A C   1 
ATOM   908  O  O   . GLU A 1 118 ? -9.732  9.521   -5.654  1.00 8.11  ? 118 GLU A O   1 
ATOM   909  C  CB  . GLU A 1 118 ? -12.899 8.877   -5.529  1.00 15.08 ? 118 GLU A CB  1 
ATOM   910  C  CG  . GLU A 1 118 ? -12.718 7.585   -6.336  1.00 37.92 ? 118 GLU A CG  1 
ATOM   911  C  CD  . GLU A 1 118 ? -13.988 7.117   -7.122  1.00 43.95 ? 118 GLU A CD  1 
ATOM   912  O  OE1 . GLU A 1 118 ? -14.270 7.574   -8.188  1.00 45.09 ? 118 GLU A OE1 1 
ATOM   913  O  OE2 . GLU A 1 118 ? -14.551 6.262   -6.456  1.00 30.60 ? 118 GLU A OE2 1 
ATOM   914  N  N   . ALA A 1 119 ? -11.168 11.257  -5.542  1.00 10.36 ? 119 ALA A N   1 
ATOM   915  C  CA  . ALA A 1 119 ? -10.269 12.173  -6.262  1.00 6.96  ? 119 ALA A CA  1 
ATOM   916  C  C   . ALA A 1 119 ? -9.020  12.573  -5.501  1.00 7.40  ? 119 ALA A C   1 
ATOM   917  O  O   . ALA A 1 119 ? -7.936  12.681  -6.090  1.00 7.54  ? 119 ALA A O   1 
ATOM   918  C  CB  . ALA A 1 119 ? -11.056 13.469  -6.511  1.00 9.15  ? 119 ALA A CB  1 
ATOM   919  N  N   . ALA A 1 120 ? -9.175  12.793  -4.211  1.00 8.67  ? 120 ALA A N   1 
ATOM   920  C  CA  . ALA A 1 120 ? -8.016  13.027  -3.339  1.00 6.93  ? 120 ALA A CA  1 
ATOM   921  C  C   . ALA A 1 120 ? -7.040  11.850  -3.279  1.00 6.25  ? 120 ALA A C   1 
ATOM   922  O  O   . ALA A 1 120 ? -5.818  12.032  -3.332  1.00 7.39  ? 120 ALA A O   1 
ATOM   923  C  CB  . ALA A 1 120 ? -8.537  13.226  -1.907  1.00 7.03  ? 120 ALA A CB  1 
ATOM   924  N  N   . TRP A 1 121 ? -7.596  10.659  -3.167  1.00 8.67  ? 121 TRP A N   1 
ATOM   925  C  CA  . TRP A 1 121 ? -6.785  9.440   -3.235  1.00 8.22  ? 121 TRP A CA  1 
ATOM   926  C  C   . TRP A 1 121 ? -6.109  9.272   -4.597  1.00 6.42  ? 121 TRP A C   1 
ATOM   927  O  O   . TRP A 1 121 ? -4.947  8.884   -4.681  1.00 7.39  ? 121 TRP A O   1 
ATOM   928  C  CB  . TRP A 1 121 ? -7.661  8.243   -2.926  1.00 6.25  ? 121 TRP A CB  1 
ATOM   929  C  CG  . TRP A 1 121 ? -7.696  7.884   -1.396  1.00 10.37 ? 121 TRP A CG  1 
ATOM   930  C  CD1 . TRP A 1 121 ? -8.740  7.809   -0.562  1.00 7.23  ? 121 TRP A CD1 1 
ATOM   931  C  CD2 . TRP A 1 121 ? -6.601  7.484   -0.632  1.00 6.57  ? 121 TRP A CD2 1 
ATOM   932  N  NE1 . TRP A 1 121 ? -8.288  7.453   0.767   1.00 9.75  ? 121 TRP A NE1 1 
ATOM   933  C  CE2 . TRP A 1 121 ? -7.036  7.219   0.695   1.00 8.04  ? 121 TRP A CE2 1 
ATOM   934  C  CE3 . TRP A 1 121 ? -5.284  7.327   -0.938  1.00 8.55  ? 121 TRP A CE3 1 
ATOM   935  C  CZ2 . TRP A 1 121 ? -6.219  6.793   1.745   1.00 8.80  ? 121 TRP A CZ2 1 
ATOM   936  C  CZ3 . TRP A 1 121 ? -4.464  6.909   0.132   1.00 9.96  ? 121 TRP A CZ3 1 
ATOM   937  C  CH2 . TRP A 1 121 ? -4.931  6.614   1.405   1.00 7.75  ? 121 TRP A CH2 1 
ATOM   938  N  N   . GLY A 1 122 ? -6.851  9.582   -5.641  1.00 8.67  ? 122 GLY A N   1 
ATOM   939  C  CA  . GLY A 1 122 ? -6.280  9.628   -6.993  1.00 10.10 ? 122 GLY A CA  1 
ATOM   940  C  C   . GLY A 1 122 ? -5.051  10.533  -7.109  1.00 8.88  ? 122 GLY A C   1 
ATOM   941  O  O   . GLY A 1 122 ? -4.002  10.121  -7.622  1.00 7.74  ? 122 GLY A O   1 
ATOM   942  N  N   . ALA A 1 123 ? -5.189  11.735  -6.632  1.00 9.15  ? 123 ALA A N   1 
ATOM   943  C  CA  . ALA A 1 123 ? -4.084  12.704  -6.682  1.00 11.72 ? 123 ALA A CA  1 
ATOM   944  C  C   . ALA A 1 123 ? -2.880  12.205  -5.881  1.00 8.18  ? 123 ALA A C   1 
ATOM   945  O  O   . ALA A 1 123 ? -1.735  12.274  -6.345  1.00 9.38  ? 123 ALA A O   1 
ATOM   946  C  CB  . ALA A 1 123 ? -4.538  14.009  -6.005  1.00 8.33  ? 123 ALA A CB  1 
ATOM   947  N  N   . THR A 1 124 ? -3.154  11.714  -4.691  1.00 11.14 ? 124 THR A N   1 
ATOM   948  C  CA  . THR A 1 124 ? -2.096  11.189  -3.829  1.00 10.11 ? 124 THR A CA  1 
ATOM   949  C  C   . THR A 1 124 ? -1.324  10.032  -4.439  1.00 8.02  ? 124 THR A C   1 
ATOM   950  O  O   . THR A 1 124 ? -0.088  10.000  -4.405  1.00 8.40  ? 124 THR A O   1 
ATOM   951  C  CB  . THR A 1 124 ? -2.756  10.765  -2.502  1.00 11.86 ? 124 THR A CB  1 
ATOM   952  O  OG1 . THR A 1 124 ? -3.265  11.971  -1.964  1.00 9.04  ? 124 THR A OG1 1 
ATOM   953  C  CG2 . THR A 1 124 ? -1.784  10.152  -1.544  1.00 9.38  ? 124 THR A CG2 1 
ATOM   954  N  N   . LEU A 1 125 ? -2.061  9.087   -4.989  1.00 10.90 ? 125 LEU A N   1 
ATOM   955  C  CA  . LEU A 1 125 ? -1.456  7.844   -5.482  1.00 8.32  ? 125 LEU A CA  1 
ATOM   956  C  C   . LEU A 1 125 ? -0.752  8.082   -6.820  1.00 10.40 ? 125 LEU A C   1 
ATOM   957  O  O   . LEU A 1 125 ? 0.268   7.450   -7.125  1.00 9.11  ? 125 LEU A O   1 
ATOM   958  C  CB  . LEU A 1 125 ? -2.539  6.759   -5.647  1.00 7.54  ? 125 LEU A CB  1 
ATOM   959  C  CG  . LEU A 1 125 ? -3.176  6.195   -4.393  1.00 8.89  ? 125 LEU A CG  1 
ATOM   960  C  CD1 . LEU A 1 125 ? -4.310  5.271   -4.773  1.00 11.12 ? 125 LEU A CD1 1 
ATOM   961  C  CD2 . LEU A 1 125 ? -2.156  5.450   -3.570  1.00 11.71 ? 125 LEU A CD2 1 
ATOM   962  N  N   . ASP A 1 126 ? -1.303  8.987   -7.601  1.00 10.20 ? 126 ASP A N   1 
ATOM   963  C  CA  . ASP A 1 126 ? -0.655  9.415   -8.857  1.00 9.89  ? 126 ASP A CA  1 
ATOM   964  C  C   . ASP A 1 126 ? 0.671   10.131  -8.590  1.00 9.57  ? 126 ASP A C   1 
ATOM   965  O  O   . ASP A 1 126 ? 1.661   9.932   -9.306  1.00 9.48  ? 126 ASP A O   1 
ATOM   966  C  CB  . ASP A 1 126 ? -1.605  10.329  -9.631  1.00 10.65 ? 126 ASP A CB  1 
ATOM   967  C  CG  . ASP A 1 126 ? -2.617  9.536   -10.384 1.00 10.88 ? 126 ASP A CG  1 
ATOM   968  O  OD1 . ASP A 1 126 ? -2.610  8.327   -10.497 1.00 8.54  ? 126 ASP A OD1 1 
ATOM   969  O  OD2 . ASP A 1 126 ? -3.520  10.172  -10.857 1.00 8.74  ? 126 ASP A OD2 1 
ATOM   970  N  N   . THR A 1 127 ? 0.674   10.957  -7.565  1.00 11.00 ? 127 THR A N   1 
ATOM   971  C  CA  . THR A 1 127 ? 1.919   11.580  -7.095  1.00 12.18 ? 127 THR A CA  1 
ATOM   972  C  C   . THR A 1 127 ? 2.954   10.593  -6.549  1.00 10.29 ? 127 THR A C   1 
ATOM   973  O  O   . THR A 1 127 ? 4.128   10.620  -6.939  1.00 9.53  ? 127 THR A O   1 
ATOM   974  C  CB  . THR A 1 127 ? 1.536   12.596  -6.014  1.00 11.24 ? 127 THR A CB  1 
ATOM   975  O  OG1 . THR A 1 127 ? 0.821   13.578  -6.728  1.00 15.78 ? 127 THR A OG1 1 
ATOM   976  C  CG2 . THR A 1 127 ? 2.734   13.195  -5.335  1.00 13.94 ? 127 THR A CG2 1 
ATOM   977  N  N   . PHE A 1 128 ? 2.506   9.735   -5.656  1.00 10.47 ? 128 PHE A N   1 
ATOM   978  C  CA  . PHE A 1 128 ? 3.379   8.685   -5.098  1.00 10.36 ? 128 PHE A CA  1 
ATOM   979  C  C   . PHE A 1 128 ? 4.004   7.718   -6.107  1.00 8.35  ? 128 PHE A C   1 
ATOM   980  O  O   . PHE A 1 128 ? 5.227   7.538   -6.143  1.00 8.73  ? 128 PHE A O   1 
ATOM   981  C  CB  . PHE A 1 128 ? 2.594   7.869   -4.089  1.00 10.89 ? 128 PHE A CB  1 
ATOM   982  C  CG  . PHE A 1 128 ? 3.207   6.750   -3.303  1.00 11.75 ? 128 PHE A CG  1 
ATOM   983  C  CD1 . PHE A 1 128 ? 4.350   6.979   -2.621  1.00 13.40 ? 128 PHE A CD1 1 
ATOM   984  C  CD2 . PHE A 1 128 ? 2.597   5.529   -3.188  1.00 15.83 ? 128 PHE A CD2 1 
ATOM   985  C  CE1 . PHE A 1 128 ? 4.978   5.962   -1.846  1.00 12.16 ? 128 PHE A CE1 1 
ATOM   986  C  CE2 . PHE A 1 128 ? 3.215   4.521   -2.368  1.00 21.47 ? 128 PHE A CE2 1 
ATOM   987  C  CZ  . PHE A 1 128 ? 4.390   4.744   -1.751  1.00 12.43 ? 128 PHE A CZ  1 
ATOM   988  N  N   . PHE A 1 129 ? 3.154   7.109   -6.910  1.00 11.15 ? 129 PHE A N   1 
ATOM   989  C  CA  . PHE A 1 129 ? 3.613   6.130   -7.908  1.00 9.96  ? 129 PHE A CA  1 
ATOM   990  C  C   . PHE A 1 129 ? 4.349   6.852   -9.039  1.00 10.69 ? 129 PHE A C   1 
ATOM   991  O  O   . PHE A 1 129 ? 5.274   6.302   -9.652  1.00 11.77 ? 129 PHE A O   1 
ATOM   992  C  CB  . PHE A 1 129 ? 2.424   5.349   -8.430  1.00 11.30 ? 129 PHE A CB  1 
ATOM   993  C  CG  . PHE A 1 129 ? 2.065   4.277   -7.441  1.00 11.49 ? 129 PHE A CG  1 
ATOM   994  C  CD1 . PHE A 1 129 ? 0.908   4.382   -6.739  1.00 11.95 ? 129 PHE A CD1 1 
ATOM   995  C  CD2 . PHE A 1 129 ? 2.832   3.156   -7.281  1.00 14.70 ? 129 PHE A CD2 1 
ATOM   996  C  CE1 . PHE A 1 129 ? 0.507   3.390   -5.799  1.00 15.07 ? 129 PHE A CE1 1 
ATOM   997  C  CE2 . PHE A 1 129 ? 2.398   2.139   -6.363  1.00 12.82 ? 129 PHE A CE2 1 
ATOM   998  C  CZ  . PHE A 1 129 ? 1.281   2.290   -5.629  1.00 13.69 ? 129 PHE A CZ  1 
ATOM   999  N  N   . GLY A 1 130 ? 3.933   8.073   -9.299  1.00 12.35 ? 130 GLY A N   1 
ATOM   1000 C  CA  . GLY A 1 130 ? 4.675   8.950   -10.215 1.00 13.37 ? 130 GLY A CA  1 
ATOM   1001 C  C   . GLY A 1 130 ? 6.149   9.124   -9.833  1.00 11.14 ? 130 GLY A C   1 
ATOM   1002 O  O   . GLY A 1 130 ? 7.034   9.127   -10.696 1.00 12.23 ? 130 GLY A O   1 
ATOM   1003 N  N   . MET A 1 131 ? 6.388   9.267   -8.544  1.00 11.08 ? 131 MET A N   1 
ATOM   1004 C  CA  . MET A 1 131 ? 7.765   9.380   -8.035  1.00 12.51 ? 131 MET A CA  1 
ATOM   1005 C  C   . MET A 1 131 ? 8.534   8.056   -8.064  1.00 9.70  ? 131 MET A C   1 
ATOM   1006 O  O   . MET A 1 131 ? 9.708   8.011   -8.450  1.00 11.76 ? 131 MET A O   1 
ATOM   1007 C  CB  . MET A 1 131 ? 7.748   9.906   -6.576  1.00 10.94 ? 131 MET A CB  1 
ATOM   1008 C  CG  A MET A 1 131 ? 8.645   11.112  -6.429  0.50 13.45 ? 131 MET A CG  1 
ATOM   1009 C  CG  B MET A 1 131 ? 7.269   11.338  -6.529  0.50 9.31  ? 131 MET A CG  1 
ATOM   1010 S  SD  A MET A 1 131 ? 8.502   11.847  -4.802  0.50 21.01 ? 131 MET A SD  1 
ATOM   1011 S  SD  B MET A 1 131 ? 7.509   12.063  -4.909  0.50 27.52 ? 131 MET A SD  1 
ATOM   1012 C  CE  A MET A 1 131 ? 6.735   11.910  -4.668  0.50 13.78 ? 131 MET A CE  1 
ATOM   1013 C  CE  B MET A 1 131 ? 8.890   11.092  -4.362  0.50 9.73  ? 131 MET A CE  1 
ATOM   1014 N  N   . ILE A 1 132 ? 7.863   6.997   -7.653  1.00 11.12 ? 132 ILE A N   1 
ATOM   1015 C  CA  . ILE A 1 132 ? 8.478   5.659   -7.649  1.00 12.27 ? 132 ILE A CA  1 
ATOM   1016 C  C   . ILE A 1 132 ? 8.894   5.253   -9.065  1.00 12.44 ? 132 ILE A C   1 
ATOM   1017 O  O   . ILE A 1 132 ? 10.008  4.760   -9.285  1.00 9.26  ? 132 ILE A O   1 
ATOM   1018 C  CB  . ILE A 1 132 ? 7.498   4.587   -7.111  1.00 12.84 ? 132 ILE A CB  1 
ATOM   1019 C  CG1 . ILE A 1 132 ? 7.164   4.770   -5.602  1.00 12.93 ? 132 ILE A CG1 1 
ATOM   1020 C  CG2 . ILE A 1 132 ? 8.213   3.296   -7.496  1.00 14.66 ? 132 ILE A CG2 1 
ATOM   1021 C  CD1 . ILE A 1 132 ? 6.091   3.788   -5.075  1.00 17.78 ? 132 ILE A CD1 1 
ATOM   1022 N  N   . PHE A 1 133 ? 7.997   5.464   -10.006 1.00 15.00 ? 133 PHE A N   1 
ATOM   1023 C  CA  . PHE A 1 133 ? 8.237   5.034   -11.395 1.00 11.01 ? 133 PHE A CA  1 
ATOM   1024 C  C   . PHE A 1 133 ? 9.325   5.832   -12.119 1.00 12.35 ? 133 PHE A C   1 
ATOM   1025 O  O   . PHE A 1 133 ? 9.871   5.393   -13.113 1.00 16.74 ? 133 PHE A O   1 
ATOM   1026 C  CB  . PHE A 1 133 ? 6.946   5.150   -12.148 1.00 11.93 ? 133 PHE A CB  1 
ATOM   1027 C  CG  . PHE A 1 133 ? 5.910   4.067   -12.040 1.00 16.44 ? 133 PHE A CG  1 
ATOM   1028 C  CD1 . PHE A 1 133 ? 5.794   3.371   -10.917 1.00 21.87 ? 133 PHE A CD1 1 
ATOM   1029 C  CD2 . PHE A 1 133 ? 5.014   3.819   -13.043 1.00 21.18 ? 133 PHE A CD2 1 
ATOM   1030 C  CE1 . PHE A 1 133 ? 4.824   2.341   -10.749 1.00 13.50 ? 133 PHE A CE1 1 
ATOM   1031 C  CE2 . PHE A 1 133 ? 4.013   2.808   -12.848 1.00 25.07 ? 133 PHE A CE2 1 
ATOM   1032 C  CZ  . PHE A 1 133 ? 3.963   2.077   -11.724 1.00 13.40 ? 133 PHE A CZ  1 
ATOM   1033 N  N   . SER A 1 134 ? 9.635   6.993   -11.577 1.00 13.21 ? 134 SER A N   1 
ATOM   1034 C  CA  . SER A 1 134 ? 10.738  7.809   -12.111 1.00 15.04 ? 134 SER A CA  1 
ATOM   1035 C  C   . SER A 1 134 ? 12.103  7.395   -11.554 1.00 21.41 ? 134 SER A C   1 
ATOM   1036 O  O   . SER A 1 134 ? 13.148  7.863   -12.021 1.00 19.74 ? 134 SER A O   1 
ATOM   1037 C  CB  . SER A 1 134 ? 10.507  9.274   -11.790 1.00 17.73 ? 134 SER A CB  1 
ATOM   1038 O  OG  . SER A 1 134 ? 10.837  9.581   -10.439 1.00 25.66 ? 134 SER A OG  1 
ATOM   1039 N  N   . LYS A 1 135 ? 12.072  6.526   -10.560 1.00 17.74 ? 135 LYS A N   1 
ATOM   1040 C  CA  . LYS A 1 135 ? 13.316  6.071   -9.911  1.00 13.63 ? 135 LYS A CA  1 
ATOM   1041 C  C   . LYS A 1 135 ? 13.624  4.580   -10.058 1.00 18.36 ? 135 LYS A C   1 
ATOM   1042 O  O   . LYS A 1 135 ? 14.770  4.145   -9.877  1.00 19.37 ? 135 LYS A O   1 
ATOM   1043 C  CB  . LYS A 1 135 ? 13.287  6.365   -8.411  1.00 14.40 ? 135 LYS A CB  1 
ATOM   1044 C  CG  . LYS A 1 135 ? 13.073  7.827   -8.051  1.00 14.37 ? 135 LYS A CG  1 
ATOM   1045 C  CD  . LYS A 1 135 ? 12.712  7.982   -6.574  1.00 19.60 ? 135 LYS A CD  1 
ATOM   1046 C  CE  . LYS A 1 135 ? 12.236  9.392   -6.257  1.00 16.58 ? 135 LYS A CE  1 
ATOM   1047 N  NZ  . LYS A 1 135 ? 13.373  10.265  -5.900  1.00 16.08 ? 135 LYS A NZ  1 
ATOM   1048 N  N   . MET A 1 136 ? 12.600  3.818   -10.384 1.00 15.37 ? 136 MET A N   1 
ATOM   1049 C  CA  . MET A 1 136 ? 12.769  2.373   -10.602 1.00 15.15 ? 136 MET A CA  1 
ATOM   1050 C  C   . MET A 1 136 ? 11.719  1.728   -11.508 1.00 22.64 ? 136 MET A C   1 
ATOM   1051 O  O   . MET A 1 136 ? 11.793  0.530   -11.817 1.00 19.59 ? 136 MET A O   1 
ATOM   1052 C  CB  . MET A 1 136 ? 12.733  1.624   -9.245  1.00 15.90 ? 136 MET A CB  1 
ATOM   1053 C  CG  . MET A 1 136 ? 11.312  1.472   -8.743  1.00 19.66 ? 136 MET A CG  1 
ATOM   1054 S  SD  . MET A 1 136 ? 11.258  0.717   -7.123  1.00 17.03 ? 136 MET A SD  1 
ATOM   1055 C  CE  . MET A 1 136 ? 10.645  -0.880  -7.577  1.00 21.62 ? 136 MET A CE  1 
ATOM   1056 O  OXT . MET A 1 136 ? 10.757  2.531   -11.920 1.00 17.82 ? 136 MET A OXT 1 
HETATM 1057 C  C   . CYN B 2 .   ? 5.684   -5.323  0.880   1.00 11.44 ? 137 CYN A C   1 
HETATM 1058 N  N   . CYN B 2 .   ? 4.614   -5.754  0.966   1.00 17.42 ? 137 CYN A N   1 
HETATM 1059 C  CHA . HEM C 3 .   ? 9.177   -5.708  2.861   1.00 18.95 ? 138 HEM A CHA 1 
HETATM 1060 C  CHB . HEM C 3 .   ? 8.113   -7.132  -1.657  1.00 13.35 ? 138 HEM A CHB 1 
HETATM 1061 C  CHC . HEM C 3 .   ? 5.429   -3.161  -2.242  1.00 20.29 ? 138 HEM A CHC 1 
HETATM 1062 C  CHD . HEM C 3 .   ? 6.995   -1.486  2.016   1.00 16.18 ? 138 HEM A CHD 1 
HETATM 1063 C  C1A . HEM C 3 .   ? 9.120   -6.460  1.678   1.00 15.90 ? 138 HEM A C1A 1 
HETATM 1064 C  C2A . HEM C 3 .   ? 9.789   -7.730  1.442   1.00 23.76 ? 138 HEM A C2A 1 
HETATM 1065 C  C3A . HEM C 3 .   ? 9.490   -8.119  0.199   1.00 18.98 ? 138 HEM A C3A 1 
HETATM 1066 C  C4A . HEM C 3 .   ? 8.623   -7.104  -0.379  1.00 15.30 ? 138 HEM A C4A 1 
HETATM 1067 C  CMA . HEM C 3 .   ? 9.974   -9.390  -0.471  1.00 15.86 ? 138 HEM A CMA 1 
HETATM 1068 C  CAA . HEM C 3 .   ? 10.669  -8.486  2.415   1.00 21.36 ? 138 HEM A CAA 1 
HETATM 1069 C  CBA . HEM C 3 .   ? 9.782   -9.243  3.353   1.00 15.37 ? 138 HEM A CBA 1 
HETATM 1070 C  CGA . HEM C 3 .   ? 10.670  -9.987  4.350   1.00 35.36 ? 138 HEM A CGA 1 
HETATM 1071 O  O1A . HEM C 3 .   ? 10.330  -10.136 5.462   1.00 20.00 ? 138 HEM A O1A 1 
HETATM 1072 O  O2A . HEM C 3 .   ? 11.746  -10.436 3.995   1.00 33.77 ? 138 HEM A O2A 1 
HETATM 1073 C  C1B . HEM C 3 .   ? 7.273   -6.186  -2.201  1.00 13.90 ? 138 HEM A C1B 1 
HETATM 1074 C  C2B . HEM C 3 .   ? 6.686   -6.250  -3.531  1.00 14.57 ? 138 HEM A C2B 1 
HETATM 1075 C  C3B . HEM C 3 .   ? 5.944   -5.153  -3.693  1.00 13.38 ? 138 HEM A C3B 1 
HETATM 1076 C  C4B . HEM C 3 .   ? 6.046   -4.372  -2.469  1.00 14.26 ? 138 HEM A C4B 1 
HETATM 1077 C  CMB . HEM C 3 .   ? 6.870   -7.351  -4.558  1.00 17.13 ? 138 HEM A CMB 1 
HETATM 1078 C  CAB . HEM C 3 .   ? 5.149   -4.803  -4.935  1.00 17.41 ? 138 HEM A CAB 1 
HETATM 1079 C  CBB . HEM C 3 .   ? 3.870   -4.446  -4.835  1.00 21.48 ? 138 HEM A CBB 1 
HETATM 1080 C  C1C . HEM C 3 .   ? 5.646   -2.347  -1.152  1.00 18.94 ? 138 HEM A C1C 1 
HETATM 1081 C  C2C . HEM C 3 .   ? 5.110   -1.003  -0.986  1.00 17.51 ? 138 HEM A C2C 1 
HETATM 1082 C  C3C . HEM C 3 .   ? 5.543   -0.540  0.192   1.00 15.64 ? 138 HEM A C3C 1 
HETATM 1083 C  C4C . HEM C 3 .   ? 6.361   -1.580  0.794   1.00 18.57 ? 138 HEM A C4C 1 
HETATM 1084 C  CMC . HEM C 3 .   ? 4.225   -0.251  -1.956  1.00 18.01 ? 138 HEM A CMC 1 
HETATM 1085 C  CAC . HEM C 3 .   ? 5.230   0.823   0.775   1.00 19.49 ? 138 HEM A CAC 1 
HETATM 1086 C  CBC . HEM C 3 .   ? 4.544   0.929   1.912   0.00 0.00  ? 138 HEM A CBC 1 
HETATM 1087 C  C1D . HEM C 3 .   ? 7.705   -2.494  2.624   1.00 17.37 ? 138 HEM A C1D 1 
HETATM 1088 C  C2D . HEM C 3 .   ? 8.286   -2.423  3.957   1.00 20.02 ? 138 HEM A C2D 1 
HETATM 1089 C  C3D . HEM C 3 .   ? 8.889   -3.590  4.189   1.00 21.24 ? 138 HEM A C3D 1 
HETATM 1090 C  C4D . HEM C 3 .   ? 8.703   -4.424  3.011   1.00 12.65 ? 138 HEM A C4D 1 
HETATM 1091 C  CMD . HEM C 3 .   ? 8.228   -1.251  4.916   1.00 12.62 ? 138 HEM A CMD 1 
HETATM 1092 C  CAD . HEM C 3 .   ? 9.629   -3.960  5.459   1.00 14.87 ? 138 HEM A CAD 1 
HETATM 1093 C  CBD . HEM C 3 .   ? 11.012  -3.419  5.350   1.00 19.77 ? 138 HEM A CBD 1 
HETATM 1094 C  CGD . HEM C 3 .   ? 11.720  -4.158  4.217   1.00 19.62 ? 138 HEM A CGD 1 
HETATM 1095 O  O1D . HEM C 3 .   ? 12.061  -5.275  4.350   1.00 20.08 ? 138 HEM A O1D 1 
HETATM 1096 O  O2D . HEM C 3 .   ? 11.938  -3.593  3.158   1.00 15.91 ? 138 HEM A O2D 1 
HETATM 1097 N  NA  . HEM C 3 .   ? 8.411   -6.097  0.547   1.00 17.46 ? 138 HEM A NA  1 
HETATM 1098 N  NB  . HEM C 3 .   ? 6.865   -5.025  -1.568  1.00 16.50 ? 138 HEM A NB  1 
HETATM 1099 N  NC  . HEM C 3 .   ? 6.408   -2.678  -0.047  1.00 15.95 ? 138 HEM A NC  1 
HETATM 1100 N  ND  . HEM C 3 .   ? 7.974   -3.730  2.064   1.00 14.69 ? 138 HEM A ND  1 
HETATM 1101 FE FE  . HEM C 3 .   ? 7.512   -4.336  0.193   1.00 9.67  ? 138 HEM A FE  1 
HETATM 1102 O  O   . HOH D 4 .   ? 28.369  3.795   -7.580  1.00 25.13 ? 139 HOH A O   1 
HETATM 1103 O  O   . HOH D 4 .   ? 8.672   -7.624  6.620   0.47 23.55 ? 140 HOH A O   1 
HETATM 1104 O  O   . HOH D 4 .   ? 11.102  -7.171  6.253   0.67 31.16 ? 141 HOH A O   1 
HETATM 1105 O  O   . HOH D 4 .   ? -4.755  -6.152  11.600  0.67 18.98 ? 142 HOH A O   1 
HETATM 1106 O  O   . HOH D 4 .   ? 14.073  -9.912  0.440   0.97 31.61 ? 143 HOH A O   1 
HETATM 1107 O  O   . HOH D 4 .   ? -18.713 -0.032  0.279   0.32 16.38 ? 144 HOH A O   1 
HETATM 1108 O  O   . HOH D 4 .   ? -0.276  14.587  9.708   0.40 10.04 ? 145 HOH A O   1 
HETATM 1109 O  O   . HOH D 4 .   ? -2.819  21.357  -6.486  1.10 34.05 ? 146 HOH A O   1 
HETATM 1110 O  O   . HOH D 4 .   ? -12.409 11.732  3.984   1.26 20.07 ? 147 HOH A O   1 
HETATM 1111 O  O   . HOH D 4 .   ? -11.283 16.708  -0.865  0.78 24.60 ? 148 HOH A O   1 
HETATM 1112 O  O   . HOH D 4 .   ? -2.410  16.701  8.585   0.92 13.60 ? 149 HOH A O   1 
HETATM 1113 O  O   . HOH D 4 .   ? -4.546  9.224   8.694   0.72 13.02 ? 150 HOH A O   1 
HETATM 1114 O  O   . HOH D 4 .   ? -2.220  10.327  8.350   0.85 18.34 ? 151 HOH A O   1 
HETATM 1115 O  O   . HOH D 4 .   ? 11.944  10.488  8.030   0.87 25.75 ? 152 HOH A O   1 
HETATM 1116 O  O   . HOH D 4 .   ? -4.560  8.420   11.352  0.41 19.92 ? 153 HOH A O   1 
HETATM 1117 O  O   . HOH D 4 .   ? -8.825  2.028   12.004  0.42 15.52 ? 154 HOH A O   1 
HETATM 1118 O  O   . HOH D 4 .   ? -6.149  2.874   14.348  0.35 16.16 ? 155 HOH A O   1 
HETATM 1119 O  O   . HOH D 4 .   ? -8.766  -8.094  8.819   0.68 18.21 ? 156 HOH A O   1 
HETATM 1120 O  O   . HOH D 4 .   ? -11.170 -6.575  0.723   0.41 11.84 ? 157 HOH A O   1 
HETATM 1121 O  O   . HOH D 4 .   ? -9.350  -7.381  3.056   0.86 15.43 ? 158 HOH A O   1 
HETATM 1122 O  O   . HOH D 4 .   ? -7.790  -7.418  -3.953  0.93 18.21 ? 159 HOH A O   1 
HETATM 1123 O  O   . HOH D 4 .   ? -8.655  -9.427  -7.743  1.45 45.09 ? 160 HOH A O   1 
HETATM 1124 O  O   . HOH D 4 .   ? -2.184  -14.990 -3.114  0.22 7.78  ? 161 HOH A O   1 
HETATM 1125 O  O   . HOH D 4 .   ? 2.513   -9.098  -11.970 0.73 9.41  ? 162 HOH A O   1 
HETATM 1126 O  O   . HOH D 4 .   ? 7.192   -13.067 -7.985  0.51 14.96 ? 163 HOH A O   1 
HETATM 1127 O  O   . HOH D 4 .   ? 10.374  -16.745 -2.483  0.53 27.78 ? 164 HOH A O   1 
HETATM 1128 O  O   . HOH D 4 .   ? 12.388  -11.368 -2.676  0.83 38.08 ? 165 HOH A O   1 
HETATM 1129 O  O   . HOH D 4 .   ? 9.721   -20.426 0.329   0.38 13.53 ? 166 HOH A O   1 
HETATM 1130 O  O   . HOH D 4 .   ? 6.877   -20.417 2.534   0.32 7.39  ? 167 HOH A O   1 
HETATM 1131 O  O   . HOH D 4 .   ? 8.690   -13.685 4.551   0.87 16.98 ? 168 HOH A O   1 
HETATM 1132 O  O   . HOH D 4 .   ? -0.377  20.142  -7.869  0.57 22.53 ? 169 HOH A O   1 
HETATM 1133 O  O   . HOH D 4 .   ? 3.452   -18.492 -3.925  1.01 25.74 ? 170 HOH A O   1 
HETATM 1134 O  O   . HOH D 4 .   ? -8.635  -22.117 3.139   0.32 10.69 ? 171 HOH A O   1 
HETATM 1135 O  O   . HOH D 4 .   ? -5.908  -18.783 -1.485  0.80 11.82 ? 172 HOH A O   1 
HETATM 1136 O  O   . HOH D 4 .   ? -8.572  -21.379 0.189   0.60 16.20 ? 173 HOH A O   1 
HETATM 1137 O  O   . HOH D 4 .   ? -7.358  -16.641 -1.956  0.72 14.86 ? 174 HOH A O   1 
HETATM 1138 O  O   . HOH D 4 .   ? -1.090  -23.252 3.367   0.71 14.83 ? 175 HOH A O   1 
HETATM 1139 O  O   . HOH D 4 .   ? -2.576  -24.652 5.308   0.60 33.81 ? 176 HOH A O   1 
HETATM 1140 O  O   . HOH D 4 .   ? -6.491  -17.639 9.229   0.53 33.67 ? 177 HOH A O   1 
HETATM 1141 O  O   . HOH D 4 .   ? -2.906  -12.040 10.973  0.60 12.42 ? 178 HOH A O   1 
HETATM 1142 O  O   . HOH D 4 .   ? 0.160   -17.381 14.559  0.55 14.87 ? 179 HOH A O   1 
HETATM 1143 O  O   . HOH D 4 .   ? 5.914   -5.424  12.771  0.73 12.40 ? 180 HOH A O   1 
HETATM 1144 O  O   . HOH D 4 .   ? 7.063   -3.001  13.308  0.90 21.97 ? 181 HOH A O   1 
HETATM 1145 O  O   . HOH D 4 .   ? 5.285   -0.246  11.985  1.31 28.07 ? 182 HOH A O   1 
HETATM 1146 O  O   . HOH D 4 .   ? 1.232   -0.368  11.370  0.44 11.82 ? 183 HOH A O   1 
HETATM 1147 O  O   . HOH D 4 .   ? 3.839   4.229   11.279  0.91 14.38 ? 184 HOH A O   1 
HETATM 1148 O  O   . HOH D 4 .   ? 2.548   6.478   11.279  0.84 24.74 ? 185 HOH A O   1 
HETATM 1149 O  O   . HOH D 4 .   ? -1.814  7.028   10.975  0.46 20.59 ? 186 HOH A O   1 
HETATM 1150 O  O   . HOH D 4 .   ? -0.553  8.713   9.011   0.56 21.12 ? 187 HOH A O   1 
HETATM 1151 O  O   . HOH D 4 .   ? 4.553   10.785  9.157   1.04 15.60 ? 188 HOH A O   1 
HETATM 1152 O  O   . HOH D 4 .   ? 5.157   13.401  9.853   0.53 21.14 ? 189 HOH A O   1 
HETATM 1153 O  O   . HOH D 4 .   ? 7.512   11.465  8.932   0.64 15.52 ? 190 HOH A O   1 
HETATM 1154 O  O   . HOH D 4 .   ? 0.598   16.376  6.256   0.95 21.52 ? 191 HOH A O   1 
HETATM 1155 O  O   . HOH D 4 .   ? 11.571  14.327  1.652   0.56 12.23 ? 192 HOH A O   1 
HETATM 1156 O  O   . HOH D 4 .   ? 9.889   11.873  3.282   0.70 14.65 ? 193 HOH A O   1 
HETATM 1157 O  O   . HOH D 4 .   ? 8.959   15.316  -1.653  0.85 22.77 ? 194 HOH A O   1 
HETATM 1158 O  O   . HOH D 4 .   ? 16.145  8.610   2.122   0.92 24.95 ? 195 HOH A O   1 
HETATM 1159 O  O   . HOH D 4 .   ? 17.171  5.270   -3.586  0.85 14.27 ? 196 HOH A O   1 
HETATM 1160 O  O   . HOH D 4 .   ? 16.321  6.409   -5.985  0.80 15.35 ? 197 HOH A O   1 
HETATM 1161 O  O   . HOH D 4 .   ? 17.009  10.669  0.429   0.77 17.45 ? 198 HOH A O   1 
HETATM 1162 O  O   . HOH D 4 .   ? 19.888  -0.531  -2.764  0.32 15.30 ? 199 HOH A O   1 
HETATM 1163 O  O   . HOH D 4 .   ? 11.515  -1.069  2.787   0.86 14.07 ? 200 HOH A O   1 
HETATM 1164 O  O   . HOH D 4 .   ? 16.702  -5.101  0.117   0.60 14.32 ? 201 HOH A O   1 
HETATM 1165 O  O   . HOH D 4 .   ? 17.801  -3.473  1.863   0.58 19.90 ? 202 HOH A O   1 
HETATM 1166 O  O   . HOH D 4 .   ? 12.200  -8.642  -12.006 0.44 17.62 ? 203 HOH A O   1 
HETATM 1167 O  O   . HOH D 4 .   ? 13.175  -3.616  -9.707  0.48 13.84 ? 204 HOH A O   1 
HETATM 1168 O  O   . HOH D 4 .   ? 5.337   -8.483  -12.746 1.00 19.90 ? 205 HOH A O   1 
HETATM 1169 O  O   . HOH D 4 .   ? 9.139   -2.898  -14.382 0.86 16.45 ? 206 HOH A O   1 
HETATM 1170 O  O   . HOH D 4 .   ? 4.683   1.511   -15.599 0.48 15.19 ? 207 HOH A O   1 
HETATM 1171 O  O   . HOH D 4 .   ? 6.291   -4.111  -15.610 0.53 21.23 ? 208 HOH A O   1 
HETATM 1172 O  O   . HOH D 4 .   ? -0.161  4.066   -10.762 0.83 10.62 ? 209 HOH A O   1 
HETATM 1173 O  O   . HOH D 4 .   ? -3.622  0.221   -10.823 0.56 15.05 ? 210 HOH A O   1 
HETATM 1174 O  O   . HOH D 4 .   ? -3.484  2.453   -12.575 1.01 27.70 ? 211 HOH A O   1 
HETATM 1175 O  O   . HOH D 4 .   ? -7.059  5.635   -8.021  0.49 24.56 ? 212 HOH A O   1 
HETATM 1176 O  O   . HOH D 4 .   ? -6.553  3.509   -8.903  0.79 19.71 ? 213 HOH A O   1 
HETATM 1177 O  O   . HOH D 4 .   ? -6.127  4.282   -11.716 0.76 23.58 ? 214 HOH A O   1 
HETATM 1178 O  O   . HOH D 4 .   ? -9.097  -1.590  -7.769  0.58 13.02 ? 215 HOH A O   1 
HETATM 1179 O  O   . HOH D 4 .   ? -14.048 -3.377  -3.797  0.50 12.92 ? 216 HOH A O   1 
HETATM 1180 O  O   . HOH D 4 .   ? -11.150 -1.211  7.929   0.41 10.44 ? 217 HOH A O   1 
HETATM 1181 O  O   . HOH D 4 .   ? -12.718 6.480   2.521   0.96 19.17 ? 218 HOH A O   1 
HETATM 1182 O  O   . HOH D 4 .   ? -17.403 2.108   -2.318  0.72 26.66 ? 219 HOH A O   1 
HETATM 1183 O  O   . HOH D 4 .   ? -19.079 8.636   0.563   0.59 40.72 ? 220 HOH A O   1 
HETATM 1184 O  O   . HOH D 4 .   ? -21.688 7.271   4.054   0.43 28.06 ? 221 HOH A O   1 
HETATM 1185 O  O   . HOH D 4 .   ? -17.132 4.867   5.335   0.32 7.39  ? 222 HOH A O   1 
HETATM 1186 O  O   . HOH D 4 .   ? -14.073 12.289  -4.769  0.56 11.05 ? 223 HOH A O   1 
HETATM 1187 O  O   . HOH D 4 .   ? -8.947  6.759   -6.883  1.13 26.74 ? 224 HOH A O   1 
HETATM 1188 O  O   . HOH D 4 .   ? -11.340 15.871  -3.761  0.66 22.80 ? 225 HOH A O   1 
HETATM 1189 O  O   . HOH D 4 .   ? -11.743 13.554  -2.962  0.70 10.40 ? 226 HOH A O   1 
HETATM 1190 O  O   . HOH D 4 .   ? -3.228  7.017   -12.782 1.05 16.18 ? 227 HOH A O   1 
HETATM 1191 O  O   . HOH D 4 .   ? -5.654  -14.321 -6.006  1.19 17.95 ? 228 HOH A O   1 
HETATM 1192 O  O   . HOH D 4 .   ? 2.150   11.818  -11.517 0.90 15.88 ? 229 HOH A O   1 
HETATM 1193 O  O   . HOH D 4 .   ? 0.451   12.940  -10.434 0.25 23.57 ? 230 HOH A O   1 
HETATM 1194 O  O   . HOH D 4 .   ? 5.149   12.666  -8.714  1.10 24.95 ? 231 HOH A O   1 
HETATM 1195 O  O   . HOH D 4 .   ? 12.364  4.001   -14.557 0.83 27.27 ? 232 HOH A O   1 
HETATM 1196 O  O   . HOH D 4 .   ? 17.102  4.957   -8.303  0.85 22.95 ? 233 HOH A O   1 
# 
